data_4N2X
#
_entry.id   4N2X
#
_cell.length_a   182.568
_cell.length_b   182.568
_cell.length_c   112.015
_cell.angle_alpha   90.000
_cell.angle_beta   90.000
_cell.angle_gamma   120.000
#
_symmetry.space_group_name_H-M   'P 63'
#
loop_
_entity.id
_entity.type
_entity.pdbx_description
1 polymer 'DL-2-haloacid dehalogenase'
2 non-polymer GLYCEROL
3 water water
#
_entity_poly.entity_id   1
_entity_poly.type   'polypeptide(L)'
_entity_poly.pdbx_seq_one_letter_code
;MAHRSVLGSFPQVDHHQAKGQLAEVYDDIHNTMRVPWVAFGIRVMSQFPHFIPDAWAALKPNIETRYAEDGADLIRLNSI
VPGPVMPNPTPKLLRLGWTESKIEELKTALDLLNYGNPKYLILITAFNEAWHERDTGGRAPQKLRGRDAERIPYGLPNSV
EKFNLLDIEKASDRTQTVLRDIRDAFLHHGPASDYRVLGVWPDYLEIALRDSLAPVALSAEYDETARRIRKIAREHVKGF
DKPAGVAWRDMTEKLSAEQIAGLTGLLFMYNRFIADITIAIIRLKQAFSGPEDATANKYTN
;
_entity_poly.pdbx_strand_id   A,B,D,E,F,G
#
loop_
_chem_comp.id
_chem_comp.type
_chem_comp.name
_chem_comp.formula
GOL non-polymer GLYCEROL 'C3 H8 O3'
#
# COMPACT_ATOMS: atom_id res chain seq x y z
N ARG A 4 9.33 1.58 -44.95
CA ARG A 4 10.14 1.50 -43.70
C ARG A 4 9.62 0.42 -42.72
N SER A 5 10.51 -0.43 -42.19
CA SER A 5 10.12 -1.50 -41.24
C SER A 5 9.75 -0.93 -39.89
N VAL A 6 9.00 -1.57 -38.96
CA VAL A 6 8.53 -0.75 -37.82
C VAL A 6 9.69 -0.74 -36.83
N LEU A 7 10.65 -1.59 -37.16
CA LEU A 7 11.75 -1.78 -36.24
C LEU A 7 13.08 -1.51 -36.93
N GLY A 8 13.88 -0.55 -36.44
CA GLY A 8 15.24 -0.39 -36.87
C GLY A 8 16.26 -1.28 -36.10
N SER A 9 17.44 -1.51 -36.68
CA SER A 9 18.58 -2.07 -35.94
C SER A 9 19.20 -0.94 -35.14
N PHE A 10 19.37 -1.10 -33.85
CA PHE A 10 19.88 0.00 -33.05
C PHE A 10 21.38 -0.04 -33.14
N PRO A 11 22.05 1.11 -33.16
CA PRO A 11 23.53 1.08 -33.40
C PRO A 11 24.25 0.34 -32.31
N GLN A 12 25.09 -0.63 -32.67
CA GLN A 12 25.77 -1.38 -31.65
C GLN A 12 26.84 -2.20 -32.31
N VAL A 13 27.75 -2.71 -31.54
CA VAL A 13 28.69 -3.69 -32.05
C VAL A 13 28.07 -5.04 -31.81
N ASP A 14 27.46 -5.58 -32.84
CA ASP A 14 26.80 -6.88 -32.68
C ASP A 14 27.88 -7.98 -32.46
N HIS A 15 27.44 -9.10 -31.95
CA HIS A 15 28.37 -10.18 -31.59
C HIS A 15 29.32 -10.48 -32.68
N HIS A 16 28.79 -10.53 -33.92
CA HIS A 16 29.63 -10.86 -35.04
C HIS A 16 30.49 -9.73 -35.52
N GLN A 17 30.24 -8.51 -35.10
CA GLN A 17 31.03 -7.40 -35.54
C GLN A 17 32.23 -7.11 -34.68
N ALA A 18 32.27 -7.62 -33.45
CA ALA A 18 33.40 -7.28 -32.57
C ALA A 18 34.64 -7.96 -33.13
N LYS A 19 35.73 -7.26 -33.05
CA LYS A 19 36.97 -7.75 -33.66
C LYS A 19 38.04 -7.51 -32.68
N GLY A 20 39.19 -8.20 -32.87
CA GLY A 20 40.36 -7.90 -32.06
C GLY A 20 40.06 -7.97 -30.60
N GLN A 21 40.61 -7.01 -29.88
CA GLN A 21 40.53 -7.05 -28.45
C GLN A 21 39.10 -6.99 -27.99
N LEU A 22 38.25 -6.29 -28.75
CA LEU A 22 36.84 -6.18 -28.31
C LEU A 22 36.20 -7.54 -28.41
N ALA A 23 36.49 -8.30 -29.45
CA ALA A 23 35.94 -9.61 -29.53
C ALA A 23 36.41 -10.45 -28.35
N GLU A 24 37.66 -10.24 -27.92
CA GLU A 24 38.10 -11.01 -26.79
C GLU A 24 37.35 -10.62 -25.54
N VAL A 25 37.00 -9.34 -25.48
CA VAL A 25 36.27 -8.84 -24.32
C VAL A 25 34.88 -9.52 -24.38
N TYR A 26 34.25 -9.52 -25.53
CA TYR A 26 32.92 -10.18 -25.65
C TYR A 26 33.02 -11.59 -25.22
N ASP A 27 34.04 -12.28 -25.69
CA ASP A 27 34.15 -13.65 -25.26
C ASP A 27 34.44 -13.80 -23.76
N ASP A 28 35.19 -12.88 -23.18
CA ASP A 28 35.50 -12.96 -21.81
C ASP A 28 34.29 -12.63 -21.01
N ILE A 29 33.44 -11.77 -21.56
CA ILE A 29 32.16 -11.55 -20.87
C ILE A 29 31.33 -12.81 -20.88
N HIS A 30 31.12 -13.40 -22.06
CA HIS A 30 30.43 -14.69 -22.15
C HIS A 30 31.01 -15.62 -21.15
N ASN A 31 32.33 -15.73 -21.11
CA ASN A 31 32.86 -16.81 -20.30
C ASN A 31 32.99 -16.51 -18.86
N THR A 32 33.20 -15.23 -18.55
CA THR A 32 33.32 -14.88 -17.13
C THR A 32 31.95 -14.97 -16.53
N MET A 33 30.96 -14.41 -17.27
CA MET A 33 29.62 -14.41 -16.69
C MET A 33 28.83 -15.68 -16.96
N ARG A 34 29.34 -16.53 -17.85
CA ARG A 34 28.76 -17.86 -18.18
C ARG A 34 27.42 -17.60 -18.86
N VAL A 35 27.43 -16.59 -19.77
CA VAL A 35 26.19 -16.27 -20.44
C VAL A 35 26.36 -16.44 -21.90
N PRO A 36 25.30 -16.90 -22.57
CA PRO A 36 25.44 -17.17 -23.98
C PRO A 36 25.14 -15.95 -24.85
N TRP A 37 25.14 -14.74 -24.26
CA TRP A 37 25.04 -13.56 -25.08
C TRP A 37 25.73 -12.45 -24.38
N VAL A 38 26.20 -11.53 -25.19
CA VAL A 38 26.80 -10.28 -24.64
C VAL A 38 25.65 -9.29 -24.66
N ALA A 39 25.35 -8.72 -23.50
CA ALA A 39 24.08 -7.97 -23.37
C ALA A 39 24.09 -6.78 -24.32
N PHE A 40 22.90 -6.31 -24.63
CA PHE A 40 22.75 -5.22 -25.66
C PHE A 40 23.43 -3.95 -25.15
N GLY A 41 23.40 -3.69 -23.84
CA GLY A 41 24.04 -2.49 -23.32
C GLY A 41 25.53 -2.49 -23.64
N ILE A 42 26.17 -3.66 -23.44
CA ILE A 42 27.55 -3.76 -23.75
C ILE A 42 27.75 -3.59 -25.25
N ARG A 43 26.89 -4.20 -26.05
CA ARG A 43 27.14 -4.16 -27.48
C ARG A 43 26.95 -2.70 -27.92
N VAL A 44 26.00 -2.01 -27.35
CA VAL A 44 25.87 -0.60 -27.77
C VAL A 44 27.03 0.22 -27.26
N MET A 45 27.31 0.08 -25.96
CA MET A 45 28.41 0.87 -25.41
C MET A 45 29.78 0.55 -25.99
N SER A 46 29.89 -0.64 -26.56
CA SER A 46 31.14 -1.08 -27.17
C SER A 46 31.51 -0.33 -28.42
N GLN A 47 30.57 0.44 -28.93
CA GLN A 47 30.96 1.21 -30.09
C GLN A 47 31.77 2.42 -29.69
N PHE A 48 31.85 2.78 -28.43
CA PHE A 48 32.72 3.80 -28.00
C PHE A 48 34.08 3.23 -27.73
N PRO A 49 35.11 4.05 -27.95
CA PRO A 49 36.44 3.54 -27.61
C PRO A 49 36.57 3.39 -26.13
N HIS A 50 37.40 2.44 -25.75
CA HIS A 50 37.92 2.34 -24.38
C HIS A 50 37.02 1.89 -23.28
N PHE A 51 35.82 2.44 -23.23
CA PHE A 51 35.09 2.34 -22.05
C PHE A 51 34.75 0.89 -21.71
N ILE A 52 34.16 0.14 -22.65
CA ILE A 52 33.75 -1.22 -22.34
C ILE A 52 34.96 -2.06 -21.96
N PRO A 53 36.01 -2.01 -22.75
CA PRO A 53 37.19 -2.81 -22.32
C PRO A 53 37.72 -2.38 -21.00
N ASP A 54 37.73 -1.07 -20.71
CA ASP A 54 38.32 -0.62 -19.44
C ASP A 54 37.42 -0.99 -18.25
N ALA A 55 36.18 -0.76 -18.47
CA ALA A 55 35.19 -0.99 -17.38
C ALA A 55 35.10 -2.49 -17.16
N TRP A 56 35.06 -3.27 -18.22
CA TRP A 56 35.04 -4.71 -18.04
C TRP A 56 36.27 -5.16 -17.30
N ALA A 57 37.44 -4.59 -17.63
CA ALA A 57 38.60 -5.04 -16.92
C ALA A 57 38.48 -4.82 -15.40
N ALA A 58 37.86 -3.72 -14.99
CA ALA A 58 37.68 -3.42 -13.59
C ALA A 58 36.64 -4.37 -13.01
N LEU A 59 35.61 -4.66 -13.79
CA LEU A 59 34.53 -5.46 -13.21
C LEU A 59 34.91 -6.93 -13.11
N LYS A 60 35.62 -7.41 -14.09
CA LYS A 60 35.80 -8.84 -14.28
C LYS A 60 36.14 -9.51 -12.94
N PRO A 61 37.18 -9.06 -12.22
CA PRO A 61 37.53 -9.88 -11.06
C PRO A 61 36.49 -9.78 -10.01
N ASN A 62 35.63 -8.74 -10.11
CA ASN A 62 34.58 -8.67 -9.10
C ASN A 62 33.42 -9.47 -9.55
N ILE A 63 33.15 -9.55 -10.84
CA ILE A 63 31.88 -10.26 -11.18
C ILE A 63 32.10 -11.76 -11.29
N GLU A 64 33.38 -12.17 -11.32
CA GLU A 64 33.61 -13.57 -11.50
C GLU A 64 33.55 -14.30 -10.14
N THR A 65 33.17 -13.67 -9.08
CA THR A 65 33.18 -14.38 -7.78
C THR A 65 31.85 -14.86 -7.37
N ARG A 66 31.89 -15.80 -6.46
CA ARG A 66 30.68 -16.33 -5.81
C ARG A 66 29.92 -15.19 -5.16
N TYR A 67 30.63 -14.31 -4.52
CA TYR A 67 29.92 -13.15 -3.96
C TYR A 67 29.07 -12.48 -5.06
N ALA A 68 29.67 -12.17 -6.20
CA ALA A 68 28.86 -11.53 -7.28
C ALA A 68 27.75 -12.42 -7.67
N GLU A 69 27.99 -13.75 -7.77
CA GLU A 69 26.97 -14.67 -8.21
C GLU A 69 25.81 -14.65 -7.22
N ASP A 70 26.13 -14.54 -5.94
CA ASP A 70 25.08 -14.54 -4.91
C ASP A 70 24.29 -13.24 -5.06
N GLY A 71 24.95 -12.14 -5.45
CA GLY A 71 24.25 -10.88 -5.65
C GLY A 71 23.30 -11.03 -6.81
N ALA A 72 23.77 -11.64 -7.88
CA ALA A 72 22.84 -11.87 -9.01
C ALA A 72 21.72 -12.81 -8.60
N ASP A 73 21.99 -13.79 -7.71
CA ASP A 73 20.92 -14.58 -7.31
C ASP A 73 19.94 -13.73 -6.50
N LEU A 74 20.45 -12.81 -5.66
CA LEU A 74 19.54 -12.05 -4.85
C LEU A 74 18.66 -11.22 -5.80
N ILE A 75 19.26 -10.65 -6.84
CA ILE A 75 18.45 -9.92 -7.83
C ILE A 75 17.43 -10.88 -8.43
N ARG A 76 17.88 -12.04 -8.91
CA ARG A 76 16.97 -12.92 -9.58
C ARG A 76 15.83 -13.28 -8.68
N LEU A 77 16.15 -13.60 -7.41
CA LEU A 77 15.13 -14.04 -6.51
C LEU A 77 14.09 -12.96 -6.23
N ASN A 78 14.50 -11.71 -6.40
CA ASN A 78 13.61 -10.64 -6.07
C ASN A 78 13.01 -9.97 -7.25
N SER A 79 13.02 -10.67 -8.37
CA SER A 79 12.57 -10.05 -9.61
C SER A 79 11.11 -10.34 -9.92
N ILE A 80 10.38 -11.00 -9.06
CA ILE A 80 8.98 -11.30 -9.40
C ILE A 80 8.19 -10.01 -9.11
N VAL A 81 7.31 -9.73 -10.05
CA VAL A 81 6.41 -8.59 -9.88
C VAL A 81 5.20 -9.09 -9.15
N PRO A 82 4.74 -8.34 -8.16
CA PRO A 82 3.53 -8.73 -7.49
C PRO A 82 2.35 -8.24 -8.29
N GLY A 83 2.14 -8.96 -9.37
CA GLY A 83 1.21 -8.47 -10.37
C GLY A 83 0.13 -9.51 -10.49
N PRO A 84 -0.54 -9.45 -11.61
CA PRO A 84 -1.61 -10.41 -11.78
C PRO A 84 -1.01 -11.82 -12.01
N VAL A 85 -1.80 -12.85 -11.73
CA VAL A 85 -1.41 -14.20 -11.99
C VAL A 85 -1.62 -14.44 -13.49
N MET A 86 -0.64 -15.11 -14.05
CA MET A 86 -0.60 -15.30 -15.49
C MET A 86 -1.00 -16.71 -15.79
N PRO A 87 -1.64 -16.88 -16.96
CA PRO A 87 -1.90 -18.19 -17.40
C PRO A 87 -0.64 -18.78 -18.02
N ASN A 88 -0.58 -20.12 -18.01
CA ASN A 88 0.56 -20.79 -18.62
C ASN A 88 0.38 -20.74 -20.11
N PRO A 89 1.43 -20.32 -20.80
CA PRO A 89 1.33 -20.20 -22.27
C PRO A 89 1.37 -21.58 -22.89
N THR A 90 1.67 -22.59 -22.11
CA THR A 90 1.96 -23.94 -22.72
C THR A 90 0.80 -24.43 -23.51
N PRO A 91 -0.43 -24.37 -22.97
CA PRO A 91 -1.53 -24.83 -23.81
C PRO A 91 -1.71 -24.12 -25.08
N LYS A 92 -1.50 -22.83 -25.10
CA LYS A 92 -1.65 -22.09 -26.35
CA LYS A 92 -1.63 -22.04 -26.28
C LYS A 92 -0.59 -22.51 -27.27
N LEU A 93 0.63 -22.75 -26.73
CA LEU A 93 1.68 -23.12 -27.69
C LEU A 93 1.40 -24.51 -28.26
N LEU A 94 0.94 -25.39 -27.41
CA LEU A 94 0.64 -26.77 -27.89
C LEU A 94 -0.44 -26.63 -28.87
N ARG A 95 -1.44 -25.83 -28.61
CA ARG A 95 -2.52 -25.78 -29.55
C ARG A 95 -2.09 -25.24 -30.88
N LEU A 96 -1.14 -24.32 -30.89
CA LEU A 96 -0.48 -23.87 -32.10
C LEU A 96 0.39 -24.89 -32.72
N GLY A 97 0.51 -26.09 -32.12
CA GLY A 97 1.29 -27.14 -32.73
C GLY A 97 2.72 -27.11 -32.37
N TRP A 98 3.10 -26.28 -31.40
CA TRP A 98 4.47 -26.41 -30.97
C TRP A 98 4.65 -27.78 -30.39
N THR A 99 5.82 -28.35 -30.62
CA THR A 99 6.12 -29.62 -30.00
C THR A 99 6.60 -29.39 -28.61
N GLU A 100 6.61 -30.46 -27.84
CA GLU A 100 7.21 -30.32 -26.52
C GLU A 100 8.63 -29.95 -26.63
N SER A 101 9.35 -30.48 -27.61
CA SER A 101 10.73 -30.14 -27.76
CA SER A 101 10.75 -30.11 -27.68
C SER A 101 10.94 -28.64 -27.96
N LYS A 102 10.07 -28.08 -28.79
CA LYS A 102 10.27 -26.68 -29.08
C LYS A 102 9.90 -25.86 -27.85
N ILE A 103 8.89 -26.28 -27.15
CA ILE A 103 8.50 -25.54 -25.92
C ILE A 103 9.67 -25.61 -24.94
N GLU A 104 10.33 -26.75 -24.89
CA GLU A 104 11.48 -26.86 -24.01
C GLU A 104 12.62 -26.04 -24.48
N GLU A 105 12.78 -25.85 -25.80
CA GLU A 105 13.84 -25.04 -26.29
C GLU A 105 13.57 -23.61 -25.83
N LEU A 106 12.31 -23.22 -25.91
CA LEU A 106 11.92 -21.85 -25.50
C LEU A 106 12.19 -21.76 -23.98
N LYS A 107 11.79 -22.75 -23.19
CA LYS A 107 11.98 -22.63 -21.75
C LYS A 107 13.42 -22.57 -21.36
N THR A 108 14.21 -23.28 -22.13
CA THR A 108 15.66 -23.21 -21.88
C THR A 108 16.18 -21.88 -22.21
N ALA A 109 15.74 -21.34 -23.31
CA ALA A 109 16.19 -20.00 -23.63
C ALA A 109 15.82 -18.96 -22.56
N LEU A 110 14.59 -19.07 -22.08
CA LEU A 110 14.14 -18.19 -20.96
C LEU A 110 15.09 -18.43 -19.78
N ASP A 111 15.38 -19.69 -19.49
CA ASP A 111 16.19 -19.91 -18.30
C ASP A 111 17.56 -19.34 -18.52
N LEU A 112 18.09 -19.43 -19.71
CA LEU A 112 19.40 -18.88 -19.83
C LEU A 112 19.38 -17.34 -19.65
N LEU A 113 18.39 -16.74 -20.26
CA LEU A 113 18.32 -15.29 -20.18
C LEU A 113 18.11 -14.92 -18.71
N ASN A 114 17.28 -15.74 -18.02
CA ASN A 114 17.05 -15.40 -16.64
C ASN A 114 18.22 -15.64 -15.72
N TYR A 115 19.09 -16.56 -16.18
CA TYR A 115 20.36 -16.65 -15.50
C TYR A 115 21.23 -15.41 -15.71
N GLY A 116 21.40 -15.00 -16.95
CA GLY A 116 22.35 -13.96 -17.27
C GLY A 116 21.86 -12.58 -16.86
N ASN A 117 20.58 -12.32 -17.05
CA ASN A 117 20.15 -10.92 -16.87
C ASN A 117 20.45 -10.33 -15.48
N PRO A 118 20.27 -11.08 -14.40
CA PRO A 118 20.60 -10.51 -13.09
C PRO A 118 22.03 -10.23 -13.04
N LYS A 119 22.88 -11.08 -13.68
CA LYS A 119 24.29 -10.77 -13.64
C LYS A 119 24.60 -9.57 -14.47
N TYR A 120 23.87 -9.40 -15.55
CA TYR A 120 24.09 -8.16 -16.28
C TYR A 120 23.62 -6.91 -15.49
N LEU A 121 22.65 -7.12 -14.59
CA LEU A 121 22.23 -5.95 -13.77
C LEU A 121 23.37 -5.65 -12.80
N ILE A 122 24.07 -6.68 -12.32
CA ILE A 122 25.21 -6.37 -11.50
C ILE A 122 26.21 -5.65 -12.38
N LEU A 123 26.41 -6.13 -13.60
CA LEU A 123 27.43 -5.57 -14.47
C LEU A 123 27.11 -4.05 -14.70
N ILE A 124 25.87 -3.81 -15.07
CA ILE A 124 25.59 -2.46 -15.55
C ILE A 124 25.57 -1.56 -14.35
N THR A 125 25.12 -2.07 -13.22
CA THR A 125 25.15 -1.23 -12.02
C THR A 125 26.56 -0.91 -11.65
N ALA A 126 27.47 -1.90 -11.70
CA ALA A 126 28.86 -1.54 -11.44
C ALA A 126 29.38 -0.49 -12.43
N PHE A 127 29.09 -0.69 -13.70
CA PHE A 127 29.56 0.27 -14.64
C PHE A 127 28.99 1.65 -14.38
N ASN A 128 27.68 1.71 -14.20
CA ASN A 128 27.10 3.03 -14.02
C ASN A 128 27.55 3.69 -12.75
N GLU A 129 27.50 2.94 -11.67
CA GLU A 129 27.91 3.51 -10.38
C GLU A 129 29.35 3.95 -10.40
N ALA A 130 30.20 3.13 -10.99
CA ALA A 130 31.61 3.49 -10.97
C ALA A 130 31.83 4.71 -11.86
N TRP A 131 31.01 4.87 -12.88
CA TRP A 131 31.22 5.93 -13.83
C TRP A 131 31.07 7.22 -13.09
N HIS A 132 30.20 7.20 -12.05
CA HIS A 132 29.96 8.39 -11.22
C HIS A 132 30.70 8.41 -9.97
N GLU A 133 31.75 7.56 -9.89
CA GLU A 133 32.57 7.54 -8.71
C GLU A 133 31.83 7.17 -7.49
N ARG A 134 30.71 6.48 -7.66
CA ARG A 134 30.01 5.94 -6.53
C ARG A 134 30.55 4.55 -6.18
N ASP A 135 30.07 3.98 -5.08
CA ASP A 135 30.79 2.84 -4.53
C ASP A 135 30.54 1.60 -5.34
N THR A 136 31.60 1.07 -5.92
CA THR A 136 31.43 -0.27 -6.58
C THR A 136 32.54 -1.14 -6.14
N GLY A 137 33.03 -0.86 -4.93
CA GLY A 137 33.98 -1.86 -4.39
C GLY A 137 35.21 -1.17 -3.88
N GLY A 138 35.89 -1.89 -3.02
CA GLY A 138 37.16 -1.40 -2.47
C GLY A 138 36.97 -0.52 -1.31
N ARG A 139 35.74 -0.15 -0.94
CA ARG A 139 35.62 0.83 0.15
C ARG A 139 35.23 0.08 1.39
N ALA A 140 34.71 -1.13 1.24
CA ALA A 140 34.19 -1.92 2.37
C ALA A 140 35.37 -2.15 3.30
N PRO A 141 35.12 -2.11 4.61
CA PRO A 141 36.29 -2.41 5.48
C PRO A 141 36.73 -3.91 5.30
N GLN A 142 35.76 -4.83 5.35
CA GLN A 142 36.12 -6.25 5.30
C GLN A 142 36.20 -6.65 3.81
N LYS A 143 37.35 -7.20 3.37
CA LYS A 143 37.40 -7.85 2.01
C LYS A 143 36.55 -9.13 2.04
N LEU A 144 36.22 -9.62 0.85
CA LEU A 144 35.38 -10.84 0.79
C LEU A 144 36.12 -11.96 1.50
N ARG A 145 35.38 -12.74 2.27
CA ARG A 145 36.01 -13.76 3.06
C ARG A 145 35.42 -15.11 2.68
N GLY A 146 36.13 -16.14 3.12
CA GLY A 146 35.64 -17.49 2.81
C GLY A 146 35.60 -17.69 1.30
N ARG A 147 34.56 -18.36 0.86
CA ARG A 147 34.43 -18.62 -0.51
C ARG A 147 33.67 -17.54 -1.29
N ASP A 148 33.36 -16.45 -0.60
CA ASP A 148 32.74 -15.37 -1.39
C ASP A 148 33.67 -14.86 -2.40
N ALA A 149 34.96 -14.95 -2.11
CA ALA A 149 35.91 -14.47 -3.06
C ALA A 149 36.29 -15.46 -4.20
N GLU A 150 35.73 -16.61 -4.14
CA GLU A 150 36.19 -17.62 -5.10
C GLU A 150 35.56 -17.33 -6.46
N ARG A 151 36.28 -17.77 -7.47
CA ARG A 151 35.78 -17.63 -8.83
C ARG A 151 34.75 -18.72 -9.09
N ILE A 152 33.69 -18.31 -9.80
CA ILE A 152 32.81 -19.28 -10.37
C ILE A 152 33.50 -19.86 -11.59
N PRO A 153 32.95 -20.95 -12.11
CA PRO A 153 33.58 -21.57 -13.33
C PRO A 153 33.59 -20.61 -14.46
N TYR A 154 34.61 -20.77 -15.28
CA TYR A 154 34.67 -19.99 -16.48
C TYR A 154 34.07 -20.70 -17.62
N GLY A 155 33.36 -19.99 -18.48
CA GLY A 155 32.82 -20.58 -19.70
C GLY A 155 31.36 -20.81 -19.56
N LEU A 156 30.72 -21.13 -20.69
CA LEU A 156 29.29 -21.41 -20.64
C LEU A 156 29.07 -22.75 -19.93
N PRO A 157 27.92 -22.87 -19.29
CA PRO A 157 27.63 -24.07 -18.56
C PRO A 157 27.54 -25.19 -19.58
N ASN A 158 27.68 -26.44 -19.12
CA ASN A 158 27.61 -27.52 -20.08
C ASN A 158 26.29 -27.47 -20.78
N SER A 159 26.41 -27.77 -22.04
CA SER A 159 25.29 -27.94 -22.95
C SER A 159 24.78 -26.56 -23.40
N VAL A 160 25.46 -25.49 -23.01
CA VAL A 160 24.93 -24.17 -23.41
C VAL A 160 25.80 -23.66 -24.52
N GLU A 161 25.16 -23.22 -25.60
CA GLU A 161 25.91 -22.63 -26.69
C GLU A 161 25.49 -21.19 -26.75
N LYS A 162 26.27 -20.40 -27.44
CA LYS A 162 25.93 -18.98 -27.58
C LYS A 162 24.64 -18.86 -28.33
N PHE A 163 23.89 -17.82 -27.95
CA PHE A 163 22.70 -17.54 -28.65
C PHE A 163 23.06 -16.89 -29.91
N ASN A 164 22.19 -17.06 -30.87
CA ASN A 164 22.39 -16.30 -32.12
C ASN A 164 21.28 -15.29 -32.15
N LEU A 165 21.63 -14.01 -32.08
CA LEU A 165 20.51 -13.07 -32.03
C LEU A 165 20.03 -12.86 -33.44
N LEU A 166 18.72 -12.79 -33.60
CA LEU A 166 18.19 -12.58 -34.94
C LEU A 166 18.59 -11.21 -35.47
N ASP A 167 18.66 -11.18 -36.79
CA ASP A 167 18.97 -9.95 -37.49
C ASP A 167 17.70 -9.18 -37.71
N ILE A 168 17.55 -8.05 -37.06
CA ILE A 168 16.22 -7.43 -37.07
C ILE A 168 15.84 -6.99 -38.49
N GLU A 169 16.82 -6.55 -39.22
CA GLU A 169 16.56 -6.08 -40.57
C GLU A 169 16.02 -7.20 -41.43
N LYS A 170 16.45 -8.42 -41.20
CA LYS A 170 16.01 -9.56 -41.98
C LYS A 170 14.80 -10.20 -41.43
N ALA A 171 14.32 -9.72 -40.29
CA ALA A 171 13.25 -10.44 -39.59
C ALA A 171 11.94 -10.18 -40.28
N SER A 172 10.97 -11.04 -40.05
CA SER A 172 9.67 -10.77 -40.53
C SER A 172 9.00 -9.57 -39.92
N ASP A 173 8.02 -8.99 -40.59
CA ASP A 173 7.21 -7.94 -39.98
C ASP A 173 6.66 -8.41 -38.66
N ARG A 174 6.24 -9.69 -38.57
CA ARG A 174 5.58 -10.07 -37.34
C ARG A 174 6.66 -10.03 -36.21
N THR A 175 7.85 -10.53 -36.48
CA THR A 175 8.93 -10.47 -35.44
C THR A 175 9.24 -9.01 -35.12
N GLN A 176 9.40 -8.22 -36.18
CA GLN A 176 9.70 -6.84 -35.93
C GLN A 176 8.64 -6.17 -35.11
N THR A 177 7.39 -6.45 -35.43
CA THR A 177 6.26 -5.78 -34.80
C THR A 177 6.27 -6.20 -33.32
N VAL A 178 6.44 -7.48 -32.99
CA VAL A 178 6.27 -7.84 -31.63
C VAL A 178 7.50 -7.31 -30.85
N LEU A 179 8.70 -7.30 -31.44
CA LEU A 179 9.84 -6.72 -30.74
C LEU A 179 9.59 -5.25 -30.55
N ARG A 180 9.01 -4.59 -31.58
CA ARG A 180 8.73 -3.17 -31.42
C ARG A 180 7.72 -2.96 -30.31
N ASP A 181 6.70 -3.84 -30.27
CA ASP A 181 5.66 -3.66 -29.35
C ASP A 181 6.15 -3.89 -27.95
N ILE A 182 7.00 -4.89 -27.85
CA ILE A 182 7.59 -5.16 -26.51
C ILE A 182 8.48 -4.05 -26.10
N ARG A 183 9.26 -3.51 -27.02
CA ARG A 183 10.13 -2.38 -26.68
C ARG A 183 9.27 -1.23 -26.20
N ASP A 184 8.24 -0.90 -26.97
CA ASP A 184 7.45 0.28 -26.65
C ASP A 184 6.61 0.10 -25.46
N ALA A 185 6.18 -1.11 -25.15
CA ALA A 185 5.35 -1.33 -23.95
C ALA A 185 6.09 -0.87 -22.72
N PHE A 186 7.43 -0.98 -22.74
CA PHE A 186 8.18 -0.60 -21.54
C PHE A 186 8.93 0.66 -21.76
N LEU A 187 8.64 1.39 -22.88
CA LEU A 187 9.30 2.62 -23.16
C LEU A 187 10.80 2.39 -23.24
N HIS A 188 11.17 1.36 -23.97
CA HIS A 188 12.55 1.13 -24.18
C HIS A 188 13.03 1.64 -25.49
N HIS A 189 14.33 1.46 -25.76
CA HIS A 189 14.90 2.01 -26.96
C HIS A 189 15.07 0.94 -28.00
N GLY A 190 15.10 -0.31 -27.61
CA GLY A 190 15.32 -1.32 -28.60
C GLY A 190 14.95 -2.62 -27.97
N PRO A 191 14.88 -3.68 -28.78
CA PRO A 191 14.60 -4.97 -28.23
C PRO A 191 15.78 -5.50 -27.50
N ALA A 192 15.57 -5.97 -26.31
CA ALA A 192 16.64 -6.57 -25.51
C ALA A 192 17.17 -7.73 -26.35
N SER A 193 18.38 -8.10 -26.05
CA SER A 193 18.92 -9.34 -26.70
C SER A 193 17.97 -10.47 -26.57
N ASP A 194 17.31 -10.53 -25.41
CA ASP A 194 16.37 -11.58 -25.13
C ASP A 194 15.37 -11.72 -26.19
N TYR A 195 14.87 -10.60 -26.73
CA TYR A 195 13.86 -10.69 -27.75
C TYR A 195 14.44 -10.91 -29.11
N ARG A 196 15.70 -10.64 -29.31
CA ARG A 196 16.35 -11.07 -30.56
C ARG A 196 16.68 -12.54 -30.46
N VAL A 197 16.55 -13.14 -29.28
CA VAL A 197 16.64 -14.61 -29.18
C VAL A 197 15.25 -15.14 -29.30
N LEU A 198 14.31 -14.65 -28.48
CA LEU A 198 12.96 -15.21 -28.41
C LEU A 198 12.17 -14.84 -29.67
N GLY A 199 12.63 -13.82 -30.38
CA GLY A 199 11.75 -13.29 -31.42
C GLY A 199 11.77 -14.15 -32.67
N VAL A 200 12.59 -15.20 -32.66
CA VAL A 200 12.35 -16.23 -33.71
C VAL A 200 11.03 -16.95 -33.45
N TRP A 201 10.42 -16.73 -32.28
CA TRP A 201 9.13 -17.33 -31.97
C TRP A 201 8.17 -16.22 -31.71
N PRO A 202 7.80 -15.48 -32.72
CA PRO A 202 7.04 -14.27 -32.41
C PRO A 202 5.63 -14.66 -32.00
N ASP A 203 5.19 -15.87 -32.37
CA ASP A 203 3.89 -16.26 -31.91
C ASP A 203 3.92 -16.40 -30.38
N TYR A 204 5.03 -16.91 -29.85
CA TYR A 204 5.14 -17.00 -28.42
C TYR A 204 5.26 -15.58 -27.86
N LEU A 205 6.11 -14.76 -28.48
CA LEU A 205 6.23 -13.39 -27.92
C LEU A 205 4.94 -12.63 -27.89
N GLU A 206 4.05 -12.87 -28.84
CA GLU A 206 2.80 -12.15 -28.81
C GLU A 206 1.97 -12.61 -27.64
N ILE A 207 2.01 -13.89 -27.40
CA ILE A 207 1.29 -14.44 -26.19
C ILE A 207 1.97 -13.86 -24.97
N ALA A 208 3.30 -13.87 -24.91
CA ALA A 208 3.96 -13.39 -23.72
C ALA A 208 3.65 -11.91 -23.52
N LEU A 209 3.58 -11.18 -24.61
CA LEU A 209 3.26 -9.75 -24.42
C LEU A 209 1.86 -9.61 -23.85
N ARG A 210 0.91 -10.35 -24.42
CA ARG A 210 -0.43 -10.15 -24.00
C ARG A 210 -0.59 -10.66 -22.56
N ASP A 211 0.02 -11.79 -22.29
CA ASP A 211 -0.35 -12.43 -21.04
C ASP A 211 0.46 -11.97 -19.91
N SER A 212 1.72 -11.67 -20.19
CA SER A 212 2.70 -11.58 -19.09
C SER A 212 3.26 -10.18 -19.07
N LEU A 213 3.49 -9.56 -20.20
CA LEU A 213 4.23 -8.30 -20.13
C LEU A 213 3.38 -7.04 -20.19
N ALA A 214 2.49 -6.99 -21.17
CA ALA A 214 1.59 -5.84 -21.25
C ALA A 214 0.82 -5.54 -20.01
N PRO A 215 0.36 -6.53 -19.30
CA PRO A 215 -0.49 -6.18 -18.14
C PRO A 215 0.26 -5.51 -17.02
N VAL A 216 1.58 -5.63 -17.01
CA VAL A 216 2.37 -5.07 -15.94
C VAL A 216 3.32 -4.00 -16.41
N ALA A 217 3.51 -3.79 -17.73
CA ALA A 217 4.45 -2.77 -18.24
C ALA A 217 4.07 -1.41 -17.66
N LEU A 218 5.06 -0.72 -17.17
CA LEU A 218 4.94 0.65 -16.72
C LEU A 218 4.16 0.73 -15.44
N SER A 219 3.77 -0.40 -14.90
CA SER A 219 3.01 -0.29 -13.66
C SER A 219 3.83 0.00 -12.44
N ALA A 220 3.15 0.49 -11.40
CA ALA A 220 3.86 0.73 -10.12
C ALA A 220 4.49 -0.58 -9.68
N GLU A 221 3.82 -1.71 -9.86
CA GLU A 221 4.34 -2.96 -9.36
C GLU A 221 5.62 -3.35 -10.11
N TYR A 222 5.61 -3.15 -11.41
CA TYR A 222 6.78 -3.49 -12.13
C TYR A 222 7.91 -2.60 -11.76
N ASP A 223 7.59 -1.33 -11.68
CA ASP A 223 8.69 -0.37 -11.51
C ASP A 223 9.19 -0.50 -10.09
N GLU A 224 8.31 -0.82 -9.13
CA GLU A 224 8.80 -1.06 -7.81
C GLU A 224 9.71 -2.32 -7.72
N THR A 225 9.38 -3.34 -8.48
CA THR A 225 10.24 -4.51 -8.55
C THR A 225 11.54 -4.09 -9.12
N ALA A 226 11.50 -3.35 -10.21
CA ALA A 226 12.76 -2.88 -10.76
C ALA A 226 13.55 -2.05 -9.78
N ARG A 227 12.89 -1.14 -9.06
CA ARG A 227 13.61 -0.35 -8.06
C ARG A 227 14.27 -1.32 -7.09
N ARG A 228 13.51 -2.30 -6.65
CA ARG A 228 14.00 -3.25 -5.62
C ARG A 228 15.23 -3.98 -6.16
N ILE A 229 15.20 -4.44 -7.42
CA ILE A 229 16.38 -5.18 -7.85
C ILE A 229 17.52 -4.27 -8.21
N ARG A 230 17.21 -3.09 -8.68
CA ARG A 230 18.31 -2.10 -8.85
C ARG A 230 19.01 -1.83 -7.57
N LYS A 231 18.23 -1.72 -6.49
CA LYS A 231 18.83 -1.44 -5.21
C LYS A 231 19.66 -2.57 -4.76
N ILE A 232 19.11 -3.76 -4.88
CA ILE A 232 19.89 -4.93 -4.56
C ILE A 232 21.20 -4.90 -5.28
N ALA A 233 21.22 -4.64 -6.57
CA ALA A 233 22.47 -4.70 -7.31
C ALA A 233 23.35 -3.58 -6.77
N ARG A 234 22.81 -2.42 -6.50
CA ARG A 234 23.61 -1.29 -6.21
C ARG A 234 24.27 -1.47 -4.86
N GLU A 235 23.54 -2.03 -3.93
CA GLU A 235 24.12 -2.33 -2.62
CA GLU A 235 24.14 -2.31 -2.63
C GLU A 235 25.14 -3.42 -2.80
N HIS A 236 24.82 -4.38 -3.62
CA HIS A 236 25.67 -5.57 -3.59
C HIS A 236 27.04 -5.24 -4.10
N VAL A 237 27.12 -4.35 -5.09
CA VAL A 237 28.43 -4.14 -5.70
C VAL A 237 29.35 -3.38 -4.71
N LYS A 238 28.82 -2.80 -3.69
CA LYS A 238 29.70 -2.14 -2.69
C LYS A 238 30.52 -3.16 -1.98
N GLY A 239 30.11 -4.40 -2.01
CA GLY A 239 30.86 -5.41 -1.31
C GLY A 239 32.05 -5.92 -2.11
N PHE A 240 32.20 -5.51 -3.36
CA PHE A 240 33.35 -5.95 -4.16
C PHE A 240 34.64 -5.46 -3.49
N ASP A 241 35.69 -6.21 -3.73
CA ASP A 241 36.94 -5.87 -3.13
C ASP A 241 37.63 -4.73 -3.81
N LYS A 242 37.32 -4.40 -5.06
CA LYS A 242 37.93 -3.31 -5.71
C LYS A 242 36.85 -2.72 -6.57
N PRO A 243 37.01 -1.44 -6.95
CA PRO A 243 35.98 -0.83 -7.78
C PRO A 243 35.80 -1.60 -9.07
N ALA A 244 34.62 -1.51 -9.63
CA ALA A 244 34.21 -2.50 -10.61
C ALA A 244 33.72 -1.75 -11.85
N GLY A 245 34.36 -0.59 -12.02
CA GLY A 245 34.18 0.09 -13.32
C GLY A 245 35.12 1.23 -13.34
N VAL A 246 34.91 2.14 -14.29
CA VAL A 246 35.77 3.29 -14.45
C VAL A 246 34.94 4.53 -14.28
N ALA A 247 35.60 5.56 -13.79
CA ALA A 247 34.94 6.82 -13.57
C ALA A 247 35.09 7.67 -14.79
N TRP A 248 34.06 8.38 -15.23
CA TRP A 248 34.22 9.13 -16.46
C TRP A 248 35.26 10.21 -16.25
N ARG A 249 35.40 10.75 -15.07
CA ARG A 249 36.40 11.78 -14.89
C ARG A 249 37.81 11.22 -15.05
N ASP A 250 37.99 9.93 -15.01
CA ASP A 250 39.24 9.30 -15.35
C ASP A 250 39.36 8.91 -16.77
N MET A 251 38.39 9.26 -17.59
CA MET A 251 38.34 8.77 -18.97
C MET A 251 38.47 9.92 -19.92
N THR A 252 38.80 11.09 -19.41
CA THR A 252 38.68 12.20 -20.31
C THR A 252 39.83 12.28 -21.32
N GLU A 253 40.90 11.47 -21.15
CA GLU A 253 41.88 11.39 -22.24
C GLU A 253 41.49 10.37 -23.24
N LYS A 254 40.52 9.48 -22.91
CA LYS A 254 40.09 8.45 -23.80
C LYS A 254 38.78 8.67 -24.50
N LEU A 255 38.01 9.54 -23.93
CA LEU A 255 36.66 9.82 -24.42
C LEU A 255 36.50 11.32 -24.57
N SER A 256 35.82 11.70 -25.63
CA SER A 256 35.50 13.08 -25.78
C SER A 256 34.34 13.44 -24.87
N ALA A 257 34.12 14.74 -24.76
CA ALA A 257 33.00 15.22 -23.91
C ALA A 257 31.73 14.62 -24.41
N GLU A 258 31.59 14.56 -25.74
CA GLU A 258 30.37 14.12 -26.29
C GLU A 258 30.17 12.63 -25.96
N GLN A 259 31.29 11.89 -25.98
CA GLN A 259 31.21 10.46 -25.71
C GLN A 259 30.97 10.26 -24.27
N ILE A 260 31.53 11.11 -23.42
CA ILE A 260 31.27 10.99 -21.99
C ILE A 260 29.78 11.22 -21.77
N ALA A 261 29.26 12.22 -22.44
CA ALA A 261 27.84 12.46 -22.20
C ALA A 261 27.05 11.29 -22.73
N GLY A 262 27.37 10.79 -23.94
CA GLY A 262 26.56 9.70 -24.48
C GLY A 262 26.62 8.48 -23.58
N LEU A 263 27.82 8.13 -23.14
CA LEU A 263 27.95 6.93 -22.30
C LEU A 263 27.26 7.15 -21.00
N THR A 264 27.26 8.36 -20.50
CA THR A 264 26.57 8.57 -19.25
C THR A 264 25.09 8.21 -19.41
N GLY A 265 24.52 8.69 -20.51
CA GLY A 265 23.10 8.43 -20.73
C GLY A 265 22.92 6.94 -20.94
N LEU A 266 23.78 6.34 -21.73
CA LEU A 266 23.66 4.94 -22.03
C LEU A 266 23.76 4.13 -20.75
N LEU A 267 24.73 4.46 -19.92
CA LEU A 267 24.86 3.72 -18.67
C LEU A 267 23.58 3.78 -17.88
N PHE A 268 23.08 5.00 -17.74
CA PHE A 268 21.90 5.08 -16.92
C PHE A 268 20.74 4.37 -17.55
N MET A 269 20.59 4.56 -18.85
CA MET A 269 19.41 3.92 -19.53
C MET A 269 19.52 2.41 -19.41
N TYR A 270 20.75 1.96 -19.62
CA TYR A 270 20.88 0.48 -19.56
C TYR A 270 20.79 -0.02 -18.14
N ASN A 271 21.17 0.73 -17.15
CA ASN A 271 20.95 0.27 -15.80
C ASN A 271 19.45 0.08 -15.57
N ARG A 272 18.62 0.96 -16.18
CA ARG A 272 17.18 0.68 -16.02
C ARG A 272 16.73 -0.45 -16.96
N PHE A 273 17.25 -0.48 -18.18
CA PHE A 273 16.79 -1.43 -19.16
C PHE A 273 17.08 -2.83 -18.65
N ILE A 274 18.28 -3.07 -18.16
CA ILE A 274 18.59 -4.44 -17.79
C ILE A 274 17.73 -4.88 -16.61
N ALA A 275 17.44 -3.98 -15.69
CA ALA A 275 16.54 -4.40 -14.60
C ALA A 275 15.20 -4.70 -15.17
N ASP A 276 14.73 -3.89 -16.11
CA ASP A 276 13.36 -4.20 -16.62
C ASP A 276 13.36 -5.49 -17.37
N ILE A 277 14.42 -5.71 -18.15
CA ILE A 277 14.43 -6.93 -18.90
C ILE A 277 14.60 -8.12 -18.00
N THR A 278 15.44 -7.94 -16.96
CA THR A 278 15.59 -9.10 -16.01
C THR A 278 14.22 -9.51 -15.54
N ILE A 279 13.44 -8.51 -15.17
CA ILE A 279 12.10 -8.86 -14.61
C ILE A 279 11.23 -9.47 -15.69
N ALA A 280 11.30 -8.92 -16.89
CA ALA A 280 10.42 -9.36 -17.93
C ALA A 280 10.61 -10.81 -18.26
N ILE A 281 11.87 -11.24 -18.38
CA ILE A 281 12.00 -12.60 -18.87
C ILE A 281 11.80 -13.56 -17.74
N ILE A 282 12.08 -13.12 -16.52
CA ILE A 282 11.71 -13.91 -15.39
C ILE A 282 10.20 -14.10 -15.34
N ARG A 283 9.48 -13.04 -15.62
CA ARG A 283 8.04 -13.10 -15.60
C ARG A 283 7.57 -14.07 -16.71
N LEU A 284 8.23 -14.06 -17.85
CA LEU A 284 7.85 -15.00 -18.90
C LEU A 284 8.04 -16.42 -18.40
N LYS A 285 9.18 -16.69 -17.79
CA LYS A 285 9.29 -18.05 -17.34
C LYS A 285 8.36 -18.36 -16.25
N GLN A 286 8.09 -17.37 -15.38
CA GLN A 286 7.16 -17.59 -14.30
C GLN A 286 5.81 -18.08 -14.85
N ALA A 287 5.39 -17.58 -16.04
CA ALA A 287 4.08 -18.00 -16.59
C ALA A 287 4.17 -19.46 -16.95
N PHE A 288 5.33 -19.93 -17.32
CA PHE A 288 5.43 -21.35 -17.62
C PHE A 288 5.51 -22.17 -16.37
N SER A 289 6.23 -21.67 -15.39
CA SER A 289 6.48 -22.47 -14.25
C SER A 289 5.91 -21.67 -13.05
N GLY A 290 6.71 -20.95 -12.35
CA GLY A 290 6.24 -20.30 -11.19
C GLY A 290 7.46 -19.52 -10.76
N PRO A 291 7.34 -18.79 -9.70
CA PRO A 291 8.39 -17.81 -9.33
C PRO A 291 9.62 -18.56 -8.84
N GLU A 292 9.45 -19.73 -8.19
CA GLU A 292 10.64 -20.41 -7.68
CA GLU A 292 10.65 -20.37 -7.69
C GLU A 292 11.48 -20.86 -8.83
N ASP A 293 10.86 -21.46 -9.83
CA ASP A 293 11.63 -21.92 -10.91
C ASP A 293 12.21 -20.79 -11.76
N ALA A 294 11.39 -19.78 -11.94
CA ALA A 294 11.83 -18.70 -12.80
C ALA A 294 12.91 -17.90 -12.20
N THR A 295 13.06 -17.99 -10.86
CA THR A 295 14.11 -17.22 -10.25
C THR A 295 15.26 -17.99 -9.70
N ALA A 296 15.27 -19.27 -10.00
CA ALA A 296 16.37 -20.10 -9.59
C ALA A 296 17.61 -19.84 -10.38
N ASN A 297 18.74 -20.07 -9.73
CA ASN A 297 19.99 -20.12 -10.40
C ASN A 297 20.15 -21.56 -10.84
N LYS A 298 20.07 -21.74 -12.15
CA LYS A 298 20.07 -23.10 -12.61
C LYS A 298 21.43 -23.49 -13.17
N TYR A 299 22.44 -22.62 -13.08
CA TYR A 299 23.67 -22.80 -13.81
C TYR A 299 24.91 -22.75 -13.00
N THR A 300 24.94 -21.98 -11.93
CA THR A 300 26.20 -21.74 -11.27
C THR A 300 25.93 -21.79 -9.80
N ASN A 301 25.98 -23.01 -9.32
CA ASN A 301 25.70 -23.23 -7.93
C ASN A 301 26.87 -23.94 -7.26
N ARG B 4 42.07 16.50 -6.83
CA ARG B 4 40.88 16.56 -7.73
C ARG B 4 39.59 16.99 -7.04
N SER B 5 38.85 17.89 -7.71
CA SER B 5 37.64 18.49 -7.17
C SER B 5 36.65 17.48 -6.78
N VAL B 6 35.86 17.82 -5.80
CA VAL B 6 34.82 16.95 -5.43
C VAL B 6 33.80 16.78 -6.58
N LEU B 7 33.61 17.81 -7.36
CA LEU B 7 32.58 17.74 -8.40
C LEU B 7 33.19 18.17 -9.70
N GLY B 8 32.99 17.36 -10.77
CA GLY B 8 33.40 17.77 -12.14
C GLY B 8 32.34 18.62 -12.86
N SER B 9 32.70 19.41 -13.85
CA SER B 9 31.68 20.01 -14.66
C SER B 9 31.34 18.96 -15.74
N PHE B 10 30.07 18.71 -15.91
CA PHE B 10 29.68 17.72 -16.85
C PHE B 10 29.64 18.30 -18.25
N PRO B 11 30.05 17.52 -19.26
CA PRO B 11 30.12 18.02 -20.62
C PRO B 11 28.79 18.54 -21.11
N GLN B 12 28.82 19.76 -21.61
CA GLN B 12 27.56 20.39 -22.05
C GLN B 12 27.90 21.63 -22.74
N VAL B 13 26.93 22.17 -23.46
CA VAL B 13 27.08 23.52 -24.00
C VAL B 13 26.42 24.41 -23.00
N ASP B 14 27.24 25.08 -22.17
CA ASP B 14 26.60 25.88 -21.17
C ASP B 14 25.98 27.13 -21.82
N HIS B 15 25.13 27.82 -21.05
CA HIS B 15 24.40 28.98 -21.58
C HIS B 15 25.28 29.92 -22.32
N HIS B 16 26.41 30.23 -21.71
CA HIS B 16 27.33 31.20 -22.30
C HIS B 16 28.12 30.64 -23.42
N GLN B 17 28.01 29.34 -23.71
CA GLN B 17 28.85 28.74 -24.74
C GLN B 17 28.12 28.56 -25.99
N ALA B 18 26.77 28.60 -25.96
CA ALA B 18 26.02 28.45 -27.16
C ALA B 18 26.28 29.68 -28.05
N LYS B 19 26.44 29.40 -29.32
CA LYS B 19 26.72 30.47 -30.27
C LYS B 19 25.81 30.27 -31.44
N GLY B 20 25.65 31.34 -32.23
CA GLY B 20 24.99 31.19 -33.51
C GLY B 20 23.57 30.65 -33.37
N GLN B 21 23.23 29.65 -34.19
CA GLN B 21 21.85 29.16 -34.27
C GLN B 21 21.58 28.51 -32.93
N LEU B 22 22.58 27.85 -32.31
CA LEU B 22 22.27 27.15 -31.05
C LEU B 22 21.92 28.13 -29.93
N ALA B 23 22.57 29.26 -29.94
CA ALA B 23 22.23 30.34 -29.00
C ALA B 23 20.83 30.81 -29.31
N GLU B 24 20.47 30.90 -30.59
CA GLU B 24 19.12 31.29 -30.90
C GLU B 24 18.13 30.29 -30.31
N VAL B 25 18.47 29.03 -30.46
CA VAL B 25 17.61 27.99 -29.93
C VAL B 25 17.48 28.12 -28.43
N TYR B 26 18.62 28.29 -27.75
CA TYR B 26 18.57 28.46 -26.31
C TYR B 26 17.63 29.61 -25.96
N ASP B 27 17.81 30.75 -26.64
CA ASP B 27 16.93 31.85 -26.32
C ASP B 27 15.51 31.57 -26.64
N ASP B 28 15.25 30.78 -27.69
CA ASP B 28 13.88 30.46 -28.05
C ASP B 28 13.33 29.54 -27.03
N ILE B 29 14.18 28.67 -26.47
CA ILE B 29 13.67 27.81 -25.37
C ILE B 29 13.34 28.62 -24.16
N HIS B 30 14.23 29.52 -23.75
CA HIS B 30 13.89 30.39 -22.64
C HIS B 30 12.59 31.05 -22.92
N ASN B 31 12.46 31.62 -24.08
CA ASN B 31 11.25 32.49 -24.29
C ASN B 31 9.96 31.74 -24.58
N THR B 32 10.08 30.61 -25.27
CA THR B 32 8.88 29.84 -25.60
C THR B 32 8.41 29.19 -24.32
N MET B 33 9.36 28.67 -23.53
CA MET B 33 8.95 27.96 -22.33
C MET B 33 8.76 28.94 -21.17
N ARG B 34 9.29 30.17 -21.28
CA ARG B 34 9.12 31.20 -20.27
C ARG B 34 9.92 30.82 -19.05
N VAL B 35 11.12 30.31 -19.31
CA VAL B 35 11.93 29.85 -18.23
C VAL B 35 13.28 30.52 -18.26
N PRO B 36 13.82 30.78 -17.07
CA PRO B 36 15.04 31.57 -17.00
C PRO B 36 16.28 30.69 -17.07
N TRP B 37 16.10 29.43 -17.53
CA TRP B 37 17.28 28.65 -17.75
C TRP B 37 16.97 27.65 -18.83
N VAL B 38 18.03 27.24 -19.53
CA VAL B 38 17.90 26.16 -20.52
C VAL B 38 18.34 24.93 -19.73
N ALA B 39 17.50 23.93 -19.71
CA ALA B 39 17.65 22.77 -18.83
C ALA B 39 18.98 22.11 -19.18
N PHE B 40 19.50 21.42 -18.20
CA PHE B 40 20.81 20.77 -18.31
C PHE B 40 20.75 19.68 -19.38
N GLY B 41 19.61 18.99 -19.50
CA GLY B 41 19.50 17.99 -20.54
C GLY B 41 19.71 18.56 -21.93
N ILE B 42 19.05 19.69 -22.13
CA ILE B 42 19.26 20.44 -23.40
C ILE B 42 20.71 20.84 -23.55
N ARG B 43 21.31 21.33 -22.52
CA ARG B 43 22.64 21.84 -22.70
C ARG B 43 23.59 20.68 -22.93
N VAL B 44 23.35 19.52 -22.32
CA VAL B 44 24.18 18.40 -22.64
C VAL B 44 23.93 17.92 -24.04
N MET B 45 22.66 17.73 -24.40
CA MET B 45 22.35 17.19 -25.68
C MET B 45 22.73 18.13 -26.80
N SER B 46 22.86 19.42 -26.48
CA SER B 46 23.16 20.40 -27.53
C SER B 46 24.58 20.28 -27.98
N GLN B 47 25.37 19.50 -27.30
CA GLN B 47 26.72 19.30 -27.83
C GLN B 47 26.70 18.40 -29.05
N PHE B 48 25.63 17.71 -29.35
CA PHE B 48 25.46 16.93 -30.55
C PHE B 48 24.93 17.80 -31.65
N PRO B 49 25.40 17.56 -32.84
CA PRO B 49 24.81 18.28 -33.99
C PRO B 49 23.36 17.95 -34.16
N HIS B 50 22.61 18.93 -34.65
CA HIS B 50 21.30 18.76 -35.16
C HIS B 50 20.20 18.44 -34.22
N PHE B 51 20.43 17.52 -33.29
CA PHE B 51 19.29 16.99 -32.58
C PHE B 51 18.50 18.04 -31.81
N ILE B 52 19.17 18.82 -31.00
CA ILE B 52 18.40 19.77 -30.18
C ILE B 52 17.69 20.79 -31.10
N PRO B 53 18.38 21.35 -32.07
CA PRO B 53 17.62 22.32 -32.91
C PRO B 53 16.47 21.63 -33.59
N ASP B 54 16.67 20.42 -34.12
CA ASP B 54 15.64 19.78 -34.87
C ASP B 54 14.45 19.36 -33.97
N ALA B 55 14.81 18.84 -32.82
CA ALA B 55 13.77 18.40 -31.89
C ALA B 55 13.04 19.60 -31.38
N TRP B 56 13.78 20.63 -31.06
CA TRP B 56 13.15 21.82 -30.52
C TRP B 56 12.22 22.39 -31.58
N ALA B 57 12.60 22.37 -32.83
CA ALA B 57 11.72 22.96 -33.84
C ALA B 57 10.46 22.22 -33.89
N ALA B 58 10.49 20.88 -33.69
CA ALA B 58 9.26 20.14 -33.72
C ALA B 58 8.44 20.36 -32.47
N LEU B 59 9.12 20.53 -31.36
CA LEU B 59 8.42 20.65 -30.11
C LEU B 59 7.76 22.04 -29.94
N LYS B 60 8.45 23.07 -30.41
CA LYS B 60 8.04 24.43 -30.06
C LYS B 60 6.58 24.67 -30.28
N PRO B 61 6.01 24.38 -31.48
CA PRO B 61 4.60 24.78 -31.63
C PRO B 61 3.71 23.95 -30.78
N ASN B 62 4.23 22.82 -30.28
CA ASN B 62 3.44 22.07 -29.37
C ASN B 62 3.57 22.50 -27.96
N ILE B 63 4.75 22.91 -27.56
CA ILE B 63 4.87 23.23 -26.16
C ILE B 63 4.45 24.68 -25.88
N GLU B 64 4.28 25.47 -26.94
CA GLU B 64 3.89 26.84 -26.65
C GLU B 64 2.40 26.93 -26.45
N THR B 65 1.71 25.82 -26.55
CA THR B 65 0.27 25.95 -26.40
C THR B 65 -0.24 25.93 -24.98
N ARG B 66 -1.46 26.42 -24.79
CA ARG B 66 -2.02 26.33 -23.47
C ARG B 66 -2.23 24.86 -23.13
N TYR B 67 -2.55 24.07 -24.10
CA TYR B 67 -2.65 22.62 -23.83
C TYR B 67 -1.38 22.10 -23.22
N ALA B 68 -0.25 22.48 -23.80
CA ALA B 68 0.98 21.95 -23.25
C ALA B 68 1.16 22.49 -21.85
N GLU B 69 0.76 23.74 -21.60
CA GLU B 69 0.93 24.34 -20.31
C GLU B 69 0.11 23.63 -19.31
N ASP B 70 -1.08 23.24 -19.73
CA ASP B 70 -1.96 22.50 -18.82
C ASP B 70 -1.30 21.19 -18.45
N GLY B 71 -0.57 20.60 -19.40
CA GLY B 71 0.09 19.33 -19.13
C GLY B 71 1.14 19.55 -18.09
N ALA B 72 1.94 20.63 -18.29
CA ALA B 72 2.93 20.91 -17.29
C ALA B 72 2.29 21.22 -15.95
N ASP B 73 1.14 21.89 -15.95
CA ASP B 73 0.44 22.12 -14.69
C ASP B 73 0.03 20.78 -14.08
N LEU B 74 -0.42 19.81 -14.87
CA LEU B 74 -0.87 18.58 -14.29
C LEU B 74 0.32 17.88 -13.68
N ILE B 75 1.47 17.98 -14.37
CA ILE B 75 2.68 17.35 -13.82
C ILE B 75 3.01 18.02 -12.51
N ARG B 76 3.00 19.33 -12.53
CA ARG B 76 3.37 20.10 -11.35
C ARG B 76 2.47 19.74 -10.21
N LEU B 77 1.17 19.70 -10.44
CA LEU B 77 0.26 19.48 -9.34
C LEU B 77 0.41 18.07 -8.80
N ASN B 78 0.95 17.16 -9.61
CA ASN B 78 1.08 15.78 -9.22
C ASN B 78 2.46 15.37 -8.77
N SER B 79 3.31 16.36 -8.53
CA SER B 79 4.72 16.08 -8.17
C SER B 79 4.98 15.97 -6.70
N ILE B 80 3.94 16.02 -5.83
CA ILE B 80 4.24 15.94 -4.41
C ILE B 80 4.44 14.49 -4.02
N VAL B 81 5.50 14.28 -3.28
CA VAL B 81 5.77 12.92 -2.85
C VAL B 81 5.00 12.72 -1.56
N PRO B 82 4.35 11.60 -1.40
CA PRO B 82 3.64 11.30 -0.19
C PRO B 82 4.66 10.74 0.81
N GLY B 83 5.58 11.63 1.19
CA GLY B 83 6.73 11.27 2.01
C GLY B 83 6.54 11.81 3.41
N PRO B 84 7.60 11.84 4.15
CA PRO B 84 7.50 12.37 5.49
C PRO B 84 7.26 13.87 5.40
N VAL B 85 6.76 14.41 6.50
CA VAL B 85 6.49 15.76 6.54
C VAL B 85 7.82 16.49 6.86
N MET B 86 7.99 17.64 6.21
CA MET B 86 9.28 18.36 6.33
C MET B 86 9.08 19.55 7.18
N PRO B 87 10.12 19.86 7.93
CA PRO B 87 10.15 21.10 8.67
C PRO B 87 10.37 22.25 7.71
N ASN B 88 9.82 23.40 8.09
CA ASN B 88 10.01 24.59 7.27
C ASN B 88 11.44 25.05 7.41
N PRO B 89 12.15 25.21 6.30
CA PRO B 89 13.51 25.67 6.44
C PRO B 89 13.62 27.14 6.87
N THR B 90 12.51 27.87 6.72
CA THR B 90 12.58 29.30 7.03
C THR B 90 13.24 29.59 8.34
N PRO B 91 12.84 28.96 9.43
CA PRO B 91 13.49 29.27 10.72
C PRO B 91 14.97 29.00 10.70
N LYS B 92 15.34 27.90 10.01
CA LYS B 92 16.71 27.51 9.96
C LYS B 92 17.52 28.55 9.19
N LEU B 93 16.97 29.06 8.12
CA LEU B 93 17.68 30.13 7.29
C LEU B 93 17.71 31.40 8.13
N LEU B 94 16.66 31.70 8.86
CA LEU B 94 16.70 32.89 9.76
C LEU B 94 17.78 32.69 10.77
N ARG B 95 17.95 31.46 11.23
CA ARG B 95 19.02 31.19 12.25
C ARG B 95 20.41 31.40 11.66
N LEU B 96 20.53 31.23 10.34
CA LEU B 96 21.77 31.40 9.66
C LEU B 96 21.87 32.89 9.31
N GLY B 97 20.92 33.68 9.78
CA GLY B 97 20.99 35.15 9.59
C GLY B 97 20.47 35.58 8.29
N TRP B 98 19.90 34.69 7.49
CA TRP B 98 19.32 35.20 6.24
C TRP B 98 18.24 36.15 6.53
N THR B 99 18.15 37.21 5.74
CA THR B 99 17.00 38.13 5.85
C THR B 99 15.76 37.45 5.23
N GLU B 100 14.58 37.95 5.56
CA GLU B 100 13.40 37.55 4.82
C GLU B 100 13.56 37.78 3.32
N SER B 101 14.20 38.87 2.96
CA SER B 101 14.40 39.17 1.55
CA SER B 101 14.36 39.17 1.56
C SER B 101 15.16 38.08 0.86
N LYS B 102 16.20 37.64 1.52
CA LYS B 102 17.05 36.62 0.91
C LYS B 102 16.29 35.29 0.84
N ILE B 103 15.53 35.01 1.89
CA ILE B 103 14.70 33.83 1.88
C ILE B 103 13.76 33.93 0.72
N GLU B 104 13.15 35.08 0.55
CA GLU B 104 12.20 35.25 -0.59
C GLU B 104 12.92 35.15 -1.89
N GLU B 105 14.20 35.58 -1.99
CA GLU B 105 14.88 35.40 -3.24
C GLU B 105 15.01 33.88 -3.54
N LEU B 106 15.33 33.14 -2.52
CA LEU B 106 15.45 31.69 -2.68
C LEU B 106 14.06 31.18 -3.04
N LYS B 107 13.02 31.61 -2.35
CA LYS B 107 11.69 31.03 -2.67
C LYS B 107 11.31 31.33 -4.10
N THR B 108 11.64 32.54 -4.57
CA THR B 108 11.34 32.89 -5.92
C THR B 108 12.14 31.99 -6.85
N ALA B 109 13.39 31.71 -6.53
CA ALA B 109 14.16 30.90 -7.42
C ALA B 109 13.56 29.49 -7.48
N LEU B 110 13.11 29.01 -6.32
CA LEU B 110 12.44 27.67 -6.29
C LEU B 110 11.19 27.81 -7.15
N ASP B 111 10.44 28.88 -6.98
CA ASP B 111 9.26 28.99 -7.80
C ASP B 111 9.52 28.96 -9.29
N LEU B 112 10.53 29.64 -9.70
CA LEU B 112 10.91 29.66 -11.12
C LEU B 112 11.29 28.26 -11.59
N LEU B 113 12.07 27.55 -10.78
CA LEU B 113 12.45 26.19 -11.13
C LEU B 113 11.22 25.34 -11.17
N ASN B 114 10.35 25.57 -10.23
CA ASN B 114 9.15 24.73 -10.19
C ASN B 114 8.19 25.02 -11.28
N TYR B 115 8.25 26.26 -11.78
CA TYR B 115 7.47 26.53 -12.98
C TYR B 115 8.04 25.78 -14.13
N GLY B 116 9.37 25.90 -14.36
CA GLY B 116 9.93 25.39 -15.60
C GLY B 116 10.08 23.86 -15.60
N ASN B 117 10.39 23.27 -14.47
CA ASN B 117 10.77 21.90 -14.56
C ASN B 117 9.65 21.00 -15.12
N PRO B 118 8.40 21.20 -14.73
CA PRO B 118 7.38 20.38 -15.33
C PRO B 118 7.33 20.57 -16.79
N LYS B 119 7.55 21.82 -17.24
CA LYS B 119 7.53 22.00 -18.67
C LYS B 119 8.71 21.30 -19.36
N TYR B 120 9.83 21.25 -18.69
CA TYR B 120 10.95 20.50 -19.24
C TYR B 120 10.65 19.02 -19.20
N LEU B 121 9.80 18.57 -18.27
CA LEU B 121 9.45 17.18 -18.32
C LEU B 121 8.59 16.95 -19.56
N ILE B 122 7.70 17.87 -19.89
CA ILE B 122 7.00 17.76 -21.18
C ILE B 122 7.97 17.74 -22.30
N LEU B 123 8.93 18.67 -22.25
CA LEU B 123 9.88 18.74 -23.33
C LEU B 123 10.65 17.41 -23.49
N ILE B 124 11.23 16.92 -22.40
CA ILE B 124 12.09 15.75 -22.51
C ILE B 124 11.27 14.53 -22.89
N THR B 125 10.06 14.48 -22.39
CA THR B 125 9.18 13.40 -22.75
C THR B 125 8.87 13.43 -24.23
N ALA B 126 8.55 14.60 -24.76
CA ALA B 126 8.31 14.77 -26.17
C ALA B 126 9.57 14.30 -26.92
N PHE B 127 10.73 14.78 -26.47
CA PHE B 127 11.91 14.45 -27.23
C PHE B 127 12.15 12.96 -27.20
N ASN B 128 12.02 12.39 -26.03
CA ASN B 128 12.41 10.99 -25.87
C ASN B 128 11.44 10.12 -26.56
N GLU B 129 10.16 10.39 -26.40
CA GLU B 129 9.20 9.54 -27.04
C GLU B 129 9.22 9.71 -28.53
N ALA B 130 9.48 10.92 -29.00
CA ALA B 130 9.51 11.05 -30.45
C ALA B 130 10.72 10.41 -31.05
N TRP B 131 11.77 10.29 -30.28
CA TRP B 131 13.02 9.73 -30.75
C TRP B 131 12.76 8.27 -31.11
N HIS B 132 11.86 7.65 -30.36
CA HIS B 132 11.54 6.24 -30.50
C HIS B 132 10.31 6.07 -31.33
N GLU B 133 9.86 7.13 -31.96
CA GLU B 133 8.69 7.09 -32.87
C GLU B 133 7.44 6.76 -32.10
N ARG B 134 7.44 7.01 -30.79
CA ARG B 134 6.28 6.81 -30.04
C ARG B 134 5.44 8.10 -30.12
N ASP B 135 4.27 8.05 -29.53
CA ASP B 135 3.27 9.09 -29.87
C ASP B 135 3.66 10.37 -29.10
N THR B 136 3.91 11.42 -29.89
CA THR B 136 4.08 12.72 -29.32
C THR B 136 3.30 13.72 -30.18
N GLY B 137 2.24 13.27 -30.77
CA GLY B 137 1.38 14.24 -31.45
C GLY B 137 1.03 13.76 -32.84
N GLY B 138 -0.09 14.29 -33.29
CA GLY B 138 -0.53 14.12 -34.64
C GLY B 138 -1.30 12.87 -34.89
N ARG B 139 -1.52 12.05 -33.88
CA ARG B 139 -2.16 10.81 -34.10
C ARG B 139 -3.56 10.99 -33.56
N ALA B 140 -3.82 12.07 -32.80
CA ALA B 140 -5.11 12.18 -32.07
C ALA B 140 -6.24 12.37 -33.07
N PRO B 141 -7.51 12.09 -32.64
CA PRO B 141 -8.64 12.36 -33.59
C PRO B 141 -8.75 13.85 -34.02
N GLN B 142 -8.83 14.73 -33.03
CA GLN B 142 -9.14 16.12 -33.28
C GLN B 142 -7.81 16.92 -33.16
N LYS B 143 -7.64 17.99 -33.91
CA LYS B 143 -6.62 18.94 -33.52
C LYS B 143 -7.04 19.74 -32.26
N LEU B 144 -6.03 20.30 -31.58
CA LEU B 144 -6.34 21.10 -30.41
C LEU B 144 -7.25 22.25 -30.88
N ARG B 145 -8.17 22.69 -30.06
CA ARG B 145 -9.06 23.75 -30.53
C ARG B 145 -9.36 24.53 -29.30
N GLY B 146 -9.80 25.76 -29.47
CA GLY B 146 -10.20 26.52 -28.27
C GLY B 146 -8.97 26.95 -27.49
N ARG B 147 -9.21 27.03 -26.19
CA ARG B 147 -8.23 27.52 -25.33
C ARG B 147 -6.98 26.67 -25.48
N ASP B 148 -7.16 25.36 -25.69
CA ASP B 148 -5.97 24.49 -25.77
C ASP B 148 -4.97 24.97 -26.80
N ALA B 149 -5.48 25.50 -27.90
CA ALA B 149 -4.63 25.81 -29.01
C ALA B 149 -3.85 27.12 -28.86
N GLU B 150 -4.28 28.00 -27.97
CA GLU B 150 -3.69 29.30 -27.86
C GLU B 150 -2.24 29.18 -27.39
N ARG B 151 -1.39 29.98 -27.99
CA ARG B 151 -0.07 30.10 -27.50
C ARG B 151 -0.04 30.84 -26.22
N ILE B 152 0.78 30.34 -25.30
CA ILE B 152 1.08 31.09 -24.11
C ILE B 152 1.91 32.33 -24.47
N PRO B 153 2.13 33.25 -23.54
CA PRO B 153 2.99 34.39 -23.84
C PRO B 153 4.37 33.96 -24.21
N TYR B 154 5.05 34.80 -24.98
CA TYR B 154 6.42 34.50 -25.26
C TYR B 154 7.29 35.36 -24.39
N GLY B 155 8.41 34.85 -23.92
CA GLY B 155 9.33 35.65 -23.15
C GLY B 155 9.24 35.26 -21.70
N LEU B 156 10.24 35.68 -20.93
CA LEU B 156 10.17 35.37 -19.53
C LEU B 156 9.07 36.20 -18.94
N PRO B 157 8.48 35.74 -17.87
CA PRO B 157 7.50 36.57 -17.18
C PRO B 157 8.14 37.84 -16.66
N ASN B 158 7.30 38.86 -16.46
CA ASN B 158 7.75 40.11 -15.91
C ASN B 158 8.44 39.84 -14.64
N SER B 159 9.54 40.57 -14.52
CA SER B 159 10.43 40.66 -13.38
C SER B 159 11.32 39.41 -13.36
N VAL B 160 11.29 38.58 -14.37
CA VAL B 160 12.10 37.41 -14.28
C VAL B 160 13.28 37.62 -15.22
N GLU B 161 14.50 37.39 -14.74
CA GLU B 161 15.69 37.49 -15.54
C GLU B 161 16.23 36.07 -15.56
N LYS B 162 17.06 35.84 -16.52
CA LYS B 162 17.69 34.54 -16.65
C LYS B 162 18.52 34.24 -15.45
N PHE B 163 18.49 32.97 -15.06
CA PHE B 163 19.41 32.58 -14.01
C PHE B 163 20.81 32.54 -14.48
N ASN B 164 21.71 32.67 -13.52
CA ASN B 164 23.12 32.49 -13.81
C ASN B 164 23.52 31.24 -13.11
N LEU B 165 23.89 30.21 -13.84
CA LEU B 165 24.28 28.97 -13.19
C LEU B 165 25.70 29.16 -12.67
N LEU B 166 25.94 28.73 -11.45
CA LEU B 166 27.27 28.84 -10.90
C LEU B 166 28.23 27.96 -11.68
N ASP B 167 29.46 28.43 -11.71
CA ASP B 167 30.50 27.66 -12.36
C ASP B 167 30.99 26.68 -11.33
N ILE B 168 30.79 25.40 -11.61
CA ILE B 168 31.10 24.40 -10.62
C ILE B 168 32.61 24.39 -10.34
N GLU B 169 33.41 24.53 -11.38
CA GLU B 169 34.89 24.54 -11.16
C GLU B 169 35.34 25.67 -10.28
N LYS B 170 34.63 26.78 -10.30
CA LYS B 170 35.04 27.87 -9.48
C LYS B 170 34.36 27.83 -8.15
N ALA B 171 33.48 26.87 -7.91
CA ALA B 171 32.69 26.92 -6.64
C ALA B 171 33.53 26.40 -5.48
N SER B 172 33.10 26.76 -4.29
CA SER B 172 33.72 26.33 -3.07
C SER B 172 33.58 24.86 -2.94
N ASP B 173 34.47 24.30 -2.18
CA ASP B 173 34.31 22.85 -1.85
C ASP B 173 32.98 22.61 -1.24
N ARG B 174 32.49 23.57 -0.44
CA ARG B 174 31.21 23.37 0.22
C ARG B 174 30.12 23.22 -0.86
N THR B 175 30.14 24.06 -1.85
CA THR B 175 29.10 24.04 -2.85
C THR B 175 29.24 22.82 -3.71
N GLN B 176 30.50 22.50 -4.07
CA GLN B 176 30.69 21.32 -4.86
C GLN B 176 30.18 20.13 -4.07
N THR B 177 30.45 20.10 -2.80
CA THR B 177 30.16 18.90 -1.99
C THR B 177 28.64 18.75 -1.96
N VAL B 178 27.94 19.85 -1.68
CA VAL B 178 26.51 19.64 -1.52
C VAL B 178 25.90 19.32 -2.89
N LEU B 179 26.41 19.87 -4.00
CA LEU B 179 25.85 19.53 -5.30
C LEU B 179 26.17 18.05 -5.56
N ARG B 180 27.39 17.63 -5.19
CA ARG B 180 27.72 16.22 -5.42
C ARG B 180 26.84 15.34 -4.54
N ASP B 181 26.59 15.73 -3.32
CA ASP B 181 25.78 14.93 -2.44
C ASP B 181 24.38 14.80 -3.00
N ILE B 182 23.85 15.96 -3.45
CA ILE B 182 22.47 15.91 -3.99
C ILE B 182 22.45 15.07 -5.23
N ARG B 183 23.46 15.22 -6.09
CA ARG B 183 23.55 14.37 -7.26
C ARG B 183 23.51 12.93 -6.85
N ASP B 184 24.41 12.55 -5.95
CA ASP B 184 24.51 11.12 -5.67
C ASP B 184 23.38 10.61 -4.88
N ALA B 185 22.73 11.47 -4.10
CA ALA B 185 21.59 10.97 -3.32
C ALA B 185 20.55 10.38 -4.25
N PHE B 186 20.48 10.91 -5.47
CA PHE B 186 19.42 10.40 -6.35
C PHE B 186 20.02 9.60 -7.45
N LEU B 187 21.29 9.23 -7.35
CA LEU B 187 21.96 8.46 -8.35
C LEU B 187 21.91 9.15 -9.68
N HIS B 188 22.09 10.47 -9.63
CA HIS B 188 22.14 11.22 -10.88
C HIS B 188 23.54 11.41 -11.36
N HIS B 189 23.67 12.09 -12.50
CA HIS B 189 24.97 12.12 -13.19
C HIS B 189 25.59 13.46 -13.00
N GLY B 190 24.78 14.42 -12.61
CA GLY B 190 25.32 15.73 -12.38
C GLY B 190 24.32 16.54 -11.64
N PRO B 191 24.73 17.69 -11.12
CA PRO B 191 23.81 18.60 -10.49
C PRO B 191 22.89 19.22 -11.51
N ALA B 192 21.61 19.17 -11.22
CA ALA B 192 20.68 19.86 -12.07
C ALA B 192 20.97 21.33 -12.11
N SER B 193 20.49 21.96 -13.14
CA SER B 193 20.64 23.40 -13.28
C SER B 193 20.17 24.07 -12.00
N ASP B 194 19.16 23.45 -11.41
CA ASP B 194 18.52 23.98 -10.22
C ASP B 194 19.51 24.15 -9.14
N TYR B 195 20.42 23.20 -9.04
CA TYR B 195 21.35 23.32 -7.98
C TYR B 195 22.56 24.18 -8.36
N ARG B 196 22.79 24.43 -9.62
CA ARG B 196 23.77 25.43 -9.99
C ARG B 196 23.18 26.81 -9.79
N VAL B 197 21.84 26.88 -9.69
CA VAL B 197 21.22 28.12 -9.27
C VAL B 197 21.20 28.22 -7.76
N LEU B 198 20.68 27.21 -7.08
CA LEU B 198 20.53 27.32 -5.65
C LEU B 198 21.84 27.16 -4.91
N GLY B 199 22.83 26.59 -5.57
CA GLY B 199 24.08 26.23 -4.94
C GLY B 199 24.92 27.48 -4.60
N VAL B 200 24.45 28.65 -4.96
CA VAL B 200 25.06 29.86 -4.39
C VAL B 200 24.67 29.95 -2.91
N TRP B 201 23.73 29.11 -2.48
CA TRP B 201 23.35 29.11 -1.07
C TRP B 201 23.56 27.73 -0.61
N PRO B 202 24.78 27.29 -0.39
CA PRO B 202 25.00 25.88 -0.04
C PRO B 202 24.57 25.59 1.39
N ASP B 203 24.46 26.60 2.22
CA ASP B 203 23.97 26.45 3.53
C ASP B 203 22.51 26.02 3.41
N TYR B 204 21.78 26.61 2.47
CA TYR B 204 20.37 26.21 2.32
C TYR B 204 20.42 24.84 1.68
N LEU B 205 21.26 24.57 0.67
CA LEU B 205 21.09 23.26 0.05
C LEU B 205 21.43 22.12 1.01
N GLU B 206 22.29 22.39 1.98
CA GLU B 206 22.54 21.34 2.98
C GLU B 206 21.32 21.07 3.77
N ILE B 207 20.61 22.11 4.08
CA ILE B 207 19.32 21.93 4.77
C ILE B 207 18.34 21.22 3.91
N ALA B 208 18.26 21.62 2.66
CA ALA B 208 17.28 21.01 1.74
C ALA B 208 17.62 19.54 1.62
N LEU B 209 18.90 19.22 1.48
CA LEU B 209 19.24 17.80 1.27
C LEU B 209 18.86 17.06 2.56
N ARG B 210 19.23 17.58 3.75
CA ARG B 210 18.92 16.79 4.93
CA ARG B 210 18.93 16.92 5.03
C ARG B 210 17.43 16.74 5.21
N ASP B 211 16.71 17.83 5.04
CA ASP B 211 15.36 17.87 5.45
C ASP B 211 14.40 17.39 4.43
N SER B 212 14.74 17.61 3.18
CA SER B 212 13.73 17.43 2.18
C SER B 212 14.09 16.34 1.22
N LEU B 213 15.32 16.24 0.77
CA LEU B 213 15.62 15.37 -0.35
C LEU B 213 16.12 14.02 0.16
N ALA B 214 17.14 14.01 1.03
CA ALA B 214 17.64 12.75 1.46
C ALA B 214 16.58 11.83 2.04
N PRO B 215 15.61 12.31 2.80
CA PRO B 215 14.66 11.37 3.35
C PRO B 215 13.79 10.67 2.34
N VAL B 216 13.77 11.16 1.13
CA VAL B 216 12.96 10.54 0.19
C VAL B 216 13.71 10.03 -0.99
N ALA B 217 14.96 10.37 -1.14
CA ALA B 217 15.71 9.95 -2.34
C ALA B 217 15.67 8.43 -2.44
N LEU B 218 15.38 7.98 -3.66
CA LEU B 218 15.43 6.60 -4.06
C LEU B 218 14.31 5.85 -3.41
N SER B 219 13.42 6.51 -2.72
CA SER B 219 12.38 5.75 -2.07
C SER B 219 11.28 5.35 -3.00
N ALA B 220 10.50 4.36 -2.58
CA ALA B 220 9.34 3.96 -3.45
C ALA B 220 8.45 5.16 -3.66
N GLU B 221 8.21 5.97 -2.62
CA GLU B 221 7.35 7.10 -2.78
C GLU B 221 7.82 8.13 -3.78
N TYR B 222 9.11 8.42 -3.75
CA TYR B 222 9.59 9.35 -4.70
C TYR B 222 9.50 8.74 -6.09
N ASP B 223 9.87 7.49 -6.19
CA ASP B 223 9.95 6.96 -7.50
C ASP B 223 8.59 6.72 -8.08
N GLU B 224 7.60 6.45 -7.26
CA GLU B 224 6.26 6.36 -7.73
C GLU B 224 5.73 7.73 -8.14
N THR B 225 6.10 8.79 -7.40
CA THR B 225 5.77 10.11 -7.85
C THR B 225 6.33 10.36 -9.22
N ALA B 226 7.58 9.99 -9.43
CA ALA B 226 8.18 10.25 -10.70
C ALA B 226 7.50 9.47 -11.78
N ARG B 227 7.18 8.22 -11.45
CA ARG B 227 6.45 7.38 -12.44
C ARG B 227 5.14 8.12 -12.79
N ARG B 228 4.44 8.57 -11.77
CA ARG B 228 3.20 9.29 -11.98
C ARG B 228 3.37 10.49 -12.89
N ILE B 229 4.36 11.30 -12.65
CA ILE B 229 4.41 12.50 -13.46
C ILE B 229 5.00 12.17 -14.81
N ARG B 230 5.88 11.18 -14.89
CA ARG B 230 6.34 10.80 -16.20
C ARG B 230 5.16 10.35 -17.05
N LYS B 231 4.27 9.60 -16.41
CA LYS B 231 3.10 9.15 -17.11
C LYS B 231 2.23 10.28 -17.57
N ILE B 232 2.04 11.21 -16.67
CA ILE B 232 1.20 12.36 -17.07
C ILE B 232 1.77 13.03 -18.29
N ALA B 233 3.07 13.21 -18.29
CA ALA B 233 3.72 13.91 -19.38
C ALA B 233 3.58 13.04 -20.61
N ARG B 234 3.77 11.71 -20.48
CA ARG B 234 3.82 10.91 -21.65
C ARG B 234 2.41 10.84 -22.29
N GLU B 235 1.41 10.76 -21.45
CA GLU B 235 0.04 10.78 -21.94
CA GLU B 235 0.05 10.77 -21.97
C GLU B 235 -0.23 12.12 -22.57
N HIS B 236 0.19 13.15 -21.92
CA HIS B 236 -0.11 14.49 -22.38
C HIS B 236 0.37 14.82 -23.72
N VAL B 237 1.58 14.41 -24.05
CA VAL B 237 2.12 14.86 -25.28
C VAL B 237 1.39 14.15 -26.45
N LYS B 238 0.64 13.09 -26.20
CA LYS B 238 -0.09 12.43 -27.32
C LYS B 238 -1.16 13.32 -27.79
N GLY B 239 -1.48 14.33 -27.00
CA GLY B 239 -2.53 15.21 -27.44
C GLY B 239 -2.03 16.33 -28.29
N PHE B 240 -0.70 16.43 -28.57
CA PHE B 240 -0.21 17.49 -29.45
C PHE B 240 -0.68 17.26 -30.88
N ASP B 241 -0.71 18.37 -31.59
CA ASP B 241 -1.22 18.29 -32.98
C ASP B 241 -0.24 17.66 -33.92
N LYS B 242 1.03 17.67 -33.63
CA LYS B 242 1.95 17.00 -34.51
C LYS B 242 3.12 16.55 -33.68
N PRO B 243 3.92 15.65 -34.22
CA PRO B 243 4.93 15.10 -33.41
C PRO B 243 5.82 16.20 -32.83
N ALA B 244 6.28 15.94 -31.65
CA ALA B 244 6.98 16.97 -30.91
C ALA B 244 8.47 16.67 -30.66
N GLY B 245 9.04 15.89 -31.59
CA GLY B 245 10.47 15.69 -31.52
C GLY B 245 10.83 15.05 -32.84
N VAL B 246 12.04 14.51 -32.90
CA VAL B 246 12.49 13.81 -34.09
C VAL B 246 12.85 12.41 -33.76
N ALA B 247 12.60 11.55 -34.75
CA ALA B 247 12.89 10.14 -34.53
C ALA B 247 14.33 9.89 -34.86
N TRP B 248 15.04 9.08 -34.10
CA TRP B 248 16.45 8.83 -34.48
C TRP B 248 16.55 8.13 -35.80
N ARG B 249 15.53 7.35 -36.20
CA ARG B 249 15.64 6.69 -37.53
C ARG B 249 15.58 7.72 -38.62
N ASP B 250 15.15 8.93 -38.30
CA ASP B 250 15.13 9.98 -39.29
C ASP B 250 16.32 10.87 -39.24
N MET B 251 17.20 10.60 -38.32
CA MET B 251 18.36 11.40 -38.04
C MET B 251 19.68 10.80 -38.50
N THR B 252 19.61 9.71 -39.23
CA THR B 252 20.84 8.94 -39.48
C THR B 252 21.70 9.61 -40.51
N GLU B 253 21.20 10.59 -41.21
CA GLU B 253 22.14 11.40 -42.02
C GLU B 253 22.78 12.51 -41.21
N LYS B 254 22.25 12.82 -40.02
CA LYS B 254 22.71 13.92 -39.27
C LYS B 254 23.56 13.51 -38.12
N LEU B 255 23.35 12.28 -37.66
CA LEU B 255 24.02 11.80 -36.47
C LEU B 255 24.64 10.47 -36.77
N SER B 256 25.77 10.22 -36.17
CA SER B 256 26.42 8.95 -36.35
C SER B 256 25.73 7.90 -35.51
N ALA B 257 26.07 6.64 -35.76
CA ALA B 257 25.57 5.56 -34.89
C ALA B 257 25.92 5.87 -33.42
N GLU B 258 27.16 6.28 -33.13
CA GLU B 258 27.58 6.53 -31.82
C GLU B 258 26.74 7.67 -31.20
N GLN B 259 26.48 8.71 -32.00
CA GLN B 259 25.76 9.84 -31.45
C GLN B 259 24.28 9.41 -31.23
N ILE B 260 23.75 8.58 -32.13
CA ILE B 260 22.40 8.14 -31.90
C ILE B 260 22.35 7.35 -30.65
N ALA B 261 23.32 6.47 -30.46
CA ALA B 261 23.29 5.70 -29.21
C ALA B 261 23.46 6.66 -28.02
N GLY B 262 24.37 7.64 -28.08
CA GLY B 262 24.59 8.52 -26.93
C GLY B 262 23.31 9.27 -26.68
N LEU B 263 22.72 9.81 -27.73
CA LEU B 263 21.53 10.66 -27.47
C LEU B 263 20.40 9.79 -26.95
N THR B 264 20.35 8.55 -27.39
CA THR B 264 19.27 7.70 -26.94
C THR B 264 19.43 7.57 -25.44
N GLY B 265 20.64 7.31 -24.97
CA GLY B 265 20.81 7.19 -23.56
C GLY B 265 20.51 8.49 -22.87
N LEU B 266 21.03 9.58 -23.43
CA LEU B 266 20.85 10.83 -22.76
C LEU B 266 19.38 11.17 -22.66
N LEU B 267 18.62 10.92 -23.74
CA LEU B 267 17.22 11.27 -23.66
C LEU B 267 16.57 10.48 -22.58
N PHE B 268 16.87 9.20 -22.49
CA PHE B 268 16.17 8.39 -21.52
C PHE B 268 16.58 8.88 -20.12
N MET B 269 17.89 9.15 -19.95
CA MET B 269 18.37 9.51 -18.62
C MET B 269 17.77 10.84 -18.23
N TYR B 270 17.66 11.74 -19.18
CA TYR B 270 17.11 13.03 -18.80
C TYR B 270 15.62 12.96 -18.62
N ASN B 271 14.95 12.05 -19.32
CA ASN B 271 13.54 11.95 -19.05
C ASN B 271 13.34 11.53 -17.62
N ARG B 272 14.25 10.71 -17.10
CA ARG B 272 14.12 10.44 -15.68
C ARG B 272 14.65 11.54 -14.83
N PHE B 273 15.74 12.15 -15.26
CA PHE B 273 16.34 13.19 -14.45
C PHE B 273 15.39 14.35 -14.21
N ILE B 274 14.77 14.78 -15.29
CA ILE B 274 13.96 15.94 -15.16
C ILE B 274 12.74 15.66 -14.33
N ALA B 275 12.22 14.45 -14.39
CA ALA B 275 11.11 14.18 -13.46
C ALA B 275 11.61 14.23 -12.06
N ASP B 276 12.78 13.62 -11.82
CA ASP B 276 13.22 13.60 -10.46
C ASP B 276 13.50 15.02 -9.95
N ILE B 277 14.05 15.87 -10.81
CA ILE B 277 14.40 17.17 -10.30
C ILE B 277 13.13 17.98 -10.18
N THR B 278 12.17 17.74 -11.07
CA THR B 278 10.88 18.45 -10.91
C THR B 278 10.36 18.23 -9.49
N ILE B 279 10.32 16.96 -9.10
CA ILE B 279 9.82 16.63 -7.81
C ILE B 279 10.67 17.21 -6.72
N ALA B 280 11.98 17.18 -6.90
CA ALA B 280 12.85 17.64 -5.81
C ALA B 280 12.62 19.10 -5.51
N ILE B 281 12.54 19.93 -6.54
CA ILE B 281 12.51 21.32 -6.23
C ILE B 281 11.10 21.71 -5.83
N ILE B 282 10.13 20.94 -6.28
CA ILE B 282 8.78 21.20 -5.75
C ILE B 282 8.74 20.82 -4.28
N ARG B 283 9.46 19.78 -3.93
CA ARG B 283 9.45 19.36 -2.56
C ARG B 283 10.15 20.45 -1.72
N LEU B 284 11.25 21.01 -2.27
CA LEU B 284 11.92 22.03 -1.57
C LEU B 284 10.96 23.21 -1.31
N LYS B 285 10.19 23.64 -2.30
CA LYS B 285 9.30 24.71 -2.02
C LYS B 285 8.19 24.29 -1.06
N GLN B 286 7.77 23.04 -1.18
CA GLN B 286 6.74 22.57 -0.31
C GLN B 286 7.17 22.71 1.13
N ALA B 287 8.48 22.51 1.42
CA ALA B 287 8.91 22.63 2.81
C ALA B 287 8.71 24.06 3.30
N PHE B 288 8.83 25.01 2.41
CA PHE B 288 8.61 26.40 2.79
C PHE B 288 7.15 26.70 2.89
N SER B 289 6.35 26.16 2.00
CA SER B 289 5.01 26.77 1.78
CA SER B 289 5.00 26.74 1.84
C SER B 289 3.84 25.87 1.50
N GLY B 290 4.04 24.59 1.46
CA GLY B 290 2.98 23.61 1.25
C GLY B 290 2.80 23.18 -0.16
N PRO B 291 2.06 22.11 -0.33
CA PRO B 291 2.00 21.48 -1.64
C PRO B 291 1.23 22.38 -2.59
N GLU B 292 0.22 23.08 -2.09
CA GLU B 292 -0.58 23.85 -3.07
C GLU B 292 0.28 25.02 -3.64
N ASP B 293 1.02 25.68 -2.74
CA ASP B 293 1.84 26.73 -3.26
C ASP B 293 2.95 26.20 -4.14
N ALA B 294 3.54 25.07 -3.69
CA ALA B 294 4.72 24.58 -4.38
C ALA B 294 4.35 24.07 -5.78
N THR B 295 3.07 23.68 -5.95
CA THR B 295 2.71 23.10 -7.22
C THR B 295 1.92 24.01 -8.07
N ALA B 296 1.79 25.27 -7.64
CA ALA B 296 0.97 26.20 -8.44
C ALA B 296 1.70 26.65 -9.68
N ASN B 297 0.89 27.01 -10.70
CA ASN B 297 1.49 27.69 -11.82
C ASN B 297 1.44 29.16 -11.45
N LYS B 298 2.62 29.76 -11.24
CA LYS B 298 2.61 31.13 -10.79
C LYS B 298 2.93 32.04 -11.90
N TYR B 299 3.09 31.56 -13.12
CA TYR B 299 3.64 32.44 -14.13
C TYR B 299 2.84 32.48 -15.39
N THR B 300 2.08 31.46 -15.72
CA THR B 300 1.49 31.48 -17.06
C THR B 300 0.07 31.01 -16.84
N ASN B 301 -0.76 31.97 -16.50
CA ASN B 301 -2.14 31.72 -16.20
C ASN B 301 -3.00 32.55 -17.08
N ARG C 4 -40.76 -17.34 12.40
CA ARG C 4 -39.94 -16.98 11.21
C ARG C 4 -38.53 -17.58 11.25
N SER C 5 -38.23 -18.38 10.25
CA SER C 5 -36.90 -18.92 10.12
C SER C 5 -35.86 -17.84 9.97
N VAL C 6 -34.67 -18.31 10.21
CA VAL C 6 -33.59 -17.56 10.26
C VAL C 6 -33.33 -17.06 8.83
N LEU C 7 -33.63 -17.94 7.89
CA LEU C 7 -33.27 -17.59 6.55
C LEU C 7 -34.50 -17.82 5.67
N GLY C 8 -34.84 -16.82 4.84
CA GLY C 8 -35.89 -17.02 3.83
C GLY C 8 -35.40 -17.66 2.54
N SER C 9 -36.31 -18.14 1.71
CA SER C 9 -35.84 -18.60 0.39
C SER C 9 -36.05 -17.40 -0.52
N PHE C 10 -35.05 -17.09 -1.29
CA PHE C 10 -35.14 -15.84 -2.02
C PHE C 10 -35.86 -16.17 -3.33
N PRO C 11 -36.64 -15.25 -3.83
CA PRO C 11 -37.39 -15.56 -5.03
C PRO C 11 -36.57 -15.89 -6.20
N GLN C 12 -36.88 -16.98 -6.84
CA GLN C 12 -36.09 -17.42 -7.97
C GLN C 12 -36.79 -18.59 -8.61
N VAL C 13 -36.39 -18.91 -9.83
CA VAL C 13 -36.85 -20.13 -10.46
C VAL C 13 -35.80 -21.15 -10.13
N ASP C 14 -36.12 -21.97 -9.14
CA ASP C 14 -35.09 -22.96 -8.73
C ASP C 14 -34.94 -23.99 -9.85
N HIS C 15 -33.88 -24.78 -9.79
CA HIS C 15 -33.57 -25.78 -10.84
C HIS C 15 -34.79 -26.61 -11.15
N HIS C 16 -35.46 -27.11 -10.12
CA HIS C 16 -36.62 -28.01 -10.33
C HIS C 16 -37.85 -27.30 -10.76
N GLN C 17 -37.88 -25.96 -10.75
CA GLN C 17 -39.09 -25.23 -11.11
C GLN C 17 -39.06 -24.79 -12.57
N ALA C 18 -37.90 -24.84 -13.22
CA ALA C 18 -37.83 -24.34 -14.55
C ALA C 18 -38.59 -25.37 -15.43
N LYS C 19 -39.38 -24.85 -16.33
CA LYS C 19 -40.18 -25.70 -17.15
C LYS C 19 -39.97 -25.28 -18.56
N GLY C 20 -40.32 -26.17 -19.49
CA GLY C 20 -40.40 -25.67 -20.86
C GLY C 20 -39.10 -25.15 -21.40
N GLN C 21 -39.15 -24.02 -22.10
CA GLN C 21 -37.94 -23.53 -22.75
C GLN C 21 -36.98 -23.07 -21.67
N LEU C 22 -37.52 -22.61 -20.53
CA LEU C 22 -36.58 -22.12 -19.49
C LEU C 22 -35.79 -23.33 -18.96
N ALA C 23 -36.41 -24.49 -18.81
CA ALA C 23 -35.70 -25.65 -18.39
C ALA C 23 -34.63 -26.00 -19.44
N GLU C 24 -34.95 -25.86 -20.71
CA GLU C 24 -33.95 -26.07 -21.76
C GLU C 24 -32.82 -25.10 -21.63
N VAL C 25 -33.13 -23.84 -21.37
CA VAL C 25 -32.08 -22.88 -21.14
C VAL C 25 -31.21 -23.32 -19.96
N TYR C 26 -31.84 -23.68 -18.85
CA TYR C 26 -31.01 -24.13 -17.69
C TYR C 26 -30.13 -25.27 -18.08
N ASP C 27 -30.68 -26.25 -18.83
CA ASP C 27 -29.83 -27.37 -19.14
C ASP C 27 -28.74 -26.96 -20.09
N ASP C 28 -29.06 -26.04 -20.97
CA ASP C 28 -28.07 -25.53 -21.88
C ASP C 28 -26.94 -24.80 -21.12
N ILE C 29 -27.31 -24.07 -20.07
CA ILE C 29 -26.27 -23.39 -19.29
C ILE C 29 -25.45 -24.44 -18.63
N HIS C 30 -26.10 -25.43 -18.00
CA HIS C 30 -25.27 -26.45 -17.38
C HIS C 30 -24.32 -27.00 -18.40
N ASN C 31 -24.82 -27.38 -19.59
CA ASN C 31 -23.99 -28.11 -20.52
C ASN C 31 -23.01 -27.21 -21.28
N THR C 32 -23.38 -25.97 -21.53
CA THR C 32 -22.47 -25.16 -22.29
C THR C 32 -21.34 -24.75 -21.37
N MET C 33 -21.73 -24.36 -20.15
CA MET C 33 -20.68 -23.90 -19.20
C MET C 33 -20.00 -25.07 -18.51
N ARG C 34 -20.60 -26.26 -18.58
CA ARG C 34 -20.03 -27.48 -18.06
C ARG C 34 -20.08 -27.37 -16.54
N VAL C 35 -21.20 -26.86 -16.05
CA VAL C 35 -21.28 -26.63 -14.56
C VAL C 35 -22.46 -27.33 -14.04
N PRO C 36 -22.36 -27.90 -12.85
CA PRO C 36 -23.43 -28.69 -12.27
C PRO C 36 -24.42 -27.89 -11.52
N TRP C 37 -24.50 -26.57 -11.75
CA TRP C 37 -25.60 -25.79 -11.19
C TRP C 37 -25.82 -24.62 -12.08
N VAL C 38 -27.06 -24.14 -12.08
CA VAL C 38 -27.41 -22.87 -12.74
C VAL C 38 -27.25 -21.84 -11.62
N ALA C 39 -26.47 -20.81 -11.86
CA ALA C 39 -26.13 -19.91 -10.75
C ALA C 39 -27.39 -19.23 -10.29
N PHE C 40 -27.29 -18.76 -9.07
CA PHE C 40 -28.40 -18.13 -8.37
C PHE C 40 -28.83 -16.90 -9.10
N GLY C 41 -27.89 -16.17 -9.65
CA GLY C 41 -28.31 -14.98 -10.45
C GLY C 41 -29.20 -15.30 -11.61
N ILE C 42 -28.84 -16.35 -12.31
CA ILE C 42 -29.67 -16.78 -13.42
C ILE C 42 -31.02 -17.22 -12.87
N ARG C 43 -31.03 -17.98 -11.79
CA ARG C 43 -32.30 -18.47 -11.30
C ARG C 43 -33.20 -17.36 -10.84
N VAL C 44 -32.59 -16.33 -10.26
CA VAL C 44 -33.42 -15.19 -9.84
C VAL C 44 -33.89 -14.41 -11.07
N MET C 45 -32.99 -14.11 -11.97
CA MET C 45 -33.35 -13.32 -13.13
C MET C 45 -34.30 -14.07 -14.05
N SER C 46 -34.30 -15.40 -13.95
CA SER C 46 -35.16 -16.19 -14.84
C SER C 46 -36.61 -16.10 -14.45
N GLN C 47 -36.89 -15.47 -13.31
CA GLN C 47 -38.32 -15.22 -13.01
C GLN C 47 -38.87 -14.18 -13.95
N PHE C 48 -38.04 -13.37 -14.58
CA PHE C 48 -38.55 -12.36 -15.50
C PHE C 48 -38.72 -12.97 -16.85
N PRO C 49 -39.69 -12.45 -17.60
CA PRO C 49 -39.79 -13.03 -18.93
C PRO C 49 -38.60 -12.61 -19.78
N HIS C 50 -38.31 -13.42 -20.79
CA HIS C 50 -37.43 -13.10 -21.89
C HIS C 50 -36.01 -12.87 -21.61
N PHE C 51 -35.68 -12.25 -20.51
CA PHE C 51 -34.35 -11.76 -20.40
C PHE C 51 -33.31 -12.89 -20.41
N ILE C 52 -33.49 -13.83 -19.49
CA ILE C 52 -32.47 -14.84 -19.36
C ILE C 52 -32.36 -15.65 -20.68
N PRO C 53 -33.48 -16.11 -21.24
CA PRO C 53 -33.35 -16.83 -22.54
C PRO C 53 -32.68 -15.98 -23.57
N ASP C 54 -33.05 -14.70 -23.70
CA ASP C 54 -32.44 -13.86 -24.77
C ASP C 54 -30.98 -13.60 -24.54
N ALA C 55 -30.68 -13.30 -23.26
CA ALA C 55 -29.34 -12.91 -22.99
C ALA C 55 -28.49 -14.16 -23.11
N TRP C 56 -28.99 -15.28 -22.64
CA TRP C 56 -28.21 -16.52 -22.78
C TRP C 56 -27.97 -16.85 -24.23
N ALA C 57 -28.99 -16.65 -25.06
CA ALA C 57 -28.83 -16.91 -26.52
C ALA C 57 -27.68 -16.11 -27.07
N ALA C 58 -27.53 -14.83 -26.65
CA ALA C 58 -26.42 -14.02 -27.11
C ALA C 58 -25.09 -14.44 -26.53
N LEU C 59 -25.13 -14.90 -25.28
CA LEU C 59 -23.89 -15.24 -24.60
C LEU C 59 -23.36 -16.57 -25.07
N LYS C 60 -24.23 -17.50 -25.32
CA LYS C 60 -23.79 -18.88 -25.46
C LYS C 60 -22.65 -19.01 -26.46
N PRO C 61 -22.77 -18.48 -27.68
CA PRO C 61 -21.71 -18.71 -28.69
C PRO C 61 -20.41 -18.07 -28.23
N ASN C 62 -20.51 -17.10 -27.33
CA ASN C 62 -19.33 -16.45 -26.84
C ASN C 62 -18.78 -17.17 -25.66
N ILE C 63 -19.63 -17.68 -24.78
CA ILE C 63 -18.98 -18.27 -23.58
C ILE C 63 -18.55 -19.72 -23.82
N GLU C 64 -19.00 -20.29 -24.93
CA GLU C 64 -18.63 -21.68 -25.16
C GLU C 64 -17.26 -21.77 -25.78
N THR C 65 -16.59 -20.65 -26.07
CA THR C 65 -15.31 -20.73 -26.68
C THR C 65 -14.14 -20.90 -25.70
N ARG C 66 -13.08 -21.42 -26.23
CA ARG C 66 -11.87 -21.50 -25.44
C ARG C 66 -11.39 -20.10 -25.04
N TYR C 67 -11.62 -19.11 -25.90
CA TYR C 67 -11.29 -17.76 -25.50
C TYR C 67 -12.06 -17.44 -24.19
N ALA C 68 -13.36 -17.70 -24.14
CA ALA C 68 -14.06 -17.41 -22.90
C ALA C 68 -13.50 -18.22 -21.76
N GLU C 69 -13.13 -19.47 -22.01
CA GLU C 69 -12.67 -20.35 -20.98
C GLU C 69 -11.39 -19.74 -20.42
N ASP C 70 -10.55 -19.23 -21.31
CA ASP C 70 -9.28 -18.65 -20.89
C ASP C 70 -9.58 -17.44 -20.03
N GLY C 71 -10.66 -16.75 -20.32
CA GLY C 71 -11.06 -15.57 -19.51
C GLY C 71 -11.41 -16.04 -18.12
N ALA C 72 -12.23 -17.08 -18.07
CA ALA C 72 -12.62 -17.59 -16.75
C ALA C 72 -11.37 -18.09 -16.03
N ASP C 73 -10.44 -18.72 -16.75
CA ASP C 73 -9.19 -19.08 -16.06
C ASP C 73 -8.43 -17.87 -15.54
N LEU C 74 -8.38 -16.77 -16.32
CA LEU C 74 -7.64 -15.60 -15.76
C LEU C 74 -8.37 -15.14 -14.51
N ILE C 75 -9.71 -15.16 -14.52
CA ILE C 75 -10.40 -14.72 -13.30
C ILE C 75 -10.03 -15.65 -12.18
N ARG C 76 -10.09 -16.96 -12.49
CA ARG C 76 -9.89 -17.92 -11.43
C ARG C 76 -8.51 -17.75 -10.84
N LEU C 77 -7.51 -17.64 -11.74
CA LEU C 77 -6.14 -17.52 -11.30
C LEU C 77 -5.95 -16.30 -10.49
N ASN C 78 -6.79 -15.30 -10.66
CA ASN C 78 -6.55 -13.98 -9.98
C ASN C 78 -7.46 -13.76 -8.80
N SER C 79 -8.08 -14.85 -8.33
CA SER C 79 -9.12 -14.69 -7.34
C SER C 79 -8.58 -14.89 -5.95
N ILE C 80 -7.27 -15.04 -5.80
CA ILE C 80 -6.88 -15.23 -4.41
C ILE C 80 -6.78 -13.86 -3.71
N VAL C 81 -7.24 -13.83 -2.47
CA VAL C 81 -7.17 -12.59 -1.69
C VAL C 81 -5.84 -12.60 -0.96
N PRO C 82 -5.12 -11.49 -1.02
CA PRO C 82 -3.84 -11.41 -0.32
C PRO C 82 -4.21 -11.10 1.14
N GLY C 83 -4.81 -12.11 1.76
CA GLY C 83 -5.35 -11.99 3.07
C GLY C 83 -4.48 -12.77 4.06
N PRO C 84 -5.02 -13.01 5.21
CA PRO C 84 -4.28 -13.74 6.21
C PRO C 84 -4.20 -15.16 5.73
N VAL C 85 -3.28 -15.88 6.28
CA VAL C 85 -3.10 -17.24 5.92
C VAL C 85 -4.04 -18.08 6.74
N MET C 86 -4.63 -19.06 6.05
CA MET C 86 -5.70 -19.85 6.69
C MET C 86 -5.21 -21.17 7.14
N PRO C 87 -5.71 -21.62 8.27
CA PRO C 87 -5.40 -23.01 8.59
C PRO C 87 -6.23 -23.96 7.72
N ASN C 88 -5.69 -25.18 7.60
CA ASN C 88 -6.34 -26.17 6.77
C ASN C 88 -7.49 -26.69 7.60
N PRO C 89 -8.69 -26.82 7.01
CA PRO C 89 -9.80 -27.27 7.83
C PRO C 89 -9.78 -28.77 8.02
N THR C 90 -8.90 -29.41 7.30
CA THR C 90 -8.88 -30.91 7.28
C THR C 90 -8.76 -31.47 8.67
N PRO C 91 -7.78 -31.01 9.46
CA PRO C 91 -7.74 -31.66 10.75
C PRO C 91 -8.98 -31.44 11.55
N LYS C 92 -9.65 -30.28 11.41
CA LYS C 92 -10.79 -30.06 12.18
C LYS C 92 -11.88 -30.97 11.75
N LEU C 93 -12.02 -31.11 10.42
CA LEU C 93 -13.06 -31.99 9.90
C LEU C 93 -12.75 -33.43 10.28
N LEU C 94 -11.47 -33.77 10.24
CA LEU C 94 -11.13 -35.16 10.68
C LEU C 94 -11.47 -35.36 12.13
N ARG C 95 -11.20 -34.38 12.94
CA ARG C 95 -11.44 -34.54 14.34
C ARG C 95 -12.93 -34.63 14.61
N LEU C 96 -13.75 -34.00 13.76
CA LEU C 96 -15.20 -34.12 13.85
C LEU C 96 -15.68 -35.43 13.33
N GLY C 97 -14.77 -36.29 12.88
CA GLY C 97 -15.16 -37.58 12.40
C GLY C 97 -15.57 -37.60 11.00
N TRP C 98 -15.26 -36.52 10.26
CA TRP C 98 -15.47 -36.73 8.84
C TRP C 98 -14.54 -37.76 8.34
N THR C 99 -14.98 -38.51 7.38
CA THR C 99 -14.07 -39.45 6.72
C THR C 99 -13.29 -38.76 5.63
N GLU C 100 -12.24 -39.43 5.16
CA GLU C 100 -11.52 -38.93 4.02
C GLU C 100 -12.40 -38.84 2.86
N SER C 101 -13.31 -39.80 2.66
CA SER C 101 -14.16 -39.73 1.51
C SER C 101 -15.09 -38.52 1.54
N LYS C 102 -15.54 -38.18 2.73
CA LYS C 102 -16.51 -37.09 2.89
C LYS C 102 -15.73 -35.79 2.65
N ILE C 103 -14.54 -35.74 3.18
CA ILE C 103 -13.68 -34.53 2.92
C ILE C 103 -13.45 -34.41 1.45
N GLU C 104 -13.20 -35.52 0.75
CA GLU C 104 -12.96 -35.40 -0.67
C GLU C 104 -14.22 -35.01 -1.40
N GLU C 105 -15.36 -35.41 -0.88
CA GLU C 105 -16.60 -35.05 -1.50
C GLU C 105 -16.76 -33.49 -1.42
N LEU C 106 -16.38 -32.97 -0.27
CA LEU C 106 -16.47 -31.54 -0.06
C LEU C 106 -15.46 -30.91 -1.01
N LYS C 107 -14.23 -31.39 -1.06
CA LYS C 107 -13.19 -30.75 -1.90
C LYS C 107 -13.61 -30.80 -3.35
N THR C 108 -14.26 -31.88 -3.78
CA THR C 108 -14.76 -31.94 -5.12
C THR C 108 -15.83 -30.95 -5.36
N ALA C 109 -16.70 -30.77 -4.37
CA ALA C 109 -17.75 -29.77 -4.51
C ALA C 109 -17.11 -28.41 -4.64
N LEU C 110 -16.09 -28.13 -3.84
CA LEU C 110 -15.49 -26.81 -3.93
C LEU C 110 -14.85 -26.68 -5.29
N ASP C 111 -14.21 -27.74 -5.76
CA ASP C 111 -13.57 -27.60 -7.06
C ASP C 111 -14.58 -27.34 -8.14
N LEU C 112 -15.72 -27.97 -8.03
CA LEU C 112 -16.71 -27.77 -9.07
C LEU C 112 -17.19 -26.34 -9.04
N LEU C 113 -17.39 -25.87 -7.81
CA LEU C 113 -17.83 -24.50 -7.70
C LEU C 113 -16.76 -23.57 -8.25
N ASN C 114 -15.49 -23.83 -7.94
CA ASN C 114 -14.45 -22.93 -8.35
C ASN C 114 -14.21 -22.99 -9.81
N TYR C 115 -14.62 -24.09 -10.41
CA TYR C 115 -14.56 -24.12 -11.85
C TYR C 115 -15.64 -23.21 -12.41
N GLY C 116 -16.87 -23.38 -11.94
CA GLY C 116 -17.99 -22.69 -12.57
C GLY C 116 -18.00 -21.19 -12.24
N ASN C 117 -17.67 -20.85 -11.01
CA ASN C 117 -17.98 -19.43 -10.64
C ASN C 117 -17.25 -18.44 -11.50
N PRO C 118 -15.98 -18.68 -11.86
CA PRO C 118 -15.37 -17.70 -12.74
C PRO C 118 -16.13 -17.58 -14.04
N LYS C 119 -16.64 -18.71 -14.49
CA LYS C 119 -17.31 -18.61 -15.78
C LYS C 119 -18.58 -17.86 -15.55
N TYR C 120 -19.23 -18.05 -14.40
CA TYR C 120 -20.39 -17.26 -14.12
C TYR C 120 -20.11 -15.75 -13.99
N LEU C 121 -18.86 -15.44 -13.59
CA LEU C 121 -18.53 -14.01 -13.59
C LEU C 121 -18.40 -13.52 -15.01
N ILE C 122 -17.83 -14.32 -15.91
CA ILE C 122 -17.91 -13.99 -17.36
C ILE C 122 -19.33 -13.79 -17.75
N LEU C 123 -20.21 -14.73 -17.38
CA LEU C 123 -21.64 -14.68 -17.81
C LEU C 123 -22.29 -13.42 -17.32
N ILE C 124 -22.12 -13.13 -16.02
CA ILE C 124 -22.86 -12.04 -15.48
C ILE C 124 -22.28 -10.72 -15.99
N THR C 125 -20.93 -10.68 -16.18
CA THR C 125 -20.34 -9.50 -16.74
C THR C 125 -20.92 -9.25 -18.12
N ALA C 126 -20.94 -10.29 -18.92
CA ALA C 126 -21.44 -10.14 -20.28
C ALA C 126 -22.88 -9.63 -20.15
N PHE C 127 -23.67 -10.27 -19.33
CA PHE C 127 -25.05 -9.83 -19.22
C PHE C 127 -25.15 -8.42 -18.83
N ASN C 128 -24.46 -8.06 -17.78
CA ASN C 128 -24.65 -6.72 -17.25
C ASN C 128 -24.13 -5.68 -18.16
N GLU C 129 -22.98 -5.92 -18.80
CA GLU C 129 -22.37 -4.89 -19.63
C GLU C 129 -23.18 -4.80 -20.88
N ALA C 130 -23.68 -5.94 -21.34
CA ALA C 130 -24.50 -5.83 -22.54
C ALA C 130 -25.83 -5.16 -22.27
N TRP C 131 -26.33 -5.28 -21.05
CA TRP C 131 -27.57 -4.64 -20.73
C TRP C 131 -27.46 -3.17 -20.89
N HIS C 132 -26.24 -2.64 -20.62
CA HIS C 132 -26.01 -1.22 -20.71
C HIS C 132 -25.40 -0.76 -21.99
N GLU C 133 -25.35 -1.64 -22.98
CA GLU C 133 -24.78 -1.38 -24.30
C GLU C 133 -23.31 -1.16 -24.25
N ARG C 134 -22.67 -1.60 -23.18
CA ARG C 134 -21.25 -1.54 -23.13
C ARG C 134 -20.66 -2.77 -23.81
N ASP C 135 -19.35 -2.76 -23.94
CA ASP C 135 -18.73 -3.69 -24.89
C ASP C 135 -18.69 -5.08 -24.35
N THR C 136 -19.40 -5.97 -25.06
CA THR C 136 -19.30 -7.41 -24.73
C THR C 136 -19.10 -8.20 -25.98
N GLY C 137 -18.57 -7.55 -26.98
CA GLY C 137 -18.19 -8.31 -28.14
C GLY C 137 -18.60 -7.56 -29.42
N GLY C 138 -17.90 -7.95 -30.49
CA GLY C 138 -18.33 -7.43 -31.81
C GLY C 138 -17.67 -6.13 -32.14
N ARG C 139 -16.82 -5.58 -31.27
CA ARG C 139 -16.26 -4.24 -31.56
C ARG C 139 -14.79 -4.44 -31.82
N ALA C 140 -14.32 -5.66 -31.60
CA ALA C 140 -12.90 -5.96 -31.63
C ALA C 140 -12.48 -5.95 -33.11
N PRO C 141 -11.16 -5.69 -33.36
CA PRO C 141 -10.64 -5.65 -34.75
C PRO C 141 -10.74 -6.99 -35.50
N GLN C 142 -10.29 -8.08 -34.85
CA GLN C 142 -10.27 -9.42 -35.46
C GLN C 142 -11.41 -10.20 -34.82
N LYS C 143 -12.07 -11.08 -35.59
CA LYS C 143 -12.82 -12.16 -34.99
C LYS C 143 -11.83 -13.12 -34.26
N LEU C 144 -12.34 -13.80 -33.24
CA LEU C 144 -11.51 -14.83 -32.64
C LEU C 144 -11.05 -15.82 -33.74
N ARG C 145 -9.83 -16.29 -33.62
CA ARG C 145 -9.33 -17.20 -34.63
C ARG C 145 -8.66 -18.29 -33.84
N GLY C 146 -8.49 -19.45 -34.44
CA GLY C 146 -7.58 -20.40 -33.85
C GLY C 146 -8.18 -21.03 -32.60
N ARG C 147 -7.29 -21.35 -31.64
CA ARG C 147 -7.66 -22.03 -30.41
C ARG C 147 -8.81 -21.26 -29.75
N ASP C 148 -8.73 -19.94 -29.83
CA ASP C 148 -9.66 -19.12 -29.08
C ASP C 148 -11.04 -19.38 -29.53
N ALA C 149 -11.20 -19.63 -30.84
CA ALA C 149 -12.55 -19.75 -31.31
C ALA C 149 -13.19 -21.10 -31.04
N GLU C 150 -12.41 -22.13 -30.72
CA GLU C 150 -12.92 -23.46 -30.59
C GLU C 150 -13.88 -23.57 -29.44
N ARG C 151 -15.00 -24.24 -29.66
CA ARG C 151 -15.87 -24.54 -28.52
C ARG C 151 -15.26 -25.53 -27.59
N ILE C 152 -15.47 -25.30 -26.28
CA ILE C 152 -15.07 -26.26 -25.35
C ILE C 152 -16.08 -27.42 -25.49
N PRO C 153 -15.87 -28.51 -24.75
CA PRO C 153 -16.82 -29.62 -24.84
C PRO C 153 -18.14 -29.17 -24.29
N TYR C 154 -19.17 -29.89 -24.70
CA TYR C 154 -20.49 -29.62 -24.21
C TYR C 154 -20.81 -30.66 -23.21
N GLY C 155 -21.44 -30.29 -22.14
CA GLY C 155 -21.86 -31.23 -21.16
C GLY C 155 -21.04 -31.15 -19.89
N LEU C 156 -21.55 -31.78 -18.84
CA LEU C 156 -20.77 -31.79 -17.63
C LEU C 156 -19.53 -32.68 -17.84
N PRO C 157 -18.45 -32.37 -17.16
CA PRO C 157 -17.26 -33.22 -17.24
C PRO C 157 -17.57 -34.61 -16.77
N ASN C 158 -16.72 -35.58 -17.21
CA ASN C 158 -16.85 -36.95 -16.82
C ASN C 158 -16.90 -36.94 -15.31
N SER C 159 -17.87 -37.66 -14.81
CA SER C 159 -18.01 -37.98 -13.37
C SER C 159 -18.68 -36.84 -12.64
N VAL C 160 -19.12 -35.83 -13.37
CA VAL C 160 -19.76 -34.75 -12.61
C VAL C 160 -21.24 -34.88 -12.78
N GLU C 161 -21.98 -34.80 -11.68
CA GLU C 161 -23.41 -34.74 -11.87
C GLU C 161 -23.88 -33.40 -11.34
N LYS C 162 -25.10 -33.11 -11.64
CA LYS C 162 -25.62 -31.84 -11.17
C LYS C 162 -25.73 -31.80 -9.70
N PHE C 163 -25.46 -30.62 -9.14
CA PHE C 163 -25.69 -30.42 -7.72
C PHE C 163 -27.15 -30.35 -7.37
N ASN C 164 -27.45 -30.76 -6.15
CA ASN C 164 -28.78 -30.66 -5.64
C ASN C 164 -28.66 -29.60 -4.61
N LEU C 165 -29.29 -28.47 -4.86
CA LEU C 165 -29.21 -27.38 -3.91
C LEU C 165 -30.17 -27.69 -2.79
N LEU C 166 -29.76 -27.47 -1.57
CA LEU C 166 -30.65 -27.76 -0.43
C LEU C 166 -31.79 -26.80 -0.39
N ASP C 167 -32.89 -27.30 0.15
CA ASP C 167 -34.08 -26.49 0.20
C ASP C 167 -33.97 -25.77 1.54
N ILE C 168 -33.84 -24.46 1.48
CA ILE C 168 -33.54 -23.69 2.63
C ILE C 168 -34.68 -23.78 3.64
N GLU C 169 -35.92 -23.80 3.14
CA GLU C 169 -37.04 -23.91 4.07
C GLU C 169 -37.04 -25.21 4.84
N LYS C 170 -36.50 -26.25 4.28
CA LYS C 170 -36.48 -27.51 4.91
C LYS C 170 -35.21 -27.65 5.71
N ALA C 171 -34.30 -26.70 5.61
CA ALA C 171 -32.94 -26.89 6.22
C ALA C 171 -33.03 -26.71 7.73
N SER C 172 -32.03 -27.24 8.42
CA SER C 172 -31.97 -27.07 9.85
C SER C 172 -31.70 -25.64 10.18
N ASP C 173 -31.99 -25.27 11.39
CA ASP C 173 -31.67 -23.95 11.85
C ASP C 173 -30.16 -23.79 11.72
N ARG C 174 -29.41 -24.85 12.00
CA ARG C 174 -27.96 -24.68 11.92
C ARG C 174 -27.54 -24.32 10.48
N THR C 175 -28.08 -24.99 9.49
CA THR C 175 -27.72 -24.69 8.09
C THR C 175 -28.23 -23.32 7.72
N GLN C 176 -29.48 -23.01 8.14
CA GLN C 176 -30.02 -21.65 7.78
C GLN C 176 -29.11 -20.60 8.40
N THR C 177 -28.66 -20.87 9.63
CA THR C 177 -27.92 -19.89 10.34
C THR C 177 -26.59 -19.65 9.67
N VAL C 178 -25.90 -20.73 9.28
CA VAL C 178 -24.59 -20.50 8.72
C VAL C 178 -24.72 -19.90 7.33
N LEU C 179 -25.77 -20.26 6.62
CA LEU C 179 -26.01 -19.59 5.33
C LEU C 179 -26.29 -18.13 5.57
N ARG C 180 -27.13 -17.82 6.55
CA ARG C 180 -27.46 -16.45 6.78
C ARG C 180 -26.22 -15.72 7.20
N ASP C 181 -25.41 -16.35 8.03
CA ASP C 181 -24.22 -15.61 8.53
C ASP C 181 -23.27 -15.32 7.38
N ILE C 182 -23.07 -16.33 6.52
CA ILE C 182 -22.17 -16.16 5.37
C ILE C 182 -22.77 -15.09 4.44
N ARG C 183 -24.05 -15.16 4.22
CA ARG C 183 -24.70 -14.10 3.41
C ARG C 183 -24.43 -12.73 4.02
N ASP C 184 -24.64 -12.57 5.34
CA ASP C 184 -24.55 -11.21 5.88
C ASP C 184 -23.14 -10.83 6.06
N ALA C 185 -22.19 -11.75 6.21
CA ALA C 185 -20.80 -11.37 6.39
C ALA C 185 -20.36 -10.59 5.21
N PHE C 186 -20.96 -10.90 4.05
CA PHE C 186 -20.59 -10.18 2.84
C PHE C 186 -21.60 -9.23 2.31
N LEU C 187 -22.57 -8.91 3.16
CA LEU C 187 -23.65 -8.00 2.86
C LEU C 187 -24.30 -8.46 1.57
N HIS C 188 -24.53 -9.75 1.48
CA HIS C 188 -25.25 -10.26 0.32
C HIS C 188 -26.68 -10.44 0.55
N HIS C 189 -27.40 -10.79 -0.49
CA HIS C 189 -28.83 -10.83 -0.39
C HIS C 189 -29.33 -12.21 -0.15
N GLY C 190 -28.51 -13.22 -0.38
CA GLY C 190 -28.98 -14.62 -0.19
C GLY C 190 -27.77 -15.48 -0.21
N PRO C 191 -27.92 -16.74 0.14
CA PRO C 191 -26.81 -17.67 0.07
C PRO C 191 -26.59 -17.99 -1.40
N ALA C 192 -25.34 -17.97 -1.78
CA ALA C 192 -25.00 -18.41 -3.14
C ALA C 192 -25.42 -19.84 -3.28
N SER C 193 -25.56 -20.20 -4.54
CA SER C 193 -25.81 -21.64 -4.83
C SER C 193 -24.80 -22.49 -4.11
N ASP C 194 -23.58 -22.00 -4.04
CA ASP C 194 -22.48 -22.74 -3.44
C ASP C 194 -22.83 -23.13 -2.02
N TYR C 195 -23.50 -22.25 -1.27
CA TYR C 195 -23.77 -22.57 0.08
C TYR C 195 -25.04 -23.41 0.21
N ARG C 196 -25.88 -23.43 -0.80
CA ARG C 196 -27.00 -24.42 -0.83
C ARG C 196 -26.49 -25.80 -1.30
N VAL C 197 -25.25 -25.80 -1.76
CA VAL C 197 -24.49 -27.05 -1.93
C VAL C 197 -23.74 -27.45 -0.73
N LEU C 198 -22.89 -26.57 -0.26
CA LEU C 198 -22.07 -26.90 0.88
C LEU C 198 -22.80 -26.87 2.21
N GLY C 199 -24.00 -26.35 2.22
CA GLY C 199 -24.70 -26.15 3.46
C GLY C 199 -25.26 -27.45 3.94
N VAL C 200 -25.10 -28.52 3.19
CA VAL C 200 -25.46 -29.83 3.81
C VAL C 200 -24.37 -30.20 4.85
N TRP C 201 -23.28 -29.46 4.86
CA TRP C 201 -22.19 -29.65 5.84
C TRP C 201 -22.07 -28.34 6.56
N PRO C 202 -23.03 -28.01 7.41
CA PRO C 202 -22.95 -26.70 8.01
C PRO C 202 -21.82 -26.66 9.03
N ASP C 203 -21.40 -27.85 9.49
CA ASP C 203 -20.24 -27.90 10.36
C ASP C 203 -19.02 -27.38 9.64
N TYR C 204 -18.87 -27.78 8.42
CA TYR C 204 -17.77 -27.31 7.63
C TYR C 204 -17.98 -25.80 7.35
N LEU C 205 -19.18 -25.41 6.96
CA LEU C 205 -19.31 -24.00 6.60
C LEU C 205 -19.05 -23.11 7.80
N GLU C 206 -19.34 -23.58 9.01
CA GLU C 206 -19.04 -22.75 10.14
C GLU C 206 -17.56 -22.58 10.27
N ILE C 207 -16.82 -23.65 10.04
CA ILE C 207 -15.40 -23.57 10.05
C ILE C 207 -14.91 -22.67 8.95
N ALA C 208 -15.51 -22.81 7.79
CA ALA C 208 -15.02 -22.03 6.63
C ALA C 208 -15.31 -20.56 6.96
N LEU C 209 -16.49 -20.29 7.52
CA LEU C 209 -16.82 -18.88 7.82
C LEU C 209 -15.82 -18.32 8.80
N ARG C 210 -15.59 -19.05 9.89
CA ARG C 210 -14.67 -18.46 10.89
C ARG C 210 -13.24 -18.41 10.35
N ASP C 211 -12.79 -19.44 9.65
CA ASP C 211 -11.43 -19.51 9.28
C ASP C 211 -11.08 -18.77 8.02
N SER C 212 -11.99 -18.80 7.08
CA SER C 212 -11.61 -18.37 5.76
C SER C 212 -12.36 -17.15 5.34
N LEU C 213 -13.64 -17.02 5.65
CA LEU C 213 -14.38 -15.98 5.03
C LEU C 213 -14.53 -14.76 5.95
N ALA C 214 -14.89 -14.97 7.22
CA ALA C 214 -15.07 -13.80 8.03
C ALA C 214 -13.85 -12.96 8.12
N PRO C 215 -12.68 -13.54 8.18
CA PRO C 215 -11.52 -12.68 8.36
C PRO C 215 -11.25 -11.75 7.19
N VAL C 216 -11.85 -12.05 6.05
CA VAL C 216 -11.55 -11.20 4.90
C VAL C 216 -12.82 -10.54 4.43
N ALA C 217 -14.00 -10.90 4.91
CA ALA C 217 -15.24 -10.33 4.32
C ALA C 217 -15.18 -8.79 4.48
N LEU C 218 -15.55 -8.11 3.44
CA LEU C 218 -15.73 -6.64 3.38
C LEU C 218 -14.42 -5.94 3.54
N SER C 219 -13.34 -6.69 3.48
CA SER C 219 -12.07 -6.06 3.63
C SER C 219 -11.59 -5.42 2.37
N ALA C 220 -10.67 -4.48 2.53
CA ALA C 220 -10.04 -3.92 1.30
C ALA C 220 -9.42 -4.98 0.43
N GLU C 221 -8.79 -6.02 1.02
CA GLU C 221 -8.12 -6.98 0.20
C GLU C 221 -9.14 -7.80 -0.58
N TYR C 222 -10.23 -8.10 0.10
CA TYR C 222 -11.21 -8.90 -0.59
C TYR C 222 -11.82 -8.05 -1.70
N ASP C 223 -12.14 -6.82 -1.38
CA ASP C 223 -12.81 -6.02 -2.38
C ASP C 223 -11.92 -5.71 -3.53
N GLU C 224 -10.66 -5.55 -3.29
CA GLU C 224 -9.73 -5.31 -4.35
C GLU C 224 -9.55 -6.56 -5.23
N THR C 225 -9.57 -7.72 -4.62
CA THR C 225 -9.59 -8.94 -5.40
C THR C 225 -10.81 -8.98 -6.28
N ALA C 226 -11.94 -8.64 -5.71
CA ALA C 226 -13.13 -8.67 -6.53
C ALA C 226 -13.01 -7.63 -7.63
N ARG C 227 -12.49 -6.44 -7.33
CA ARG C 227 -12.35 -5.46 -8.40
C ARG C 227 -11.49 -6.02 -9.48
N ARG C 228 -10.42 -6.66 -9.05
CA ARG C 228 -9.47 -7.15 -10.02
C ARG C 228 -10.14 -8.19 -10.92
N ILE C 229 -10.95 -9.09 -10.35
CA ILE C 229 -11.45 -10.12 -11.22
C ILE C 229 -12.62 -9.62 -12.01
N ARG C 230 -13.32 -8.64 -11.46
CA ARG C 230 -14.42 -8.06 -12.23
C ARG C 230 -13.82 -7.39 -13.41
N LYS C 231 -12.66 -6.74 -13.23
CA LYS C 231 -12.04 -6.06 -14.33
C LYS C 231 -11.56 -7.07 -15.37
N ILE C 232 -10.99 -8.16 -14.90
CA ILE C 232 -10.57 -9.14 -15.83
C ILE C 232 -11.73 -9.63 -16.69
N ALA C 233 -12.87 -9.91 -16.08
CA ALA C 233 -14.03 -10.38 -16.84
C ALA C 233 -14.48 -9.29 -17.76
N ARG C 234 -14.51 -8.03 -17.29
CA ARG C 234 -15.06 -6.99 -18.05
C ARG C 234 -14.18 -6.72 -19.30
N GLU C 235 -12.84 -6.81 -19.17
CA GLU C 235 -11.99 -6.64 -20.30
CA GLU C 235 -11.97 -6.64 -20.31
C GLU C 235 -12.15 -7.80 -21.19
N HIS C 236 -12.26 -8.99 -20.59
CA HIS C 236 -12.24 -10.16 -21.41
C HIS C 236 -13.42 -10.23 -22.33
N VAL C 237 -14.60 -9.88 -21.86
CA VAL C 237 -15.73 -10.08 -22.76
C VAL C 237 -15.71 -9.13 -23.96
N LYS C 238 -14.86 -8.11 -23.92
CA LYS C 238 -14.73 -7.24 -25.09
C LYS C 238 -14.10 -7.99 -26.24
N GLY C 239 -13.43 -9.10 -25.96
CA GLY C 239 -12.82 -9.82 -27.06
C GLY C 239 -13.75 -10.80 -27.71
N PHE C 240 -15.03 -10.85 -27.28
CA PHE C 240 -15.97 -11.76 -27.92
C PHE C 240 -16.36 -11.26 -29.32
N ASP C 241 -16.75 -12.17 -30.18
CA ASP C 241 -17.02 -11.82 -31.56
C ASP C 241 -18.30 -11.10 -31.76
N LYS C 242 -19.23 -11.24 -30.86
CA LYS C 242 -20.48 -10.52 -30.95
C LYS C 242 -21.02 -10.27 -29.54
N PRO C 243 -21.93 -9.32 -29.44
CA PRO C 243 -22.36 -8.99 -28.13
C PRO C 243 -22.89 -10.23 -27.41
N ALA C 244 -22.78 -10.19 -26.11
CA ALA C 244 -22.96 -11.44 -25.34
C ALA C 244 -24.08 -11.24 -24.29
N GLY C 245 -24.96 -10.31 -24.61
CA GLY C 245 -26.17 -10.18 -23.82
C GLY C 245 -27.09 -9.31 -24.62
N VAL C 246 -28.12 -8.87 -23.97
CA VAL C 246 -29.08 -7.97 -24.63
C VAL C 246 -29.10 -6.67 -23.86
N ALA C 247 -29.36 -5.62 -24.65
CA ALA C 247 -29.43 -4.26 -24.06
C ALA C 247 -30.85 -4.02 -23.59
N TRP C 248 -31.03 -3.37 -22.44
CA TRP C 248 -32.36 -3.21 -21.94
C TRP C 248 -33.09 -2.28 -22.88
N ARG C 249 -32.40 -1.38 -23.55
CA ARG C 249 -33.15 -0.54 -24.49
C ARG C 249 -33.67 -1.34 -25.67
N ASP C 250 -33.20 -2.55 -25.88
CA ASP C 250 -33.77 -3.40 -26.91
C ASP C 250 -34.82 -4.37 -26.36
N MET C 251 -35.14 -4.23 -25.10
CA MET C 251 -36.05 -5.16 -24.43
C MET C 251 -37.33 -4.53 -24.00
N THR C 252 -37.59 -3.29 -24.45
CA THR C 252 -38.72 -2.60 -23.94
C THR C 252 -40.02 -3.11 -24.43
N GLU C 253 -40.02 -3.96 -25.47
CA GLU C 253 -41.29 -4.65 -25.81
C GLU C 253 -41.47 -5.93 -25.04
N LYS C 254 -40.43 -6.35 -24.36
CA LYS C 254 -40.45 -7.62 -23.65
C LYS C 254 -40.58 -7.47 -22.17
N LEU C 255 -40.09 -6.33 -21.72
CA LEU C 255 -40.08 -6.11 -20.31
C LEU C 255 -40.69 -4.79 -19.98
N SER C 256 -41.32 -4.74 -18.83
CA SER C 256 -41.90 -3.51 -18.39
C SER C 256 -40.81 -2.62 -17.81
N ALA C 257 -41.15 -1.35 -17.64
CA ALA C 257 -40.20 -0.42 -16.98
C ALA C 257 -39.76 -1.01 -15.63
N GLU C 258 -40.69 -1.54 -14.86
CA GLU C 258 -40.41 -1.99 -13.55
C GLU C 258 -39.45 -3.18 -13.68
N GLN C 259 -39.71 -4.02 -14.70
CA GLN C 259 -38.85 -5.22 -14.87
C GLN C 259 -37.47 -4.80 -15.32
N ILE C 260 -37.41 -3.78 -16.17
CA ILE C 260 -36.10 -3.33 -16.62
C ILE C 260 -35.33 -2.74 -15.45
N ALA C 261 -36.04 -2.00 -14.59
CA ALA C 261 -35.32 -1.45 -13.41
C ALA C 261 -34.86 -2.64 -12.54
N GLY C 262 -35.78 -3.55 -12.29
CA GLY C 262 -35.41 -4.67 -11.40
C GLY C 262 -34.24 -5.48 -11.96
N LEU C 263 -34.30 -5.78 -13.24
CA LEU C 263 -33.20 -6.51 -13.81
C LEU C 263 -31.93 -5.71 -13.84
N THR C 264 -32.03 -4.39 -14.02
CA THR C 264 -30.80 -3.64 -13.97
C THR C 264 -30.14 -3.82 -12.60
N GLY C 265 -30.93 -3.74 -11.56
CA GLY C 265 -30.39 -3.83 -10.21
C GLY C 265 -29.84 -5.25 -10.02
N LEU C 266 -30.65 -6.23 -10.42
CA LEU C 266 -30.20 -7.63 -10.22
C LEU C 266 -28.90 -7.87 -10.97
N LEU C 267 -28.77 -7.35 -12.21
CA LEU C 267 -27.62 -7.69 -12.98
C LEU C 267 -26.43 -7.09 -12.24
N PHE C 268 -26.56 -5.83 -11.78
CA PHE C 268 -25.41 -5.19 -11.14
C PHE C 268 -25.10 -5.95 -9.86
N MET C 269 -26.14 -6.30 -9.11
CA MET C 269 -25.92 -6.96 -7.82
C MET C 269 -25.25 -8.29 -8.04
N TYR C 270 -25.65 -8.99 -9.09
CA TYR C 270 -25.08 -10.30 -9.28
C TYR C 270 -23.73 -10.20 -9.90
N ASN C 271 -23.46 -9.16 -10.67
CA ASN C 271 -22.10 -8.95 -11.07
C ASN C 271 -21.17 -8.83 -9.92
N ARG C 272 -21.64 -8.23 -8.83
CA ARG C 272 -20.82 -8.18 -7.69
C ARG C 272 -20.85 -9.47 -6.93
N PHE C 273 -22.04 -10.01 -6.83
CA PHE C 273 -22.20 -11.23 -6.03
C PHE C 273 -21.31 -12.33 -6.57
N ILE C 274 -21.36 -12.57 -7.89
CA ILE C 274 -20.66 -13.71 -8.43
C ILE C 274 -19.16 -13.51 -8.24
N ALA C 275 -18.69 -12.27 -8.33
CA ALA C 275 -17.28 -12.11 -8.12
C ALA C 275 -16.98 -12.41 -6.68
N ASP C 276 -17.82 -11.96 -5.76
CA ASP C 276 -17.51 -12.22 -4.36
C ASP C 276 -17.54 -13.73 -4.06
N ILE C 277 -18.50 -14.43 -4.64
CA ILE C 277 -18.64 -15.86 -4.33
C ILE C 277 -17.49 -16.57 -5.00
N THR C 278 -17.11 -16.11 -6.20
CA THR C 278 -15.98 -16.75 -6.86
C THR C 278 -14.83 -16.79 -5.91
N ILE C 279 -14.56 -15.61 -5.35
CA ILE C 279 -13.41 -15.50 -4.48
C ILE C 279 -13.60 -16.33 -3.23
N ALA C 280 -14.79 -16.30 -2.68
CA ALA C 280 -15.06 -17.01 -1.42
C ALA C 280 -14.72 -18.51 -1.57
N ILE C 281 -15.24 -19.12 -2.61
CA ILE C 281 -15.16 -20.57 -2.63
C ILE C 281 -13.74 -20.95 -3.03
N ILE C 282 -13.04 -20.13 -3.81
CA ILE C 282 -11.67 -20.37 -4.14
C ILE C 282 -10.90 -20.28 -2.82
N ARG C 283 -11.29 -19.33 -2.01
CA ARG C 283 -10.55 -19.17 -0.78
C ARG C 283 -10.82 -20.38 0.12
N LEU C 284 -12.02 -20.92 0.10
CA LEU C 284 -12.28 -22.13 0.91
C LEU C 284 -11.40 -23.27 0.40
N LYS C 285 -11.25 -23.42 -0.94
CA LYS C 285 -10.46 -24.53 -1.38
C LYS C 285 -9.00 -24.24 -1.09
N GLN C 286 -8.64 -22.96 -1.14
CA GLN C 286 -7.25 -22.59 -0.80
C GLN C 286 -6.87 -23.02 0.57
N ALA C 287 -7.81 -23.00 1.51
CA ALA C 287 -7.48 -23.38 2.91
C ALA C 287 -7.22 -24.88 2.90
N PHE C 288 -7.86 -25.64 2.00
CA PHE C 288 -7.56 -27.04 1.98
C PHE C 288 -6.26 -27.31 1.32
N SER C 289 -6.03 -26.58 0.23
CA SER C 289 -4.87 -26.91 -0.54
C SER C 289 -4.07 -25.60 -0.56
N GLY C 290 -4.14 -24.86 -1.58
CA GLY C 290 -3.29 -23.74 -1.65
C GLY C 290 -3.79 -23.06 -2.85
N PRO C 291 -3.23 -21.91 -3.17
CA PRO C 291 -3.80 -21.07 -4.23
C PRO C 291 -3.67 -21.73 -5.56
N GLU C 292 -2.58 -22.44 -5.86
CA GLU C 292 -2.52 -23.05 -7.19
CA GLU C 292 -2.50 -23.04 -7.20
C GLU C 292 -3.60 -24.07 -7.43
N ASP C 293 -3.81 -24.96 -6.47
CA ASP C 293 -4.85 -25.95 -6.67
C ASP C 293 -6.18 -25.28 -6.73
N ALA C 294 -6.36 -24.27 -5.87
CA ALA C 294 -7.75 -23.71 -5.69
C ALA C 294 -8.10 -22.89 -6.92
N THR C 295 -7.09 -22.47 -7.67
CA THR C 295 -7.38 -21.62 -8.84
C THR C 295 -7.14 -22.31 -10.13
N ALA C 296 -6.93 -23.60 -10.04
CA ALA C 296 -6.70 -24.34 -11.32
C ALA C 296 -7.99 -24.60 -12.05
N ASN C 297 -7.83 -24.77 -13.35
CA ASN C 297 -8.93 -25.24 -14.15
C ASN C 297 -8.77 -26.71 -14.21
N LYS C 298 -9.66 -27.37 -13.50
CA LYS C 298 -9.52 -28.84 -13.38
C LYS C 298 -10.47 -29.55 -14.29
N TYR C 299 -11.18 -28.83 -15.14
CA TYR C 299 -12.23 -29.55 -15.91
C TYR C 299 -12.22 -29.31 -17.38
N THR C 300 -11.67 -28.22 -17.84
CA THR C 300 -11.88 -27.93 -19.24
C THR C 300 -10.52 -27.44 -19.66
N ASN C 301 -9.68 -28.38 -20.07
CA ASN C 301 -8.34 -28.02 -20.49
C ASN C 301 -8.02 -28.54 -21.87
N ARG D 4 -31.36 5.92 -32.99
CA ARG D 4 -31.53 5.75 -31.54
C ARG D 4 -30.63 6.75 -30.79
N SER D 5 -31.16 7.37 -29.75
CA SER D 5 -30.34 8.30 -29.03
C SER D 5 -29.22 7.61 -28.30
N VAL D 6 -28.23 8.41 -28.04
CA VAL D 6 -27.20 8.03 -27.28
C VAL D 6 -27.58 7.47 -25.89
N LEU D 7 -28.48 8.19 -25.26
CA LEU D 7 -28.77 7.84 -23.88
C LEU D 7 -30.23 7.62 -23.79
N GLY D 8 -30.69 6.53 -23.11
CA GLY D 8 -32.13 6.37 -22.86
C GLY D 8 -32.58 7.01 -21.55
N SER D 9 -33.86 7.16 -21.32
CA SER D 9 -34.30 7.67 -20.02
C SER D 9 -34.52 6.42 -19.20
N PHE D 10 -34.01 6.33 -17.97
CA PHE D 10 -34.12 5.05 -17.32
C PHE D 10 -35.46 5.01 -16.62
N PRO D 11 -36.08 3.84 -16.52
CA PRO D 11 -37.40 3.81 -15.90
C PRO D 11 -37.43 4.31 -14.48
N GLN D 12 -38.33 5.22 -14.15
CA GLN D 12 -38.33 5.80 -12.84
C GLN D 12 -39.58 6.65 -12.71
N VAL D 13 -39.94 7.01 -11.49
CA VAL D 13 -40.99 8.00 -11.26
C VAL D 13 -40.24 9.29 -11.16
N ASP D 14 -40.24 10.03 -12.25
CA ASP D 14 -39.48 11.29 -12.17
C ASP D 14 -40.21 12.29 -11.23
N HIS D 15 -39.49 13.33 -10.85
CA HIS D 15 -40.05 14.29 -9.84
C HIS D 15 -41.43 14.71 -10.20
N HIS D 16 -41.62 15.01 -11.49
CA HIS D 16 -42.91 15.65 -11.92
C HIS D 16 -43.95 14.59 -12.08
N GLN D 17 -43.55 13.30 -11.95
CA GLN D 17 -44.48 12.20 -12.16
C GLN D 17 -45.09 11.67 -10.93
N ALA D 18 -44.49 11.95 -9.79
CA ALA D 18 -44.98 11.40 -8.56
C ALA D 18 -46.36 12.08 -8.30
N LYS D 19 -47.32 11.29 -7.87
CA LYS D 19 -48.64 11.80 -7.62
C LYS D 19 -49.05 11.36 -6.26
N GLY D 20 -50.11 12.03 -5.74
CA GLY D 20 -50.67 11.54 -4.49
C GLY D 20 -49.71 11.35 -3.37
N GLN D 21 -49.80 10.23 -2.71
CA GLN D 21 -48.99 10.04 -1.49
C GLN D 21 -47.54 9.97 -1.88
N LEU D 22 -47.27 9.41 -3.06
CA LEU D 22 -45.84 9.34 -3.42
C LEU D 22 -45.21 10.72 -3.61
N ALA D 23 -45.96 11.65 -4.18
CA ALA D 23 -45.49 13.02 -4.28
C ALA D 23 -45.30 13.54 -2.89
N GLU D 24 -46.17 13.16 -1.93
CA GLU D 24 -45.89 13.66 -0.60
C GLU D 24 -44.61 13.11 -0.09
N VAL D 25 -44.37 11.87 -0.43
CA VAL D 25 -43.13 11.23 0.08
C VAL D 25 -41.97 11.90 -0.57
N TYR D 26 -42.03 12.17 -1.86
CA TYR D 26 -40.89 12.91 -2.49
C TYR D 26 -40.70 14.23 -1.76
N ASP D 27 -41.79 14.98 -1.49
CA ASP D 27 -41.57 16.25 -0.86
C ASP D 27 -41.06 16.06 0.55
N ASP D 28 -41.50 14.99 1.19
CA ASP D 28 -40.96 14.76 2.55
C ASP D 28 -39.48 14.41 2.51
N ILE D 29 -39.12 13.64 1.48
CA ILE D 29 -37.68 13.42 1.33
C ILE D 29 -36.91 14.70 1.13
N HIS D 30 -37.37 15.54 0.20
CA HIS D 30 -36.73 16.80 0.02
C HIS D 30 -36.62 17.51 1.31
N ASN D 31 -37.71 17.55 2.08
CA ASN D 31 -37.72 18.47 3.21
C ASN D 31 -37.07 17.86 4.39
N THR D 32 -37.20 16.55 4.52
CA THR D 32 -36.56 15.93 5.66
C THR D 32 -35.07 15.97 5.50
N MET D 33 -34.63 15.66 4.30
CA MET D 33 -33.19 15.59 4.12
C MET D 33 -32.57 16.91 3.73
N ARG D 34 -33.45 17.88 3.40
CA ARG D 34 -33.04 19.22 3.05
C ARG D 34 -32.26 19.20 1.75
N VAL D 35 -32.81 18.42 0.81
CA VAL D 35 -32.11 18.28 -0.43
C VAL D 35 -33.05 18.67 -1.59
N PRO D 36 -32.46 19.30 -2.59
CA PRO D 36 -33.30 19.81 -3.67
C PRO D 36 -33.53 18.83 -4.77
N TRP D 37 -33.31 17.54 -4.50
CA TRP D 37 -33.72 16.56 -5.50
C TRP D 37 -34.00 15.30 -4.76
N VAL D 38 -34.91 14.51 -5.33
CA VAL D 38 -35.17 13.14 -4.84
C VAL D 38 -34.17 12.25 -5.65
N ALA D 39 -33.37 11.49 -4.94
CA ALA D 39 -32.29 10.74 -5.64
C ALA D 39 -32.91 9.76 -6.62
N PHE D 40 -32.07 9.47 -7.57
CA PHE D 40 -32.42 8.62 -8.66
C PHE D 40 -32.80 7.27 -8.13
N GLY D 41 -32.08 6.76 -7.17
CA GLY D 41 -32.51 5.47 -6.56
C GLY D 41 -33.92 5.43 -6.07
N ILE D 42 -34.29 6.46 -5.33
CA ILE D 42 -35.66 6.62 -4.86
C ILE D 42 -36.59 6.69 -6.05
N ARG D 43 -36.27 7.49 -7.02
CA ARG D 43 -37.18 7.61 -8.17
C ARG D 43 -37.40 6.31 -8.90
N VAL D 44 -36.32 5.57 -9.08
CA VAL D 44 -36.51 4.28 -9.73
C VAL D 44 -37.26 3.32 -8.86
N MET D 45 -36.86 3.20 -7.58
CA MET D 45 -37.58 2.25 -6.73
C MET D 45 -38.98 2.66 -6.44
N SER D 46 -39.33 3.93 -6.66
CA SER D 46 -40.67 4.38 -6.34
C SER D 46 -41.66 3.90 -7.36
N GLN D 47 -41.16 3.32 -8.44
CA GLN D 47 -42.11 2.73 -9.41
C GLN D 47 -42.69 1.45 -8.84
N PHE D 48 -42.11 0.87 -7.82
CA PHE D 48 -42.72 -0.31 -7.20
C PHE D 48 -43.70 0.11 -6.17
N PRO D 49 -44.73 -0.72 -5.92
CA PRO D 49 -45.63 -0.31 -4.91
C PRO D 49 -44.98 -0.47 -3.52
N HIS D 50 -45.46 0.36 -2.57
CA HIS D 50 -45.22 0.18 -1.14
C HIS D 50 -43.84 0.42 -0.65
N PHE D 51 -42.81 -0.03 -1.39
CA PHE D 51 -41.55 -0.08 -0.75
C PHE D 51 -41.04 1.27 -0.39
N ILE D 52 -40.98 2.18 -1.36
CA ILE D 52 -40.40 3.47 -0.99
C ILE D 52 -41.18 4.15 0.15
N PRO D 53 -42.50 4.21 0.03
CA PRO D 53 -43.22 4.87 1.14
C PRO D 53 -42.94 4.17 2.45
N ASP D 54 -42.98 2.81 2.47
CA ASP D 54 -42.77 2.12 3.74
C ASP D 54 -41.40 2.26 4.31
N ALA D 55 -40.42 2.20 3.44
CA ALA D 55 -39.02 2.26 3.86
C ALA D 55 -38.75 3.68 4.27
N TRP D 56 -39.29 4.62 3.55
CA TRP D 56 -39.09 6.05 3.93
C TRP D 56 -39.70 6.28 5.29
N ALA D 57 -40.91 5.78 5.48
CA ALA D 57 -41.56 5.95 6.81
C ALA D 57 -40.62 5.45 7.92
N ALA D 58 -39.94 4.29 7.74
CA ALA D 58 -39.10 3.78 8.79
C ALA D 58 -37.84 4.65 8.89
N LEU D 59 -37.36 5.16 7.77
CA LEU D 59 -36.09 5.85 7.83
C LEU D 59 -36.28 7.25 8.38
N LYS D 60 -37.42 7.85 8.08
CA LYS D 60 -37.57 9.30 8.30
C LYS D 60 -37.14 9.73 9.67
N PRO D 61 -37.67 9.14 10.76
CA PRO D 61 -37.33 9.66 12.09
C PRO D 61 -35.88 9.42 12.40
N ASN D 62 -35.24 8.48 11.65
CA ASN D 62 -33.85 8.27 11.92
C ASN D 62 -32.98 9.18 11.12
N ILE D 63 -33.41 9.55 9.90
CA ILE D 63 -32.53 10.33 9.11
C ILE D 63 -32.69 11.78 9.41
N GLU D 64 -33.74 12.14 10.13
CA GLU D 64 -33.93 13.55 10.34
C GLU D 64 -33.14 14.04 11.52
N THR D 65 -32.30 13.20 12.12
CA THR D 65 -31.66 13.64 13.35
C THR D 65 -30.27 14.19 13.10
N ARG D 66 -29.75 14.87 14.11
CA ARG D 66 -28.40 15.36 14.08
C ARG D 66 -27.48 14.15 14.03
N TYR D 67 -27.82 13.10 14.72
CA TYR D 67 -26.96 11.91 14.59
C TYR D 67 -26.84 11.48 13.12
N ALA D 68 -27.97 11.38 12.45
CA ALA D 68 -27.87 11.04 11.07
C ALA D 68 -27.09 12.05 10.34
N GLU D 69 -27.27 13.33 10.62
CA GLU D 69 -26.55 14.31 9.85
C GLU D 69 -25.03 14.16 10.10
N ASP D 70 -24.67 13.84 11.34
CA ASP D 70 -23.23 13.65 11.62
C ASP D 70 -22.67 12.47 10.87
N GLY D 71 -23.55 11.47 10.66
CA GLY D 71 -23.19 10.30 9.84
C GLY D 71 -22.89 10.75 8.41
N ALA D 72 -23.80 11.54 7.87
CA ALA D 72 -23.58 11.95 6.50
C ALA D 72 -22.38 12.83 6.46
N ASP D 73 -22.13 13.59 7.50
CA ASP D 73 -20.92 14.42 7.48
C ASP D 73 -19.70 13.47 7.47
N LEU D 74 -19.72 12.39 8.26
CA LEU D 74 -18.59 11.50 8.29
C LEU D 74 -18.36 10.91 6.90
N ILE D 75 -19.43 10.56 6.22
CA ILE D 75 -19.34 10.12 4.86
C ILE D 75 -18.70 11.17 3.98
N ARG D 76 -19.26 12.37 4.04
CA ARG D 76 -18.81 13.42 3.19
C ARG D 76 -17.32 13.66 3.39
N LEU D 77 -16.92 13.76 4.65
CA LEU D 77 -15.53 14.12 4.96
C LEU D 77 -14.62 13.03 4.53
N ASN D 78 -15.13 11.83 4.33
CA ASN D 78 -14.27 10.69 3.96
C ASN D 78 -14.36 10.29 2.54
N SER D 79 -14.94 11.19 1.78
CA SER D 79 -15.21 10.85 0.38
C SER D 79 -14.13 11.25 -0.61
N ILE D 80 -13.03 11.76 -0.11
CA ILE D 80 -11.98 12.23 -1.06
C ILE D 80 -11.19 11.01 -1.48
N VAL D 81 -10.95 10.92 -2.78
CA VAL D 81 -10.19 9.78 -3.27
C VAL D 81 -8.72 10.21 -3.25
N PRO D 82 -7.87 9.29 -2.82
CA PRO D 82 -6.47 9.61 -2.76
C PRO D 82 -5.90 9.36 -4.14
N GLY D 83 -6.31 10.26 -5.03
CA GLY D 83 -6.02 10.00 -6.47
C GLY D 83 -5.13 11.14 -6.92
N PRO D 84 -5.10 11.31 -8.21
CA PRO D 84 -4.28 12.37 -8.76
C PRO D 84 -4.83 13.72 -8.44
N VAL D 85 -3.93 14.67 -8.40
CA VAL D 85 -4.35 16.00 -8.12
C VAL D 85 -4.89 16.55 -9.38
N MET D 86 -5.97 17.29 -9.21
CA MET D 86 -6.74 17.74 -10.39
C MET D 86 -6.48 19.20 -10.59
N PRO D 87 -6.57 19.62 -11.86
CA PRO D 87 -6.49 21.03 -12.10
C PRO D 87 -7.84 21.62 -11.83
N ASN D 88 -7.83 22.92 -11.56
CA ASN D 88 -9.05 23.67 -11.31
C ASN D 88 -9.70 23.92 -12.68
N PRO D 89 -10.98 23.60 -12.80
CA PRO D 89 -11.69 23.82 -14.06
C PRO D 89 -11.97 25.28 -14.31
N THR D 90 -11.73 26.13 -13.34
CA THR D 90 -12.19 27.53 -13.45
C THR D 90 -11.57 28.21 -14.68
N PRO D 91 -10.26 28.08 -14.89
CA PRO D 91 -9.71 28.79 -16.02
C PRO D 91 -10.28 28.31 -17.33
N LYS D 92 -10.55 26.99 -17.48
CA LYS D 92 -11.15 26.53 -18.67
C LYS D 92 -12.52 27.07 -18.83
N LEU D 93 -13.28 27.09 -17.72
CA LEU D 93 -14.63 27.60 -17.88
C LEU D 93 -14.59 29.08 -18.18
N LEU D 94 -13.70 29.81 -17.52
CA LEU D 94 -13.66 31.24 -17.85
C LEU D 94 -13.24 31.44 -19.26
N ARG D 95 -12.32 30.64 -19.73
CA ARG D 95 -11.83 30.80 -21.11
C ARG D 95 -12.91 30.49 -22.11
N LEU D 96 -13.77 29.54 -21.79
CA LEU D 96 -14.99 29.35 -22.55
C LEU D 96 -16.03 30.43 -22.41
N GLY D 97 -15.77 31.47 -21.64
CA GLY D 97 -16.71 32.58 -21.54
C GLY D 97 -17.73 32.40 -20.53
N TRP D 98 -17.56 31.37 -19.67
CA TRP D 98 -18.47 31.35 -18.56
C TRP D 98 -18.22 32.55 -17.72
N THR D 99 -19.34 33.05 -17.20
CA THR D 99 -19.24 34.15 -16.27
C THR D 99 -18.97 33.69 -14.87
N GLU D 100 -18.51 34.59 -14.02
CA GLU D 100 -18.29 34.20 -12.65
C GLU D 100 -19.59 33.77 -12.08
N SER D 101 -20.70 34.41 -12.44
CA SER D 101 -21.93 34.04 -11.86
C SER D 101 -22.27 32.61 -12.21
N LYS D 102 -22.03 32.25 -13.44
CA LYS D 102 -22.40 30.93 -13.87
C LYS D 102 -21.54 29.89 -13.21
N ILE D 103 -20.28 30.22 -13.06
CA ILE D 103 -19.37 29.28 -12.41
C ILE D 103 -19.86 29.15 -10.98
N GLU D 104 -20.36 30.21 -10.35
CA GLU D 104 -20.78 30.04 -8.99
C GLU D 104 -22.08 29.28 -8.93
N GLU D 105 -22.90 29.38 -9.97
CA GLU D 105 -24.13 28.62 -9.98
C GLU D 105 -23.75 27.12 -10.07
N LEU D 106 -22.75 26.83 -10.85
CA LEU D 106 -22.23 25.47 -10.94
C LEU D 106 -21.71 25.02 -9.57
N LYS D 107 -20.91 25.84 -8.94
CA LYS D 107 -20.32 25.48 -7.69
C LYS D 107 -21.35 25.29 -6.66
N THR D 108 -22.43 26.10 -6.69
CA THR D 108 -23.49 25.92 -5.75
C THR D 108 -24.19 24.61 -6.00
N ALA D 109 -24.40 24.29 -7.26
CA ALA D 109 -25.08 23.04 -7.56
C ALA D 109 -24.25 21.90 -7.04
N LEU D 110 -22.97 21.98 -7.25
CA LEU D 110 -22.12 20.92 -6.75
C LEU D 110 -22.22 20.86 -5.26
N ASP D 111 -22.21 22.01 -4.62
CA ASP D 111 -22.28 21.98 -3.16
C ASP D 111 -23.60 21.37 -2.72
N LEU D 112 -24.67 21.62 -3.42
CA LEU D 112 -25.92 21.06 -3.00
C LEU D 112 -25.89 19.54 -3.16
N LEU D 113 -25.37 19.14 -4.31
CA LEU D 113 -25.29 17.73 -4.50
C LEU D 113 -24.38 17.10 -3.43
N ASN D 114 -23.28 17.77 -3.13
CA ASN D 114 -22.37 17.21 -2.15
C ASN D 114 -22.90 17.23 -0.76
N TYR D 115 -23.88 18.10 -0.51
CA TYR D 115 -24.53 18.02 0.80
C TYR D 115 -25.45 16.81 0.77
N GLY D 116 -26.27 16.64 -0.29
CA GLY D 116 -27.26 15.64 -0.23
C GLY D 116 -26.74 14.24 -0.47
N ASN D 117 -25.76 14.09 -1.31
CA ASN D 117 -25.39 12.67 -1.65
C ASN D 117 -25.02 11.84 -0.42
N PRO D 118 -24.19 12.36 0.50
CA PRO D 118 -23.82 11.52 1.64
C PRO D 118 -25.07 11.15 2.41
N LYS D 119 -26.07 12.05 2.42
CA LYS D 119 -27.27 11.73 3.15
C LYS D 119 -28.01 10.64 2.41
N TYR D 120 -27.96 10.69 1.10
CA TYR D 120 -28.61 9.61 0.36
C TYR D 120 -27.83 8.32 0.54
N LEU D 121 -26.55 8.41 0.85
CA LEU D 121 -25.89 7.15 1.13
C LEU D 121 -26.37 6.60 2.45
N ILE D 122 -26.61 7.47 3.45
CA ILE D 122 -27.23 6.96 4.65
C ILE D 122 -28.55 6.32 4.31
N LEU D 123 -29.31 7.03 3.50
CA LEU D 123 -30.65 6.57 3.14
C LEU D 123 -30.59 5.18 2.49
N ILE D 124 -29.73 5.06 1.48
CA ILE D 124 -29.81 3.81 0.74
C ILE D 124 -29.22 2.71 1.55
N THR D 125 -28.21 3.07 2.32
CA THR D 125 -27.67 2.03 3.21
C THR D 125 -28.75 1.53 4.17
N ALA D 126 -29.48 2.46 4.80
CA ALA D 126 -30.52 2.02 5.70
C ALA D 126 -31.49 1.15 4.95
N PHE D 127 -31.89 1.58 3.76
CA PHE D 127 -32.88 0.82 3.04
C PHE D 127 -32.31 -0.55 2.75
N ASN D 128 -31.12 -0.56 2.19
CA ASN D 128 -30.60 -1.89 1.76
C ASN D 128 -30.36 -2.77 2.91
N GLU D 129 -29.77 -2.27 3.98
CA GLU D 129 -29.41 -3.20 5.07
C GLU D 129 -30.70 -3.63 5.73
N ALA D 130 -31.67 -2.74 5.83
CA ALA D 130 -32.88 -3.15 6.48
C ALA D 130 -33.64 -4.19 5.65
N TRP D 131 -33.46 -4.11 4.37
CA TRP D 131 -34.23 -4.99 3.49
C TRP D 131 -33.77 -6.41 3.78
N HIS D 132 -32.48 -6.54 4.22
CA HIS D 132 -31.88 -7.86 4.51
C HIS D 132 -31.89 -8.17 5.96
N GLU D 133 -32.65 -7.41 6.69
CA GLU D 133 -32.74 -7.62 8.17
C GLU D 133 -31.48 -7.40 8.87
N ARG D 134 -30.57 -6.65 8.24
CA ARG D 134 -29.37 -6.32 8.94
C ARG D 134 -29.58 -5.09 9.72
N ASP D 135 -28.57 -4.72 10.47
CA ASP D 135 -28.86 -3.75 11.54
C ASP D 135 -28.96 -2.31 11.02
N THR D 136 -30.13 -1.72 11.18
CA THR D 136 -30.28 -0.31 10.79
C THR D 136 -30.92 0.47 11.93
N GLY D 137 -30.77 -0.04 13.16
CA GLY D 137 -31.32 0.71 14.28
C GLY D 137 -32.07 -0.15 15.22
N GLY D 138 -32.15 0.39 16.43
CA GLY D 138 -32.97 -0.29 17.42
C GLY D 138 -32.27 -1.39 18.14
N ARG D 139 -31.03 -1.75 17.80
CA ARG D 139 -30.35 -2.86 18.44
C ARG D 139 -29.25 -2.36 19.35
N ALA D 140 -28.87 -1.08 19.19
CA ALA D 140 -27.75 -0.49 19.98
C ALA D 140 -28.31 -0.48 21.40
N PRO D 141 -27.47 -0.88 22.39
CA PRO D 141 -27.99 -0.84 23.79
C PRO D 141 -28.40 0.61 24.20
N GLN D 142 -27.59 1.57 23.79
CA GLN D 142 -27.87 2.91 24.25
C GLN D 142 -28.63 3.65 23.12
N LYS D 143 -29.80 4.23 23.43
CA LYS D 143 -30.46 5.10 22.47
C LYS D 143 -29.66 6.38 22.24
N LEU D 144 -30.04 7.16 21.21
CA LEU D 144 -29.31 8.41 20.98
C LEU D 144 -29.50 9.28 22.12
N ARG D 145 -28.42 9.93 22.52
CA ARG D 145 -28.69 10.86 23.58
C ARG D 145 -28.24 12.26 23.29
N GLY D 146 -28.44 13.16 24.26
CA GLY D 146 -28.14 14.57 24.00
C GLY D 146 -28.84 15.08 22.75
N ARG D 147 -28.08 15.86 22.04
CA ARG D 147 -28.66 16.37 20.83
C ARG D 147 -28.47 15.50 19.63
N ASP D 148 -27.91 14.30 19.83
CA ASP D 148 -27.93 13.42 18.68
C ASP D 148 -29.30 13.12 18.18
N ALA D 149 -30.28 13.07 19.09
CA ALA D 149 -31.59 12.65 18.72
C ALA D 149 -32.37 13.83 18.13
N GLU D 150 -31.81 15.00 18.19
CA GLU D 150 -32.59 16.14 17.78
C GLU D 150 -32.76 16.20 16.26
N ARG D 151 -33.91 16.76 15.87
CA ARG D 151 -34.21 16.96 14.46
C ARG D 151 -33.44 18.12 13.90
N ILE D 152 -32.88 17.93 12.72
CA ILE D 152 -32.37 19.04 11.96
C ILE D 152 -33.57 19.78 11.42
N PRO D 153 -33.34 20.96 10.82
CA PRO D 153 -34.45 21.71 10.32
C PRO D 153 -35.14 21.00 9.20
N TYR D 154 -36.41 21.33 9.05
CA TYR D 154 -37.16 20.75 7.97
C TYR D 154 -37.13 21.71 6.80
N GLY D 155 -37.03 21.19 5.59
CA GLY D 155 -37.17 22.06 4.46
C GLY D 155 -35.86 22.28 3.79
N LEU D 156 -35.90 22.84 2.61
CA LEU D 156 -34.61 23.12 1.95
C LEU D 156 -33.94 24.33 2.66
N PRO D 157 -32.63 24.38 2.67
CA PRO D 157 -31.86 25.43 3.32
C PRO D 157 -32.27 26.71 2.67
N ASN D 158 -32.09 27.77 3.44
CA ASN D 158 -32.44 29.00 2.89
C ASN D 158 -31.70 29.26 1.56
N SER D 159 -32.42 29.80 0.62
CA SER D 159 -31.91 30.18 -0.71
C SER D 159 -31.79 28.96 -1.63
N VAL D 160 -32.26 27.80 -1.15
CA VAL D 160 -32.18 26.66 -2.06
C VAL D 160 -33.51 26.36 -2.70
N GLU D 161 -33.53 26.17 -4.01
CA GLU D 161 -34.75 25.70 -4.63
C GLU D 161 -34.53 24.31 -5.18
N LYS D 162 -35.61 23.61 -5.46
CA LYS D 162 -35.45 22.29 -6.07
C LYS D 162 -34.69 22.38 -7.35
N PHE D 163 -33.90 21.36 -7.56
CA PHE D 163 -33.33 21.22 -8.91
C PHE D 163 -34.35 20.77 -9.88
N ASN D 164 -34.10 21.23 -11.10
CA ASN D 164 -34.91 20.72 -12.23
C ASN D 164 -34.05 19.77 -13.00
N LEU D 165 -34.35 18.49 -13.03
CA LEU D 165 -33.42 17.59 -13.72
C LEU D 165 -33.71 17.67 -15.18
N LEU D 166 -32.69 17.64 -16.02
CA LEU D 166 -33.02 17.79 -17.45
C LEU D 166 -33.71 16.55 -17.92
N ASP D 167 -34.48 16.76 -18.95
CA ASP D 167 -35.14 15.62 -19.59
C ASP D 167 -34.16 15.04 -20.58
N ILE D 168 -33.75 13.80 -20.38
CA ILE D 168 -32.67 13.21 -21.21
C ILE D 168 -33.16 13.06 -22.65
N GLU D 169 -34.43 12.77 -22.84
CA GLU D 169 -34.87 12.63 -24.24
C GLU D 169 -34.79 13.90 -25.06
N LYS D 170 -34.91 15.03 -24.41
CA LYS D 170 -34.93 16.30 -25.02
C LYS D 170 -33.57 16.88 -25.03
N ALA D 171 -32.63 16.22 -24.38
CA ALA D 171 -31.29 16.83 -24.26
C ALA D 171 -30.50 16.79 -25.58
N SER D 172 -29.48 17.60 -25.68
CA SER D 172 -28.67 17.57 -26.87
C SER D 172 -27.88 16.28 -26.94
N ASP D 173 -27.35 15.95 -28.12
CA ASP D 173 -26.52 14.76 -28.20
C ASP D 173 -25.29 15.00 -27.32
N ARG D 174 -24.86 16.25 -27.22
CA ARG D 174 -23.62 16.55 -26.45
C ARG D 174 -23.92 16.19 -24.97
N THR D 175 -25.09 16.58 -24.47
CA THR D 175 -25.41 16.29 -23.07
C THR D 175 -25.63 14.81 -22.92
N GLN D 176 -26.42 14.23 -23.84
CA GLN D 176 -26.59 12.77 -23.75
C GLN D 176 -25.23 12.06 -23.72
N THR D 177 -24.31 12.50 -24.56
CA THR D 177 -23.06 11.79 -24.72
C THR D 177 -22.26 11.89 -23.42
N VAL D 178 -22.20 13.09 -22.86
CA VAL D 178 -21.38 13.19 -21.67
C VAL D 178 -22.03 12.46 -20.53
N LEU D 179 -23.37 12.49 -20.43
CA LEU D 179 -24.03 11.74 -19.37
C LEU D 179 -23.74 10.26 -19.60
N ARG D 180 -23.87 9.82 -20.84
CA ARG D 180 -23.62 8.40 -21.14
C ARG D 180 -22.17 8.10 -20.81
N ASP D 181 -21.22 8.96 -21.14
CA ASP D 181 -19.84 8.65 -20.92
C ASP D 181 -19.57 8.55 -19.43
N ILE D 182 -20.15 9.50 -18.70
CA ILE D 182 -19.94 9.50 -17.25
C ILE D 182 -20.56 8.26 -16.64
N ARG D 183 -21.75 7.87 -17.10
CA ARG D 183 -22.37 6.68 -16.57
C ARG D 183 -21.46 5.53 -16.86
N ASP D 184 -21.01 5.42 -18.10
CA ASP D 184 -20.29 4.21 -18.42
C ASP D 184 -18.91 4.24 -17.85
N ALA D 185 -18.33 5.38 -17.60
CA ALA D 185 -17.02 5.37 -17.00
C ALA D 185 -16.99 4.67 -15.68
N PHE D 186 -18.12 4.76 -15.01
CA PHE D 186 -18.20 4.11 -13.74
C PHE D 186 -18.98 2.85 -13.76
N LEU D 187 -19.34 2.36 -14.97
CA LEU D 187 -20.15 1.14 -15.11
C LEU D 187 -21.43 1.29 -14.33
N HIS D 188 -22.09 2.44 -14.50
CA HIS D 188 -23.36 2.67 -13.91
C HIS D 188 -24.47 2.44 -14.89
N HIS D 189 -25.66 2.49 -14.37
CA HIS D 189 -26.80 2.15 -15.18
C HIS D 189 -27.45 3.39 -15.75
N GLY D 190 -27.17 4.54 -15.19
CA GLY D 190 -27.84 5.74 -15.71
C GLY D 190 -27.11 6.90 -15.14
N PRO D 191 -27.43 8.09 -15.62
CA PRO D 191 -26.76 9.23 -15.13
C PRO D 191 -27.41 9.55 -13.78
N ALA D 192 -26.60 9.89 -12.80
CA ALA D 192 -27.12 10.23 -11.52
C ALA D 192 -27.90 11.52 -11.72
N SER D 193 -28.74 11.77 -10.75
CA SER D 193 -29.52 13.04 -10.76
C SER D 193 -28.59 14.19 -10.93
N ASP D 194 -27.41 14.06 -10.29
CA ASP D 194 -26.39 15.07 -10.34
C ASP D 194 -26.05 15.45 -11.76
N TYR D 195 -26.01 14.48 -12.67
CA TYR D 195 -25.67 14.85 -14.00
C TYR D 195 -26.87 15.30 -14.81
N ARG D 196 -28.06 15.01 -14.37
CA ARG D 196 -29.22 15.60 -15.00
C ARG D 196 -29.35 17.02 -14.50
N VAL D 197 -28.66 17.36 -13.43
CA VAL D 197 -28.58 18.77 -13.02
C VAL D 197 -27.43 19.39 -13.77
N LEU D 198 -26.23 18.89 -13.57
CA LEU D 198 -25.04 19.49 -14.19
C LEU D 198 -25.02 19.38 -15.72
N GLY D 199 -25.83 18.49 -16.25
CA GLY D 199 -25.71 18.22 -17.67
C GLY D 199 -26.28 19.29 -18.54
N VAL D 200 -26.88 20.29 -17.93
CA VAL D 200 -27.18 21.52 -18.72
C VAL D 200 -25.90 22.22 -19.09
N TRP D 201 -24.82 21.84 -18.46
CA TRP D 201 -23.49 22.36 -18.80
C TRP D 201 -22.61 21.26 -19.23
N PRO D 202 -22.85 20.75 -20.43
CA PRO D 202 -22.09 19.59 -20.84
C PRO D 202 -20.66 19.97 -21.08
N ASP D 203 -20.37 21.26 -21.35
CA ASP D 203 -19.03 21.66 -21.53
C ASP D 203 -18.24 21.45 -20.25
N TYR D 204 -18.86 21.80 -19.16
CA TYR D 204 -18.23 21.55 -17.90
C TYR D 204 -18.14 20.06 -17.69
N LEU D 205 -19.22 19.30 -17.89
CA LEU D 205 -19.09 17.90 -17.51
C LEU D 205 -18.04 17.23 -18.31
N GLU D 206 -17.84 17.65 -19.58
CA GLU D 206 -16.78 17.04 -20.33
C GLU D 206 -15.42 17.30 -19.68
N ILE D 207 -15.19 18.54 -19.19
CA ILE D 207 -13.95 18.85 -18.49
C ILE D 207 -13.87 18.06 -17.22
N ALA D 208 -15.01 17.97 -16.52
CA ALA D 208 -15.00 17.23 -15.26
C ALA D 208 -14.70 15.76 -15.52
N LEU D 209 -15.24 15.20 -16.59
CA LEU D 209 -15.00 13.79 -16.84
C LEU D 209 -13.54 13.65 -17.14
N ARG D 210 -13.06 14.49 -18.03
CA ARG D 210 -11.62 14.32 -18.36
C ARG D 210 -10.69 14.59 -17.15
N ASP D 211 -10.96 15.64 -16.37
CA ASP D 211 -9.99 16.06 -15.43
C ASP D 211 -10.15 15.35 -14.15
N SER D 212 -11.38 15.00 -13.86
CA SER D 212 -11.68 14.59 -12.50
C SER D 212 -12.12 13.18 -12.38
N LEU D 213 -13.02 12.77 -13.23
CA LEU D 213 -13.67 11.49 -13.04
C LEU D 213 -12.96 10.39 -13.77
N ALA D 214 -12.71 10.60 -15.05
CA ALA D 214 -12.08 9.52 -15.81
C ALA D 214 -10.80 9.02 -15.23
N PRO D 215 -10.00 9.85 -14.68
CA PRO D 215 -8.71 9.33 -14.23
C PRO D 215 -8.78 8.47 -13.00
N VAL D 216 -9.92 8.43 -12.33
CA VAL D 216 -10.02 7.65 -11.11
C VAL D 216 -11.11 6.65 -11.23
N ALA D 217 -11.98 6.73 -12.24
CA ALA D 217 -13.10 5.78 -12.36
C ALA D 217 -12.52 4.34 -12.38
N LEU D 218 -13.21 3.53 -11.60
CA LEU D 218 -12.92 2.09 -11.55
C LEU D 218 -11.62 1.77 -10.89
N SER D 219 -10.93 2.75 -10.36
CA SER D 219 -9.61 2.52 -9.84
C SER D 219 -9.77 1.93 -8.44
N ALA D 220 -8.63 1.38 -7.99
CA ALA D 220 -8.59 0.89 -6.61
C ALA D 220 -8.86 2.02 -5.64
N GLU D 221 -8.30 3.19 -5.92
CA GLU D 221 -8.43 4.27 -5.01
C GLU D 221 -9.86 4.72 -4.90
N TYR D 222 -10.51 4.78 -6.04
CA TYR D 222 -11.94 5.16 -6.00
C TYR D 222 -12.77 4.16 -5.24
N ASP D 223 -12.55 2.92 -5.56
CA ASP D 223 -13.42 1.89 -5.05
C ASP D 223 -13.13 1.72 -3.57
N GLU D 224 -11.93 1.96 -3.13
CA GLU D 224 -11.62 1.88 -1.71
C GLU D 224 -12.27 3.05 -0.96
N THR D 225 -12.31 4.22 -1.65
CA THR D 225 -12.98 5.36 -1.04
C THR D 225 -14.42 4.98 -0.93
N ALA D 226 -15.00 4.38 -1.95
CA ALA D 226 -16.38 4.01 -1.84
C ALA D 226 -16.59 2.97 -0.75
N ARG D 227 -15.69 1.98 -0.68
CA ARG D 227 -15.83 0.99 0.39
C ARG D 227 -15.81 1.67 1.74
N ARG D 228 -14.87 2.60 1.87
CA ARG D 228 -14.81 3.34 3.15
C ARG D 228 -16.09 4.04 3.48
N ILE D 229 -16.63 4.77 2.52
CA ILE D 229 -17.82 5.55 2.89
C ILE D 229 -19.01 4.65 3.01
N ARG D 230 -19.04 3.57 2.24
CA ARG D 230 -20.13 2.66 2.46
C ARG D 230 -20.09 2.06 3.86
N LYS D 231 -18.88 1.77 4.34
CA LYS D 231 -18.74 1.22 5.68
C LYS D 231 -19.09 2.25 6.75
N ILE D 232 -18.75 3.50 6.48
CA ILE D 232 -19.15 4.54 7.43
C ILE D 232 -20.61 4.58 7.54
N ALA D 233 -21.27 4.53 6.40
CA ALA D 233 -22.75 4.64 6.42
C ALA D 233 -23.33 3.44 7.08
N ARG D 234 -22.81 2.25 6.73
CA ARG D 234 -23.38 1.05 7.26
C ARG D 234 -23.19 0.95 8.77
N GLU D 235 -22.06 1.34 9.27
CA GLU D 235 -21.89 1.36 10.70
C GLU D 235 -22.78 2.43 11.33
N HIS D 236 -22.89 3.57 10.67
CA HIS D 236 -23.57 4.66 11.35
C HIS D 236 -25.01 4.35 11.52
N VAL D 237 -25.64 3.68 10.57
CA VAL D 237 -27.08 3.46 10.75
C VAL D 237 -27.40 2.52 11.89
N LYS D 238 -26.41 1.74 12.36
CA LYS D 238 -26.70 0.90 13.49
C LYS D 238 -26.91 1.70 14.73
N GLY D 239 -26.56 2.97 14.69
CA GLY D 239 -26.73 3.76 15.89
C GLY D 239 -28.14 4.33 15.96
N PHE D 240 -28.97 4.15 14.90
CA PHE D 240 -30.31 4.69 14.88
C PHE D 240 -31.16 4.02 15.96
N ASP D 241 -32.12 4.79 16.45
CA ASP D 241 -32.97 4.28 17.52
C ASP D 241 -33.94 3.23 17.11
N LYS D 242 -34.34 3.17 15.84
CA LYS D 242 -35.11 2.07 15.50
C LYS D 242 -34.80 1.78 14.05
N PRO D 243 -35.24 0.63 13.59
CA PRO D 243 -34.85 0.24 12.25
C PRO D 243 -35.27 1.25 11.22
N ALA D 244 -34.46 1.37 10.18
CA ALA D 244 -34.61 2.48 9.30
C ALA D 244 -34.96 2.03 7.87
N GLY D 245 -35.60 0.88 7.77
CA GLY D 245 -36.18 0.51 6.50
C GLY D 245 -37.08 -0.68 6.75
N VAL D 246 -37.43 -1.36 5.69
CA VAL D 246 -38.33 -2.51 5.84
C VAL D 246 -37.55 -3.71 5.26
N ALA D 247 -37.83 -4.84 5.88
CA ALA D 247 -37.28 -6.14 5.40
C ALA D 247 -38.12 -6.69 4.33
N TRP D 248 -37.48 -7.30 3.32
CA TRP D 248 -38.29 -7.83 2.26
C TRP D 248 -39.14 -8.94 2.77
N ARG D 249 -38.63 -9.70 3.75
CA ARG D 249 -39.50 -10.75 4.22
C ARG D 249 -40.75 -10.24 4.89
N ASP D 250 -40.82 -8.97 5.22
CA ASP D 250 -42.03 -8.38 5.77
C ASP D 250 -42.88 -7.75 4.71
N MET D 251 -42.49 -7.89 3.45
CA MET D 251 -43.08 -7.19 2.36
C MET D 251 -43.78 -8.10 1.41
N THR D 252 -43.98 -9.35 1.84
CA THR D 252 -44.33 -10.34 0.80
C THR D 252 -45.80 -10.26 0.46
N GLU D 253 -46.55 -9.55 1.26
CA GLU D 253 -47.97 -9.31 0.94
C GLU D 253 -48.07 -8.13 0.04
N LYS D 254 -47.00 -7.34 -0.07
CA LYS D 254 -47.07 -6.06 -0.72
C LYS D 254 -46.31 -6.06 -2.03
N LEU D 255 -45.37 -7.00 -2.13
CA LEU D 255 -44.55 -7.07 -3.35
C LEU D 255 -44.59 -8.50 -3.80
N SER D 256 -44.53 -8.63 -5.12
CA SER D 256 -44.38 -9.94 -5.68
C SER D 256 -42.96 -10.44 -5.55
N ALA D 257 -42.82 -11.76 -5.73
CA ALA D 257 -41.48 -12.33 -5.74
C ALA D 257 -40.58 -11.56 -6.76
N GLU D 258 -41.10 -11.29 -7.97
CA GLU D 258 -40.32 -10.57 -8.94
C GLU D 258 -39.95 -9.16 -8.47
N GLN D 259 -40.85 -8.50 -7.76
CA GLN D 259 -40.58 -7.14 -7.26
C GLN D 259 -39.61 -7.25 -6.15
N ILE D 260 -39.71 -8.26 -5.30
CA ILE D 260 -38.70 -8.42 -4.24
C ILE D 260 -37.35 -8.59 -4.88
N ALA D 261 -37.28 -9.43 -5.90
CA ALA D 261 -35.99 -9.65 -6.51
C ALA D 261 -35.51 -8.35 -7.13
N GLY D 262 -36.39 -7.63 -7.83
CA GLY D 262 -35.89 -6.45 -8.53
C GLY D 262 -35.42 -5.42 -7.50
N LEU D 263 -36.22 -5.24 -6.48
CA LEU D 263 -35.89 -4.22 -5.50
C LEU D 263 -34.59 -4.64 -4.80
N THR D 264 -34.35 -5.96 -4.60
CA THR D 264 -33.15 -6.32 -3.89
C THR D 264 -31.97 -5.90 -4.71
N GLY D 265 -32.10 -6.13 -6.02
CA GLY D 265 -31.06 -5.74 -6.93
C GLY D 265 -30.90 -4.24 -6.95
N LEU D 266 -32.00 -3.54 -7.09
CA LEU D 266 -31.88 -2.11 -7.12
C LEU D 266 -31.30 -1.58 -5.84
N LEU D 267 -31.73 -2.11 -4.70
CA LEU D 267 -31.18 -1.52 -3.50
C LEU D 267 -29.68 -1.71 -3.48
N PHE D 268 -29.21 -2.89 -3.84
CA PHE D 268 -27.80 -3.11 -3.78
C PHE D 268 -27.06 -2.27 -4.76
N MET D 269 -27.66 -2.17 -5.94
CA MET D 269 -27.01 -1.36 -6.96
C MET D 269 -26.94 0.11 -6.52
N TYR D 270 -28.02 0.63 -5.97
CA TYR D 270 -28.02 2.02 -5.60
C TYR D 270 -27.19 2.25 -4.39
N ASN D 271 -27.01 1.22 -3.51
CA ASN D 271 -26.11 1.47 -2.38
C ASN D 271 -24.70 1.69 -2.95
N ARG D 272 -24.35 1.00 -3.99
CA ARG D 272 -23.10 1.31 -4.65
C ARG D 272 -23.11 2.60 -5.42
N PHE D 273 -24.18 2.80 -6.16
CA PHE D 273 -24.26 3.96 -7.03
C PHE D 273 -24.12 5.21 -6.19
N ILE D 274 -24.88 5.31 -5.12
CA ILE D 274 -24.91 6.57 -4.39
C ILE D 274 -23.53 6.79 -3.82
N ALA D 275 -22.85 5.74 -3.37
CA ALA D 275 -21.54 5.97 -2.83
C ALA D 275 -20.65 6.53 -3.93
N ASP D 276 -20.73 5.90 -5.12
CA ASP D 276 -19.85 6.36 -6.17
C ASP D 276 -20.18 7.80 -6.58
N ILE D 277 -21.47 8.11 -6.63
CA ILE D 277 -21.83 9.45 -7.03
C ILE D 277 -21.45 10.43 -5.94
N THR D 278 -21.61 10.06 -4.70
CA THR D 278 -21.17 10.93 -3.60
C THR D 278 -19.72 11.34 -3.82
N ILE D 279 -18.91 10.35 -4.12
CA ILE D 279 -17.46 10.65 -4.27
C ILE D 279 -17.21 11.48 -5.53
N ALA D 280 -17.97 11.14 -6.58
CA ALA D 280 -17.73 11.84 -7.83
C ALA D 280 -18.00 13.31 -7.72
N ILE D 281 -19.14 13.68 -7.13
CA ILE D 281 -19.42 15.09 -7.12
C ILE D 281 -18.58 15.82 -6.13
N ILE D 282 -18.17 15.16 -5.05
CA ILE D 282 -17.26 15.79 -4.17
C ILE D 282 -15.97 16.05 -4.88
N ARG D 283 -15.54 15.08 -5.69
CA ARG D 283 -14.27 15.19 -6.40
C ARG D 283 -14.39 16.37 -7.41
N LEU D 284 -15.58 16.54 -7.98
CA LEU D 284 -15.76 17.67 -8.91
C LEU D 284 -15.62 19.00 -8.14
N LYS D 285 -16.19 19.10 -6.94
CA LYS D 285 -16.04 20.38 -6.26
C LYS D 285 -14.60 20.49 -5.78
N GLN D 286 -13.97 19.37 -5.42
CA GLN D 286 -12.58 19.41 -4.95
C GLN D 286 -11.69 20.03 -6.04
N ALA D 287 -11.99 19.78 -7.31
CA ALA D 287 -11.17 20.38 -8.37
C ALA D 287 -11.32 21.90 -8.37
N PHE D 288 -12.48 22.39 -7.99
CA PHE D 288 -12.64 23.83 -7.88
C PHE D 288 -12.06 24.40 -6.66
N SER D 289 -12.19 23.69 -5.58
CA SER D 289 -11.75 24.22 -4.32
CA SER D 289 -11.75 24.22 -4.32
C SER D 289 -10.70 23.23 -3.81
N GLY D 290 -11.03 22.41 -2.93
CA GLY D 290 -10.12 21.46 -2.42
C GLY D 290 -10.93 20.60 -1.52
N PRO D 291 -10.29 19.73 -0.78
CA PRO D 291 -11.06 18.68 -0.12
C PRO D 291 -11.78 19.27 1.04
N GLU D 292 -11.23 20.27 1.77
CA GLU D 292 -12.00 20.79 2.91
CA GLU D 292 -12.00 20.79 2.90
C GLU D 292 -13.31 21.41 2.44
N ASP D 293 -13.25 22.22 1.43
CA ASP D 293 -14.49 22.80 0.98
C ASP D 293 -15.44 21.80 0.41
N ALA D 294 -14.88 20.84 -0.33
CA ALA D 294 -15.79 19.99 -1.08
C ALA D 294 -16.43 19.04 -0.10
N THR D 295 -15.85 18.84 1.06
CA THR D 295 -16.50 17.87 1.94
C THR D 295 -17.16 18.52 3.12
N ALA D 296 -17.24 19.85 3.11
CA ALA D 296 -17.90 20.51 4.23
C ALA D 296 -19.40 20.31 4.19
N ASN D 297 -19.98 20.41 5.37
CA ASN D 297 -21.41 20.47 5.44
C ASN D 297 -21.74 21.97 5.44
N LYS D 298 -22.30 22.43 4.34
CA LYS D 298 -22.54 23.84 4.15
C LYS D 298 -23.96 24.22 4.48
N TYR D 299 -24.79 23.28 4.91
CA TYR D 299 -26.21 23.57 5.00
C TYR D 299 -26.86 23.29 6.30
N THR D 300 -26.37 22.30 7.07
CA THR D 300 -27.10 21.91 8.21
C THR D 300 -26.14 21.73 9.28
N ASN D 301 -25.91 22.83 9.96
CA ASN D 301 -24.93 22.84 10.99
C ASN D 301 -25.47 23.35 12.30
N ARG E 4 35.38 -4.57 28.45
CA ARG E 4 33.97 -4.92 28.77
C ARG E 4 33.36 -5.61 27.56
N SER E 5 32.63 -6.68 27.84
CA SER E 5 32.35 -7.53 26.76
C SER E 5 31.29 -6.92 25.93
N VAL E 6 31.24 -7.46 24.76
CA VAL E 6 30.31 -7.05 23.81
C VAL E 6 28.86 -7.14 24.29
N LEU E 7 28.58 -8.27 24.92
CA LEU E 7 27.23 -8.50 25.27
C LEU E 7 27.12 -8.84 26.72
N GLY E 8 26.20 -8.19 27.45
CA GLY E 8 25.94 -8.58 28.86
C GLY E 8 24.97 -9.74 28.99
N SER E 9 24.91 -10.40 30.13
CA SER E 9 23.86 -11.38 30.40
C SER E 9 22.69 -10.60 31.02
N PHE E 10 21.53 -10.74 30.45
CA PHE E 10 20.49 -9.93 30.97
C PHE E 10 19.90 -10.57 32.18
N PRO E 11 19.47 -9.78 33.14
CA PRO E 11 19.05 -10.43 34.34
C PRO E 11 17.86 -11.36 34.18
N GLN E 12 17.97 -12.57 34.72
CA GLN E 12 16.86 -13.50 34.52
C GLN E 12 17.10 -14.69 35.39
N VAL E 13 16.08 -15.48 35.57
CA VAL E 13 16.31 -16.79 36.18
C VAL E 13 16.60 -17.76 35.05
N ASP E 14 17.86 -18.15 34.90
CA ASP E 14 18.21 -18.98 33.76
C ASP E 14 17.67 -20.38 34.04
N HIS E 15 17.63 -21.22 33.02
CA HIS E 15 16.97 -22.55 33.18
C HIS E 15 17.59 -23.29 34.34
N HIS E 16 18.93 -23.24 34.38
CA HIS E 16 19.66 -23.91 35.48
C HIS E 16 19.48 -23.23 36.80
N GLN E 17 18.95 -22.01 36.87
CA GLN E 17 18.88 -21.31 38.15
C GLN E 17 17.57 -21.45 38.87
N ALA E 18 16.54 -21.88 38.17
CA ALA E 18 15.28 -22.03 38.75
C ALA E 18 15.37 -23.17 39.78
N LYS E 19 14.75 -22.97 40.92
CA LYS E 19 14.82 -23.98 41.92
C LYS E 19 13.46 -24.21 42.41
N GLY E 20 13.26 -25.33 43.08
CA GLY E 20 12.01 -25.41 43.84
C GLY E 20 10.76 -25.34 42.97
N GLN E 21 9.77 -24.57 43.43
CA GLN E 21 8.45 -24.49 42.80
C GLN E 21 8.70 -23.80 41.44
N LEU E 22 9.70 -22.92 41.34
CA LEU E 22 9.85 -22.24 40.02
C LEU E 22 10.45 -23.21 39.04
N ALA E 23 11.34 -24.10 39.50
CA ALA E 23 11.87 -25.08 38.58
C ALA E 23 10.71 -25.97 38.09
N GLU E 24 9.78 -26.24 38.97
CA GLU E 24 8.60 -27.06 38.57
C GLU E 24 7.75 -26.32 37.55
N VAL E 25 7.63 -25.02 37.74
CA VAL E 25 6.86 -24.21 36.77
C VAL E 25 7.61 -24.26 35.42
N TYR E 26 8.95 -24.08 35.44
CA TYR E 26 9.69 -24.11 34.22
C TYR E 26 9.42 -25.44 33.56
N ASP E 27 9.50 -26.56 34.33
CA ASP E 27 9.30 -27.82 33.65
C ASP E 27 7.91 -27.96 33.16
N ASP E 28 6.95 -27.39 33.89
CA ASP E 28 5.61 -27.48 33.47
C ASP E 28 5.40 -26.67 32.22
N ILE E 29 6.10 -25.55 32.11
CA ILE E 29 6.04 -24.81 30.84
C ILE E 29 6.61 -25.61 29.67
N HIS E 30 7.80 -26.16 29.81
CA HIS E 30 8.38 -27.04 28.81
C HIS E 30 7.33 -28.04 28.39
N ASN E 31 6.75 -28.73 29.39
CA ASN E 31 5.94 -29.91 29.11
C ASN E 31 4.56 -29.59 28.60
N THR E 32 4.00 -28.49 29.09
CA THR E 32 2.64 -28.16 28.74
C THR E 32 2.68 -27.57 27.34
N MET E 33 3.66 -26.71 27.13
CA MET E 33 3.78 -26.05 25.75
C MET E 33 4.51 -26.93 24.78
N ARG E 34 5.16 -27.96 25.28
CA ARG E 34 5.91 -28.89 24.44
C ARG E 34 7.09 -28.19 23.79
N VAL E 35 7.83 -27.43 24.57
CA VAL E 35 8.88 -26.64 24.01
C VAL E 35 10.17 -26.91 24.76
N PRO E 36 11.28 -26.95 24.08
CA PRO E 36 12.52 -27.29 24.70
C PRO E 36 13.23 -26.13 25.34
N TRP E 37 12.52 -25.03 25.54
CA TRP E 37 13.11 -23.94 26.30
C TRP E 37 12.04 -23.18 26.96
N VAL E 38 12.42 -22.50 28.05
CA VAL E 38 11.51 -21.63 28.73
C VAL E 38 11.89 -20.27 28.17
N ALA E 39 10.86 -19.58 27.64
CA ALA E 39 11.10 -18.31 26.92
C ALA E 39 11.85 -17.34 27.81
N PHE E 40 12.63 -16.50 27.16
CA PHE E 40 13.38 -15.44 27.84
C PHE E 40 12.52 -14.54 28.64
N GLY E 41 11.31 -14.21 28.16
CA GLY E 41 10.47 -13.33 28.97
C GLY E 41 10.05 -14.00 30.27
N ILE E 42 9.75 -15.28 30.21
CA ILE E 42 9.42 -16.00 31.41
C ILE E 42 10.64 -16.00 32.30
N ARG E 43 11.82 -16.28 31.75
CA ARG E 43 12.99 -16.35 32.61
C ARG E 43 13.26 -15.01 33.28
N VAL E 44 13.04 -13.96 32.53
CA VAL E 44 13.24 -12.63 33.17
C VAL E 44 12.18 -12.30 34.15
N MET E 45 10.92 -12.55 33.81
CA MET E 45 9.87 -12.25 34.71
C MET E 45 9.84 -13.13 35.93
N SER E 46 10.50 -14.29 35.83
CA SER E 46 10.46 -15.20 36.95
C SER E 46 11.37 -14.71 38.08
N GLN E 47 12.17 -13.68 37.84
CA GLN E 47 12.93 -13.11 38.99
C GLN E 47 11.99 -12.47 39.96
N PHE E 48 10.79 -12.08 39.57
CA PHE E 48 9.87 -11.42 40.46
C PHE E 48 9.05 -12.52 41.17
N PRO E 49 8.68 -12.26 42.43
CA PRO E 49 7.85 -13.24 43.12
C PRO E 49 6.50 -13.33 42.51
N HIS E 50 5.91 -14.50 42.63
CA HIS E 50 4.53 -14.73 42.42
C HIS E 50 4.09 -14.71 41.02
N PHE E 51 4.52 -13.69 40.30
CA PHE E 51 3.80 -13.47 39.03
C PHE E 51 3.82 -14.64 38.04
N ILE E 52 5.01 -15.11 37.74
CA ILE E 52 5.10 -16.18 36.72
C ILE E 52 4.35 -17.41 37.20
N PRO E 53 4.62 -17.87 38.43
CA PRO E 53 3.80 -19.02 38.90
C PRO E 53 2.32 -18.76 38.83
N ASP E 54 1.85 -17.57 39.24
CA ASP E 54 0.44 -17.36 39.33
C ASP E 54 -0.16 -17.22 37.92
N ALA E 55 0.59 -16.51 37.08
CA ALA E 55 0.05 -16.30 35.73
C ALA E 55 0.07 -17.62 34.98
N TRP E 56 1.13 -18.36 35.12
CA TRP E 56 1.20 -19.64 34.51
C TRP E 56 0.08 -20.55 34.93
N ALA E 57 -0.23 -20.56 36.24
CA ALA E 57 -1.29 -21.42 36.71
C ALA E 57 -2.58 -21.07 36.07
N ALA E 58 -2.81 -19.77 35.80
CA ALA E 58 -4.00 -19.39 35.06
C ALA E 58 -3.97 -19.75 33.58
N LEU E 59 -2.82 -19.58 33.00
CA LEU E 59 -2.67 -19.83 31.54
C LEU E 59 -2.74 -21.32 31.25
N LYS E 60 -2.15 -22.16 32.13
CA LYS E 60 -1.90 -23.56 31.71
C LYS E 60 -3.12 -24.25 31.14
N PRO E 61 -4.26 -24.23 31.81
CA PRO E 61 -5.42 -24.98 31.28
C PRO E 61 -5.92 -24.43 30.01
N ASN E 62 -5.59 -23.16 29.76
CA ASN E 62 -5.99 -22.53 28.50
C ASN E 62 -5.03 -22.89 27.42
N ILE E 63 -3.73 -22.91 27.74
CA ILE E 63 -2.81 -23.02 26.62
C ILE E 63 -2.57 -24.49 26.30
N GLU E 64 -3.05 -25.34 27.21
CA GLU E 64 -2.86 -26.76 26.84
C GLU E 64 -3.91 -27.26 25.89
N THR E 65 -4.91 -26.44 25.51
CA THR E 65 -5.96 -26.96 24.65
C THR E 65 -5.56 -26.96 23.20
N ARG E 66 -6.29 -27.74 22.47
CA ARG E 66 -6.13 -27.74 21.01
C ARG E 66 -6.53 -26.36 20.53
N TYR E 67 -7.56 -25.75 21.17
CA TYR E 67 -7.90 -24.40 20.77
C TYR E 67 -6.69 -23.48 20.84
N ALA E 68 -5.94 -23.57 21.93
CA ALA E 68 -4.84 -22.68 22.06
C ALA E 68 -3.89 -23.04 20.95
N GLU E 69 -3.73 -24.33 20.64
CA GLU E 69 -2.68 -24.75 19.76
C GLU E 69 -3.05 -24.19 18.38
N ASP E 70 -4.34 -24.21 18.08
CA ASP E 70 -4.75 -23.68 16.75
C ASP E 70 -4.42 -22.17 16.71
N GLY E 71 -4.52 -21.47 17.82
CA GLY E 71 -4.22 -20.09 17.80
C GLY E 71 -2.76 -19.91 17.55
N ALA E 72 -1.92 -20.73 18.17
CA ALA E 72 -0.53 -20.63 17.86
C ALA E 72 -0.26 -21.01 16.42
N ASP E 73 -1.01 -21.96 15.87
CA ASP E 73 -0.86 -22.29 14.47
C ASP E 73 -1.25 -21.09 13.65
N LEU E 74 -2.29 -20.39 14.02
CA LEU E 74 -2.70 -19.26 13.19
C LEU E 74 -1.63 -18.19 13.21
N ILE E 75 -1.03 -18.00 14.38
CA ILE E 75 0.07 -17.05 14.47
C ILE E 75 1.18 -17.47 13.56
N ARG E 76 1.58 -18.72 13.70
CA ARG E 76 2.71 -19.19 12.98
C ARG E 76 2.44 -19.03 11.49
N LEU E 77 1.25 -19.46 11.05
CA LEU E 77 0.93 -19.37 9.61
C LEU E 77 0.99 -17.93 9.14
N ASN E 78 0.78 -16.98 10.02
CA ASN E 78 0.67 -15.58 9.59
C ASN E 78 1.91 -14.79 9.89
N SER E 79 2.96 -15.53 10.14
CA SER E 79 4.19 -14.88 10.57
C SER E 79 5.17 -14.56 9.45
N ILE E 80 4.76 -14.80 8.22
CA ILE E 80 5.71 -14.51 7.10
C ILE E 80 5.67 -13.03 6.82
N VAL E 81 6.86 -12.45 6.68
CA VAL E 81 6.91 -11.02 6.34
C VAL E 81 6.90 -10.91 4.83
N PRO E 82 6.14 -10.00 4.30
CA PRO E 82 6.09 -9.87 2.80
C PRO E 82 7.26 -9.00 2.37
N GLY E 83 8.45 -9.55 2.60
CA GLY E 83 9.69 -8.81 2.52
C GLY E 83 10.38 -9.34 1.25
N PRO E 84 11.63 -9.03 1.12
CA PRO E 84 12.42 -9.48 0.01
C PRO E 84 12.58 -10.96 0.10
N VAL E 85 12.87 -11.52 -1.04
CA VAL E 85 13.12 -12.91 -1.16
C VAL E 85 14.49 -13.17 -0.69
N MET E 86 14.65 -14.23 0.10
CA MET E 86 15.96 -14.50 0.68
C MET E 86 16.58 -15.68 -0.06
N PRO E 87 17.88 -15.65 -0.13
CA PRO E 87 18.63 -16.79 -0.68
C PRO E 87 18.69 -17.85 0.34
N ASN E 88 18.73 -19.05 -0.15
CA ASN E 88 18.86 -20.18 0.75
C ASN E 88 20.23 -20.20 1.40
N PRO E 89 20.25 -20.26 2.71
CA PRO E 89 21.54 -20.32 3.36
C PRO E 89 22.24 -21.66 3.17
N THR E 90 21.50 -22.65 2.73
CA THR E 90 22.12 -23.98 2.64
C THR E 90 23.39 -24.01 1.88
N PRO E 91 23.46 -23.49 0.67
CA PRO E 91 24.75 -23.51 -0.02
C PRO E 91 25.83 -22.75 0.75
N LYS E 92 25.44 -21.71 1.48
CA LYS E 92 26.45 -20.88 2.15
C LYS E 92 27.00 -21.70 3.27
N LEU E 93 26.13 -22.41 3.97
CA LEU E 93 26.60 -23.36 5.02
C LEU E 93 27.43 -24.49 4.48
N LEU E 94 27.01 -25.03 3.34
CA LEU E 94 27.84 -26.06 2.72
C LEU E 94 29.21 -25.46 2.36
N ARG E 95 29.24 -24.20 1.95
CA ARG E 95 30.54 -23.56 1.66
C ARG E 95 31.37 -23.36 2.91
N LEU E 96 30.75 -23.21 4.05
CA LEU E 96 31.45 -23.20 5.31
C LEU E 96 31.83 -24.61 5.74
N GLY E 97 31.52 -25.59 4.91
CA GLY E 97 31.93 -26.96 5.23
C GLY E 97 31.01 -27.62 6.16
N TRP E 98 29.87 -27.03 6.45
CA TRP E 98 28.91 -27.75 7.32
C TRP E 98 28.44 -28.97 6.59
N THR E 99 28.32 -30.05 7.36
CA THR E 99 27.69 -31.23 6.82
C THR E 99 26.19 -31.03 6.64
N GLU E 100 25.59 -31.88 5.85
CA GLU E 100 24.12 -31.88 5.84
C GLU E 100 23.54 -32.14 7.17
N SER E 101 24.14 -33.07 7.95
CA SER E 101 23.67 -33.33 9.27
C SER E 101 23.67 -32.12 10.16
N LYS E 102 24.73 -31.34 10.05
CA LYS E 102 24.84 -30.19 10.91
C LYS E 102 23.80 -29.17 10.45
N ILE E 103 23.61 -29.07 9.16
CA ILE E 103 22.57 -28.14 8.63
C ILE E 103 21.19 -28.60 9.09
N GLU E 104 20.98 -29.89 9.12
CA GLU E 104 19.70 -30.39 9.60
C GLU E 104 19.55 -30.16 11.09
N GLU E 105 20.65 -30.21 11.82
CA GLU E 105 20.59 -29.91 13.24
C GLU E 105 20.09 -28.46 13.43
N LEU E 106 20.65 -27.59 12.62
CA LEU E 106 20.24 -26.18 12.69
C LEU E 106 18.76 -26.10 12.24
N LYS E 107 18.42 -26.76 11.17
CA LYS E 107 16.98 -26.62 10.69
C LYS E 107 16.06 -27.18 11.75
N THR E 108 16.49 -28.28 12.43
CA THR E 108 15.65 -28.76 13.52
C THR E 108 15.51 -27.77 14.64
N ALA E 109 16.62 -27.15 15.01
CA ALA E 109 16.56 -26.13 16.04
C ALA E 109 15.59 -25.03 15.58
N LEU E 110 15.66 -24.64 14.30
CA LEU E 110 14.76 -23.54 13.86
C LEU E 110 13.35 -24.04 13.94
N ASP E 111 13.12 -25.27 13.55
CA ASP E 111 11.77 -25.79 13.61
C ASP E 111 11.28 -25.82 15.05
N LEU E 112 12.14 -26.18 15.99
CA LEU E 112 11.65 -26.27 17.32
C LEU E 112 11.34 -24.84 17.82
N LEU E 113 12.18 -23.90 17.51
CA LEU E 113 11.86 -22.52 17.99
C LEU E 113 10.60 -22.02 17.30
N ASN E 114 10.46 -22.34 16.03
CA ASN E 114 9.28 -21.94 15.26
C ASN E 114 7.99 -22.58 15.75
N TYR E 115 8.15 -23.79 16.28
CA TYR E 115 6.99 -24.36 16.95
C TYR E 115 6.63 -23.58 18.19
N GLY E 116 7.62 -23.34 19.04
CA GLY E 116 7.31 -22.80 20.37
C GLY E 116 7.00 -21.31 20.34
N ASN E 117 7.66 -20.55 19.50
CA ASN E 117 7.50 -19.12 19.63
C ASN E 117 6.04 -18.65 19.50
N PRO E 118 5.34 -19.14 18.49
CA PRO E 118 3.95 -18.67 18.42
C PRO E 118 3.15 -19.05 19.65
N LYS E 119 3.52 -20.18 20.30
CA LYS E 119 2.81 -20.52 21.52
C LYS E 119 3.24 -19.56 22.62
N TYR E 120 4.50 -19.16 22.59
CA TYR E 120 4.88 -18.15 23.54
C TYR E 120 4.26 -16.79 23.27
N LEU E 121 3.90 -16.52 22.02
CA LEU E 121 3.17 -15.28 21.79
C LEU E 121 1.78 -15.43 22.42
N ILE E 122 1.14 -16.60 22.31
CA ILE E 122 -0.12 -16.75 22.98
C ILE E 122 0.08 -16.54 24.47
N LEU E 123 1.11 -17.16 25.00
CA LEU E 123 1.42 -17.06 26.41
C LEU E 123 1.57 -15.58 26.85
N ILE E 124 2.38 -14.90 26.10
CA ILE E 124 2.76 -13.53 26.60
C ILE E 124 1.56 -12.63 26.38
N THR E 125 0.80 -12.87 25.32
CA THR E 125 -0.39 -12.10 25.13
C THR E 125 -1.38 -12.33 26.24
N ALA E 126 -1.58 -13.60 26.63
CA ALA E 126 -2.44 -13.90 27.71
C ALA E 126 -1.93 -13.19 28.97
N PHE E 127 -0.68 -13.35 29.25
CA PHE E 127 -0.16 -12.72 30.48
C PHE E 127 -0.36 -11.22 30.40
N ASN E 128 -0.01 -10.62 29.28
CA ASN E 128 -0.05 -9.18 29.26
C ASN E 128 -1.46 -8.67 29.28
N GLU E 129 -2.33 -9.22 28.47
CA GLU E 129 -3.72 -8.72 28.48
C GLU E 129 -4.38 -8.98 29.82
N ALA E 130 -4.15 -10.14 30.41
CA ALA E 130 -4.78 -10.39 31.68
C ALA E 130 -4.29 -9.40 32.75
N TRP E 131 -3.03 -9.05 32.69
CA TRP E 131 -2.42 -8.16 33.66
C TRP E 131 -3.18 -6.88 33.67
N HIS E 132 -3.68 -6.46 32.49
CA HIS E 132 -4.51 -5.24 32.38
C HIS E 132 -5.99 -5.44 32.45
N GLU E 133 -6.40 -6.63 32.87
CA GLU E 133 -7.78 -6.99 32.98
C GLU E 133 -8.47 -7.02 31.67
N ARG E 134 -7.75 -7.14 30.57
CA ARG E 134 -8.38 -7.24 29.29
C ARG E 134 -8.67 -8.71 29.05
N ASP E 135 -9.29 -8.96 27.92
CA ASP E 135 -10.01 -10.27 27.80
C ASP E 135 -9.03 -11.34 27.46
N THR E 136 -8.91 -12.32 28.39
CA THR E 136 -8.07 -13.45 28.07
C THR E 136 -8.86 -14.72 28.39
N GLY E 137 -10.15 -14.60 28.35
CA GLY E 137 -10.95 -15.84 28.54
C GLY E 137 -12.06 -15.64 29.55
N GLY E 138 -13.01 -16.57 29.45
CA GLY E 138 -14.10 -16.53 30.40
C GLY E 138 -15.20 -15.61 30.06
N ARG E 139 -15.12 -14.80 29.01
CA ARG E 139 -16.17 -13.84 28.75
C ARG E 139 -16.98 -14.32 27.56
N ALA E 140 -16.39 -15.18 26.70
CA ALA E 140 -17.05 -15.75 25.49
C ALA E 140 -18.44 -16.30 25.89
N PRO E 141 -19.42 -16.23 24.94
CA PRO E 141 -20.76 -16.81 25.14
C PRO E 141 -20.77 -18.25 25.74
N GLN E 142 -20.04 -19.19 25.14
CA GLN E 142 -19.95 -20.58 25.69
C GLN E 142 -18.50 -21.13 25.74
N LYS E 143 -18.35 -22.22 26.48
CA LYS E 143 -17.06 -22.85 26.69
C LYS E 143 -16.52 -23.55 25.42
N LEU E 144 -15.22 -23.76 25.39
CA LEU E 144 -14.66 -24.55 24.30
C LEU E 144 -15.36 -25.95 24.31
N ARG E 145 -15.61 -26.52 23.15
CA ARG E 145 -16.05 -27.89 23.23
C ARG E 145 -15.45 -28.60 22.12
N GLY E 146 -15.56 -29.92 22.17
CA GLY E 146 -15.12 -30.64 20.99
C GLY E 146 -13.61 -30.69 20.95
N ARG E 147 -13.11 -30.72 19.74
CA ARG E 147 -11.72 -30.76 19.45
C ARG E 147 -11.02 -29.62 20.17
N ASP E 148 -11.70 -28.48 20.23
CA ASP E 148 -11.03 -27.33 20.76
C ASP E 148 -10.61 -27.57 22.21
N ALA E 149 -11.41 -28.33 22.93
CA ALA E 149 -11.17 -28.42 24.35
C ALA E 149 -10.14 -29.43 24.77
N GLU E 150 -9.78 -30.31 23.88
CA GLU E 150 -8.86 -31.37 24.17
C GLU E 150 -7.50 -30.85 24.48
N ARG E 151 -6.90 -31.42 25.50
CA ARG E 151 -5.53 -31.09 25.77
C ARG E 151 -4.65 -31.69 24.71
N ILE E 152 -3.63 -30.94 24.34
CA ILE E 152 -2.60 -31.53 23.49
C ILE E 152 -1.78 -32.44 24.39
N PRO E 153 -0.81 -33.16 23.79
CA PRO E 153 0.04 -34.04 24.58
C PRO E 153 0.85 -33.24 25.56
N TYR E 154 1.23 -33.91 26.64
CA TYR E 154 2.15 -33.27 27.59
C TYR E 154 3.57 -33.78 27.36
N GLY E 155 4.52 -32.89 27.41
CA GLY E 155 5.89 -33.26 27.35
C GLY E 155 6.48 -32.83 26.00
N LEU E 156 7.78 -32.95 25.90
CA LEU E 156 8.42 -32.57 24.65
C LEU E 156 8.08 -33.63 23.61
N PRO E 157 8.04 -33.26 22.35
CA PRO E 157 7.78 -34.25 21.31
C PRO E 157 8.82 -35.30 21.32
N ASN E 158 8.44 -36.45 20.77
CA ASN E 158 9.42 -37.48 20.54
C ASN E 158 10.73 -36.92 19.97
N SER E 159 11.83 -37.28 20.60
CA SER E 159 13.20 -37.03 19.99
C SER E 159 13.60 -35.58 20.30
N VAL E 160 12.78 -34.91 21.08
CA VAL E 160 13.15 -33.52 21.38
C VAL E 160 13.68 -33.43 22.75
N GLU E 161 14.88 -32.89 22.90
CA GLU E 161 15.40 -32.66 24.23
C GLU E 161 15.49 -31.16 24.45
N LYS E 162 15.64 -30.80 25.69
CA LYS E 162 15.72 -29.37 26.01
C LYS E 162 16.91 -28.77 25.36
N PHE E 163 16.73 -27.54 24.96
CA PHE E 163 17.86 -26.86 24.44
C PHE E 163 18.77 -26.42 25.58
N ASN E 164 20.04 -26.23 25.24
CA ASN E 164 20.95 -25.69 26.23
C ASN E 164 21.30 -24.36 25.72
N LEU E 165 20.90 -23.32 26.43
CA LEU E 165 21.23 -22.00 25.91
C LEU E 165 22.66 -21.68 26.22
N LEU E 166 23.34 -21.10 25.27
CA LEU E 166 24.74 -20.77 25.53
C LEU E 166 24.88 -19.72 26.60
N ASP E 167 26.03 -19.76 27.28
CA ASP E 167 26.23 -18.80 28.32
C ASP E 167 26.93 -17.65 27.64
N ILE E 168 26.25 -16.49 27.64
CA ILE E 168 26.75 -15.37 26.89
C ILE E 168 28.13 -14.96 27.44
N GLU E 169 28.26 -14.98 28.75
CA GLU E 169 29.56 -14.54 29.32
C GLU E 169 30.71 -15.36 28.81
N LYS E 170 30.43 -16.61 28.54
CA LYS E 170 31.45 -17.52 28.12
C LYS E 170 31.63 -17.56 26.60
N ALA E 171 30.74 -16.91 25.87
CA ALA E 171 30.75 -17.05 24.45
C ALA E 171 31.90 -16.29 23.84
N SER E 172 32.21 -16.63 22.61
CA SER E 172 33.28 -15.93 21.91
C SER E 172 32.83 -14.54 21.61
N ASP E 173 33.78 -13.70 21.32
CA ASP E 173 33.42 -12.38 20.87
C ASP E 173 32.58 -12.47 19.65
N ARG E 174 32.85 -13.44 18.76
CA ARG E 174 32.03 -13.46 17.55
C ARG E 174 30.56 -13.75 17.89
N THR E 175 30.33 -14.70 18.77
CA THR E 175 28.99 -15.05 19.16
C THR E 175 28.34 -13.91 19.85
N GLN E 176 29.05 -13.30 20.79
CA GLN E 176 28.48 -12.14 21.45
C GLN E 176 28.19 -11.06 20.43
N THR E 177 29.05 -10.85 19.46
CA THR E 177 28.84 -9.78 18.53
C THR E 177 27.57 -10.05 17.73
N VAL E 178 27.45 -11.25 17.20
CA VAL E 178 26.27 -11.42 16.35
C VAL E 178 24.98 -11.41 17.16
N LEU E 179 24.98 -11.91 18.40
CA LEU E 179 23.83 -11.82 19.22
C LEU E 179 23.50 -10.33 19.51
N ARG E 180 24.56 -9.58 19.81
CA ARG E 180 24.38 -8.15 20.03
C ARG E 180 23.82 -7.52 18.76
N ASP E 181 24.37 -7.85 17.60
CA ASP E 181 23.93 -7.19 16.40
C ASP E 181 22.49 -7.53 16.12
N ILE E 182 22.15 -8.83 16.35
CA ILE E 182 20.74 -9.22 16.09
C ILE E 182 19.84 -8.56 17.10
N ARG E 183 20.30 -8.43 18.35
CA ARG E 183 19.49 -7.76 19.30
C ARG E 183 19.27 -6.34 18.88
N ASP E 184 20.30 -5.66 18.53
CA ASP E 184 20.16 -4.26 18.23
C ASP E 184 19.47 -3.99 16.90
N ALA E 185 19.59 -4.90 15.96
CA ALA E 185 18.95 -4.71 14.65
C ALA E 185 17.45 -4.54 14.86
N PHE E 186 16.94 -5.15 15.90
CA PHE E 186 15.50 -5.04 16.19
C PHE E 186 15.15 -4.19 17.35
N LEU E 187 16.14 -3.45 17.86
CA LEU E 187 15.98 -2.57 19.01
C LEU E 187 15.44 -3.44 20.14
N HIS E 188 16.06 -4.63 20.36
CA HIS E 188 15.62 -5.41 21.44
C HIS E 188 16.52 -5.24 22.63
N HIS E 189 16.15 -5.86 23.71
CA HIS E 189 16.91 -5.70 24.95
C HIS E 189 17.92 -6.78 25.18
N GLY E 190 17.78 -7.90 24.53
CA GLY E 190 18.75 -8.99 24.79
C GLY E 190 18.53 -9.97 23.68
N PRO E 191 19.40 -10.98 23.61
CA PRO E 191 19.22 -11.99 22.60
C PRO E 191 18.14 -12.91 23.02
N ALA E 192 17.25 -13.16 22.11
CA ALA E 192 16.22 -14.14 22.41
C ALA E 192 16.86 -15.49 22.74
N SER E 193 16.12 -16.34 23.44
CA SER E 193 16.64 -17.69 23.72
C SER E 193 17.11 -18.31 22.45
N ASP E 194 16.36 -18.03 21.37
CA ASP E 194 16.63 -18.60 20.06
C ASP E 194 18.03 -18.36 19.70
N TYR E 195 18.56 -17.18 19.99
CA TYR E 195 19.88 -16.93 19.57
C TYR E 195 20.91 -17.47 20.58
N ARG E 196 20.49 -17.78 21.79
CA ARG E 196 21.41 -18.44 22.72
C ARG E 196 21.44 -19.93 22.36
N VAL E 197 20.50 -20.30 21.51
CA VAL E 197 20.52 -21.64 20.90
C VAL E 197 21.33 -21.65 19.66
N LEU E 198 20.94 -20.81 18.70
CA LEU E 198 21.53 -20.80 17.39
C LEU E 198 22.91 -20.21 17.45
N GLY E 199 23.23 -19.51 18.54
CA GLY E 199 24.46 -18.78 18.60
C GLY E 199 25.68 -19.66 18.81
N VAL E 200 25.47 -20.96 18.95
CA VAL E 200 26.59 -21.88 18.85
C VAL E 200 27.10 -21.90 17.41
N TRP E 201 26.28 -21.38 16.47
CA TRP E 201 26.63 -21.34 15.08
C TRP E 201 26.66 -19.91 14.71
N PRO E 202 27.66 -19.15 15.16
CA PRO E 202 27.60 -17.72 14.82
C PRO E 202 27.91 -17.51 13.35
N ASP E 203 28.52 -18.48 12.71
CA ASP E 203 28.78 -18.31 11.33
C ASP E 203 27.43 -18.33 10.60
N TYR E 204 26.53 -19.19 11.02
CA TYR E 204 25.18 -19.16 10.46
C TYR E 204 24.49 -17.92 10.87
N LEU E 205 24.51 -17.56 12.13
CA LEU E 205 23.75 -16.34 12.51
C LEU E 205 24.20 -15.11 11.79
N GLU E 206 25.49 -15.02 11.43
CA GLU E 206 25.89 -13.91 10.62
C GLU E 206 25.21 -13.90 9.26
N ILE E 207 25.07 -15.09 8.67
CA ILE E 207 24.40 -15.18 7.41
C ILE E 207 22.92 -14.87 7.61
N ALA E 208 22.35 -15.40 8.68
CA ALA E 208 20.93 -15.19 8.91
C ALA E 208 20.69 -13.71 9.09
N LEU E 209 21.58 -13.06 9.83
CA LEU E 209 21.38 -11.62 10.06
C LEU E 209 21.44 -10.85 8.70
N ARG E 210 22.52 -11.09 7.96
CA ARG E 210 22.74 -10.53 6.65
CA ARG E 210 22.67 -10.40 6.72
C ARG E 210 21.57 -10.77 5.73
N ASP E 211 21.21 -12.05 5.64
CA ASP E 211 20.33 -12.39 4.56
C ASP E 211 18.92 -12.30 4.87
N SER E 212 18.60 -12.52 6.09
CA SER E 212 17.18 -12.69 6.45
C SER E 212 16.69 -11.61 7.36
N LEU E 213 17.45 -11.24 8.36
CA LEU E 213 16.88 -10.41 9.39
C LEU E 213 17.16 -8.93 9.13
N ALA E 214 18.43 -8.56 8.88
CA ALA E 214 18.72 -7.17 8.67
C ALA E 214 17.89 -6.51 7.59
N PRO E 215 17.64 -7.19 6.49
CA PRO E 215 16.89 -6.54 5.41
C PRO E 215 15.48 -6.18 5.81
N VAL E 216 14.93 -6.81 6.85
CA VAL E 216 13.55 -6.53 7.22
C VAL E 216 13.39 -5.91 8.58
N ALA E 217 14.47 -5.88 9.37
CA ALA E 217 14.32 -5.42 10.76
C ALA E 217 13.87 -3.98 10.75
N LEU E 218 12.92 -3.67 11.62
CA LEU E 218 12.34 -2.34 11.81
C LEU E 218 11.55 -1.88 10.64
N SER E 219 11.38 -2.70 9.64
CA SER E 219 10.67 -2.26 8.44
C SER E 219 9.17 -2.28 8.71
N ALA E 220 8.45 -1.49 7.91
CA ALA E 220 6.96 -1.55 8.02
C ALA E 220 6.48 -2.96 7.79
N GLU E 221 7.08 -3.72 6.87
CA GLU E 221 6.55 -5.04 6.56
C GLU E 221 6.70 -5.93 7.77
N TYR E 222 7.89 -5.83 8.42
CA TYR E 222 8.06 -6.64 9.61
C TYR E 222 7.12 -6.26 10.72
N ASP E 223 7.06 -4.96 10.99
CA ASP E 223 6.22 -4.50 12.05
C ASP E 223 4.75 -4.74 11.80
N GLU E 224 4.30 -4.70 10.55
CA GLU E 224 2.96 -5.01 10.21
C GLU E 224 2.69 -6.51 10.40
N THR E 225 3.70 -7.33 10.08
CA THR E 225 3.54 -8.76 10.36
C THR E 225 3.40 -8.94 11.86
N ALA E 226 4.25 -8.21 12.62
CA ALA E 226 4.13 -8.40 14.09
C ALA E 226 2.79 -7.94 14.56
N ARG E 227 2.32 -6.82 14.05
CA ARG E 227 0.96 -6.36 14.43
C ARG E 227 -0.03 -7.41 14.13
N ARG E 228 0.06 -8.00 12.96
CA ARG E 228 -0.87 -9.01 12.58
C ARG E 228 -0.86 -10.19 13.51
N ILE E 229 0.30 -10.68 13.85
CA ILE E 229 0.24 -11.89 14.65
C ILE E 229 -0.04 -11.49 16.08
N ARG E 230 0.35 -10.27 16.50
CA ARG E 230 -0.07 -9.90 17.86
C ARG E 230 -1.58 -9.88 17.93
N LYS E 231 -2.23 -9.39 16.87
CA LYS E 231 -3.66 -9.30 16.86
C LYS E 231 -4.25 -10.69 16.85
N ILE E 232 -3.65 -11.55 16.05
CA ILE E 232 -4.19 -12.93 16.09
C ILE E 232 -4.14 -13.47 17.49
N ALA E 233 -3.02 -13.31 18.16
CA ALA E 233 -2.88 -13.89 19.50
C ALA E 233 -3.88 -13.23 20.43
N ARG E 234 -3.99 -11.90 20.35
CA ARG E 234 -4.89 -11.20 21.23
C ARG E 234 -6.33 -11.53 21.04
N GLU E 235 -6.76 -11.72 19.80
CA GLU E 235 -8.11 -12.17 19.57
CA GLU E 235 -8.12 -12.15 19.63
C GLU E 235 -8.28 -13.59 20.09
N HIS E 236 -7.27 -14.40 19.84
CA HIS E 236 -7.44 -15.81 20.09
C HIS E 236 -7.64 -16.07 21.55
N VAL E 237 -6.89 -15.40 22.39
CA VAL E 237 -6.99 -15.72 23.81
C VAL E 237 -8.38 -15.36 24.36
N LYS E 238 -9.14 -14.50 23.67
CA LYS E 238 -10.47 -14.21 24.14
C LYS E 238 -11.36 -15.42 24.13
N GLY E 239 -10.96 -16.43 23.33
CA GLY E 239 -11.71 -17.66 23.19
C GLY E 239 -11.50 -18.58 24.36
N PHE E 240 -10.55 -18.32 25.25
CA PHE E 240 -10.29 -19.19 26.40
C PHE E 240 -11.47 -19.29 27.33
N ASP E 241 -11.54 -20.43 27.99
CA ASP E 241 -12.65 -20.59 28.90
C ASP E 241 -12.56 -19.77 30.19
N LYS E 242 -11.38 -19.36 30.57
CA LYS E 242 -11.19 -18.64 31.82
C LYS E 242 -10.00 -17.79 31.62
N PRO E 243 -9.89 -16.72 32.42
CA PRO E 243 -8.75 -15.84 32.27
C PRO E 243 -7.47 -16.56 32.33
N ALA E 244 -6.54 -16.04 31.54
CA ALA E 244 -5.32 -16.79 31.28
C ALA E 244 -4.09 -16.06 31.81
N GLY E 245 -4.29 -15.30 32.89
CA GLY E 245 -3.16 -14.68 33.52
C GLY E 245 -3.79 -14.02 34.76
N VAL E 246 -3.04 -13.13 35.33
CA VAL E 246 -3.44 -12.47 36.58
C VAL E 246 -3.41 -10.98 36.29
N ALA E 247 -4.30 -10.30 36.94
CA ALA E 247 -4.33 -8.86 36.81
C ALA E 247 -3.51 -8.20 37.83
N TRP E 248 -2.75 -7.17 37.47
CA TRP E 248 -1.83 -6.64 38.47
C TRP E 248 -2.64 -6.05 39.60
N ARG E 249 -3.89 -5.63 39.39
CA ARG E 249 -4.61 -5.03 40.51
C ARG E 249 -4.99 -6.14 41.49
N ASP E 250 -4.84 -7.38 41.12
CA ASP E 250 -5.02 -8.52 42.04
C ASP E 250 -3.75 -9.00 42.66
N MET E 251 -2.64 -8.35 42.37
CA MET E 251 -1.36 -8.86 42.79
C MET E 251 -0.70 -7.91 43.77
N THR E 252 -1.48 -6.96 44.29
CA THR E 252 -0.84 -5.84 45.02
C THR E 252 -0.46 -6.28 46.41
N GLU E 253 -0.92 -7.45 46.85
CA GLU E 253 -0.36 -8.04 48.10
C GLU E 253 0.86 -8.90 47.81
N LYS E 254 1.16 -9.16 46.55
CA LYS E 254 2.26 -10.02 46.22
C LYS E 254 3.41 -9.33 45.65
N LEU E 255 3.12 -8.17 45.05
CA LEU E 255 4.12 -7.42 44.35
C LEU E 255 4.09 -5.98 44.81
N SER E 256 5.28 -5.43 44.90
CA SER E 256 5.35 -4.02 45.28
C SER E 256 4.93 -3.16 44.10
N ALA E 257 4.70 -1.88 44.37
CA ALA E 257 4.43 -0.92 43.27
C ALA E 257 5.52 -1.00 42.22
N GLU E 258 6.74 -1.04 42.68
CA GLU E 258 7.84 -1.08 41.81
C GLU E 258 7.86 -2.35 40.91
N GLN E 259 7.50 -3.47 41.49
CA GLN E 259 7.51 -4.72 40.73
C GLN E 259 6.33 -4.71 39.81
N ILE E 260 5.16 -4.21 40.26
CA ILE E 260 4.03 -4.02 39.34
C ILE E 260 4.45 -3.18 38.13
N ALA E 261 5.09 -2.05 38.40
CA ALA E 261 5.58 -1.29 37.26
C ALA E 261 6.56 -2.05 36.40
N GLY E 262 7.58 -2.68 37.02
CA GLY E 262 8.53 -3.42 36.20
C GLY E 262 7.88 -4.51 35.37
N LEU E 263 7.01 -5.25 35.99
CA LEU E 263 6.35 -6.36 35.27
C LEU E 263 5.47 -5.82 34.23
N THR E 264 4.89 -4.67 34.47
CA THR E 264 4.07 -4.10 33.39
C THR E 264 4.91 -3.86 32.18
N GLY E 265 6.02 -3.21 32.35
CA GLY E 265 6.93 -2.96 31.28
C GLY E 265 7.39 -4.25 30.63
N LEU E 266 7.82 -5.18 31.48
CA LEU E 266 8.32 -6.38 30.93
C LEU E 266 7.25 -7.08 30.05
N LEU E 267 6.05 -7.18 30.60
CA LEU E 267 4.99 -7.92 29.87
C LEU E 267 4.83 -7.25 28.52
N PHE E 268 4.80 -5.90 28.53
CA PHE E 268 4.54 -5.27 27.28
C PHE E 268 5.69 -5.46 26.32
N MET E 269 6.91 -5.36 26.87
CA MET E 269 8.05 -5.49 26.03
C MET E 269 8.13 -6.88 25.48
N TYR E 270 7.80 -7.86 26.31
CA TYR E 270 7.94 -9.23 25.84
C TYR E 270 6.82 -9.54 24.91
N ASN E 271 5.67 -8.87 25.06
CA ASN E 271 4.61 -9.19 24.11
C ASN E 271 5.07 -8.73 22.70
N ARG E 272 5.83 -7.62 22.64
CA ARG E 272 6.44 -7.28 21.39
C ARG E 272 7.60 -8.17 21.00
N PHE E 273 8.44 -8.48 21.98
CA PHE E 273 9.63 -9.21 21.67
C PHE E 273 9.30 -10.61 21.09
N ILE E 274 8.37 -11.26 21.74
CA ILE E 274 8.06 -12.63 21.32
C ILE E 274 7.45 -12.60 19.93
N ALA E 275 6.68 -11.57 19.66
CA ALA E 275 6.18 -11.53 18.27
C ALA E 275 7.32 -11.33 17.30
N ASP E 276 8.19 -10.44 17.64
CA ASP E 276 9.31 -10.16 16.66
C ASP E 276 10.15 -11.41 16.50
N ILE E 277 10.42 -12.11 17.61
CA ILE E 277 11.29 -13.24 17.48
C ILE E 277 10.54 -14.35 16.77
N THR E 278 9.25 -14.51 17.02
CA THR E 278 8.49 -15.54 16.31
C THR E 278 8.71 -15.30 14.84
N ILE E 279 8.51 -14.05 14.42
CA ILE E 279 8.66 -13.77 12.97
C ILE E 279 10.11 -14.04 12.48
N ALA E 280 11.08 -13.70 13.32
CA ALA E 280 12.47 -13.75 12.89
C ALA E 280 12.84 -15.19 12.61
N ILE E 281 12.51 -16.09 13.51
CA ILE E 281 13.08 -17.45 13.36
C ILE E 281 12.27 -18.17 12.33
N ILE E 282 10.99 -17.79 12.18
CA ILE E 282 10.25 -18.30 11.02
C ILE E 282 10.87 -17.86 9.73
N ARG E 283 11.31 -16.63 9.68
CA ARG E 283 11.94 -16.11 8.50
C ARG E 283 13.21 -16.84 8.22
N LEU E 284 13.94 -17.19 9.32
CA LEU E 284 15.19 -17.90 9.12
C LEU E 284 14.89 -19.26 8.50
N LYS E 285 13.86 -19.94 8.98
CA LYS E 285 13.57 -21.22 8.39
C LYS E 285 13.07 -21.07 6.99
N GLN E 286 12.36 -19.98 6.77
CA GLN E 286 11.78 -19.77 5.42
C GLN E 286 12.90 -19.69 4.41
N ALA E 287 14.02 -19.10 4.81
CA ALA E 287 15.10 -19.00 3.89
C ALA E 287 15.58 -20.37 3.47
N PHE E 288 15.52 -21.31 4.39
CA PHE E 288 15.98 -22.68 4.04
C PHE E 288 14.94 -23.36 3.25
N SER E 289 13.70 -23.15 3.63
CA SER E 289 12.64 -23.92 3.06
CA SER E 289 12.63 -23.90 3.00
C SER E 289 11.72 -22.83 2.35
N GLY E 290 10.66 -22.44 2.89
CA GLY E 290 9.80 -21.52 2.24
C GLY E 290 8.78 -21.41 3.32
N PRO E 291 7.76 -20.68 3.04
CA PRO E 291 6.86 -20.20 4.04
C PRO E 291 6.01 -21.34 4.55
N GLU E 292 5.67 -22.28 3.69
CA GLU E 292 4.79 -23.35 4.17
CA GLU E 292 4.79 -23.35 4.18
C GLU E 292 5.51 -24.21 5.22
N ASP E 293 6.72 -24.61 4.93
CA ASP E 293 7.46 -25.40 5.88
C ASP E 293 7.75 -24.62 7.12
N ALA E 294 8.15 -23.36 6.91
CA ALA E 294 8.61 -22.55 8.06
C ALA E 294 7.47 -22.28 8.99
N THR E 295 6.23 -22.32 8.48
CA THR E 295 5.13 -22.03 9.34
C THR E 295 4.26 -23.18 9.69
N ALA E 296 4.73 -24.37 9.40
CA ALA E 296 3.91 -25.53 9.74
C ALA E 296 4.06 -25.83 11.21
N ASN E 297 3.02 -26.48 11.72
CA ASN E 297 3.09 -27.10 13.02
C ASN E 297 3.66 -28.50 12.82
N LYS E 298 4.89 -28.69 13.25
CA LYS E 298 5.54 -29.97 12.96
C LYS E 298 5.43 -30.88 14.16
N TYR E 299 4.85 -30.42 15.23
CA TYR E 299 5.00 -31.18 16.49
C TYR E 299 3.75 -31.57 17.14
N THR E 300 2.63 -30.88 16.93
CA THR E 300 1.49 -31.15 17.73
C THR E 300 0.32 -31.03 16.78
N ASN E 301 0.06 -32.18 16.18
CA ASN E 301 -0.99 -32.31 15.19
C ASN E 301 -1.91 -33.43 15.54
N ARG F 4 -14.72 -2.66 43.26
CA ARG F 4 -13.51 -2.42 42.42
C ARG F 4 -13.75 -1.40 41.34
N SER F 5 -13.02 -0.30 41.45
CA SER F 5 -13.25 0.78 40.57
C SER F 5 -12.76 0.38 39.21
N VAL F 6 -13.26 1.09 38.24
CA VAL F 6 -13.01 0.78 36.93
C VAL F 6 -11.50 0.79 36.52
N LEU F 7 -10.84 1.76 37.13
CA LEU F 7 -9.54 2.13 36.67
C LEU F 7 -8.79 2.19 37.98
N GLY F 8 -7.63 1.52 38.05
CA GLY F 8 -6.76 1.77 39.23
C GLY F 8 -5.76 2.92 39.03
N SER F 9 -5.01 3.26 40.04
CA SER F 9 -3.95 4.25 39.94
CA SER F 9 -3.97 4.26 39.86
C SER F 9 -2.69 3.48 39.63
N PHE F 10 -1.97 3.85 38.59
CA PHE F 10 -0.81 3.00 38.30
C PHE F 10 0.35 3.47 39.16
N PRO F 11 1.17 2.54 39.58
CA PRO F 11 2.29 2.94 40.51
C PRO F 11 3.22 3.90 39.92
N GLN F 12 3.45 5.01 40.64
CA GLN F 12 4.35 6.02 40.04
C GLN F 12 4.61 7.03 41.11
N VAL F 13 5.59 7.88 40.87
CA VAL F 13 5.82 9.02 41.79
C VAL F 13 5.08 10.16 41.12
N ASP F 14 3.90 10.44 41.66
CA ASP F 14 3.11 11.48 41.07
C ASP F 14 3.82 12.82 41.29
N HIS F 15 3.39 13.81 40.54
CA HIS F 15 4.03 15.17 40.62
C HIS F 15 4.16 15.61 42.06
N HIS F 16 3.05 15.45 42.80
CA HIS F 16 3.03 15.93 44.18
C HIS F 16 3.79 15.06 45.11
N GLN F 17 4.16 13.84 44.71
CA GLN F 17 4.97 12.95 45.56
C GLN F 17 6.46 13.04 45.49
N ALA F 18 7.01 13.60 44.40
CA ALA F 18 8.41 13.76 44.26
C ALA F 18 8.91 14.68 45.37
N LYS F 19 9.97 14.23 45.99
CA LYS F 19 10.61 15.00 47.05
C LYS F 19 12.05 15.21 46.77
N GLY F 20 12.64 16.19 47.48
CA GLY F 20 14.07 16.34 47.43
C GLY F 20 14.59 16.45 46.00
N GLN F 21 15.57 15.63 45.70
CA GLN F 21 16.32 15.76 44.50
C GLN F 21 15.38 15.34 43.34
N LEU F 22 14.51 14.37 43.60
CA LEU F 22 13.67 13.90 42.50
C LEU F 22 12.69 15.02 42.16
N ALA F 23 12.20 15.74 43.17
CA ALA F 23 11.36 16.88 42.87
C ALA F 23 12.11 17.93 42.03
N GLU F 24 13.38 18.13 42.33
CA GLU F 24 14.14 19.06 41.51
C GLU F 24 14.29 18.56 40.13
N VAL F 25 14.45 17.25 39.99
CA VAL F 25 14.50 16.66 38.64
C VAL F 25 13.20 16.89 37.93
N TYR F 26 12.10 16.65 38.60
CA TYR F 26 10.80 16.86 37.92
C TYR F 26 10.70 18.29 37.46
N ASP F 27 11.07 19.23 38.33
CA ASP F 27 10.95 20.64 37.93
C ASP F 27 11.93 20.94 36.81
N ASP F 28 13.12 20.30 36.81
CA ASP F 28 14.05 20.55 35.74
C ASP F 28 13.55 20.00 34.43
N ILE F 29 12.85 18.88 34.51
CA ILE F 29 12.23 18.31 33.28
C ILE F 29 11.18 19.36 32.81
N HIS F 30 10.27 19.77 33.67
CA HIS F 30 9.31 20.75 33.26
C HIS F 30 9.99 21.91 32.60
N ASN F 31 11.01 22.46 33.27
CA ASN F 31 11.57 23.70 32.73
C ASN F 31 12.49 23.50 31.56
N THR F 32 13.24 22.40 31.52
CA THR F 32 14.16 22.18 30.45
C THR F 32 13.37 21.90 29.18
N MET F 33 12.36 21.06 29.34
CA MET F 33 11.52 20.71 28.21
C MET F 33 10.37 21.66 27.90
N ARG F 34 10.12 22.55 28.87
CA ARG F 34 9.14 23.62 28.74
C ARG F 34 7.75 22.94 28.65
N VAL F 35 7.52 22.00 29.51
CA VAL F 35 6.28 21.26 29.48
C VAL F 35 5.63 21.31 30.84
N PRO F 36 4.30 21.39 30.88
CA PRO F 36 3.60 21.60 32.10
C PRO F 36 3.22 20.30 32.75
N TRP F 37 3.88 19.17 32.39
CA TRP F 37 3.70 17.97 33.16
C TRP F 37 4.94 17.15 32.94
N VAL F 38 5.23 16.30 33.95
CA VAL F 38 6.23 15.30 33.87
C VAL F 38 5.51 14.07 33.37
N ALA F 39 6.05 13.54 32.28
CA ALA F 39 5.40 12.42 31.58
C ALA F 39 5.27 11.29 32.55
N PHE F 40 4.23 10.52 32.28
CA PHE F 40 3.89 9.36 33.06
C PHE F 40 5.01 8.35 33.08
N GLY F 41 5.73 8.17 31.98
CA GLY F 41 6.87 7.28 31.94
C GLY F 41 7.90 7.64 32.99
N ILE F 42 8.16 8.93 33.03
CA ILE F 42 9.10 9.42 34.02
C ILE F 42 8.56 9.15 35.36
N ARG F 43 7.31 9.47 35.57
CA ARG F 43 6.75 9.33 36.91
C ARG F 43 6.80 7.91 37.38
N VAL F 44 6.54 7.03 36.43
CA VAL F 44 6.59 5.60 36.83
C VAL F 44 8.02 5.16 37.09
N MET F 45 8.90 5.48 36.20
CA MET F 45 10.29 5.04 36.34
C MET F 45 10.99 5.71 37.49
N SER F 46 10.48 6.84 37.94
CA SER F 46 11.08 7.59 39.05
C SER F 46 10.89 6.86 40.33
N GLN F 47 10.03 5.87 40.35
CA GLN F 47 9.93 5.03 41.58
C GLN F 47 11.24 4.28 41.81
N PHE F 48 12.03 4.05 40.78
CA PHE F 48 13.25 3.32 40.92
C PHE F 48 14.39 4.26 41.33
N PRO F 49 15.34 3.77 42.12
CA PRO F 49 16.45 4.65 42.45
C PRO F 49 17.27 4.93 41.24
N HIS F 50 17.88 6.14 41.24
CA HIS F 50 18.98 6.50 40.36
C HIS F 50 18.66 6.68 38.96
N PHE F 51 17.86 5.78 38.41
CA PHE F 51 17.83 5.79 36.93
C PHE F 51 17.30 7.13 36.36
N ILE F 52 16.14 7.60 36.84
CA ILE F 52 15.61 8.85 36.26
C ILE F 52 16.60 9.99 36.45
N PRO F 53 17.06 10.21 37.69
CA PRO F 53 18.02 11.30 37.86
C PRO F 53 19.21 11.14 36.97
N ASP F 54 19.77 9.91 36.85
CA ASP F 54 20.99 9.72 36.07
C ASP F 54 20.80 9.92 34.62
N ALA F 55 19.69 9.34 34.15
CA ALA F 55 19.39 9.40 32.76
C ALA F 55 19.03 10.81 32.39
N TRP F 56 18.25 11.46 33.23
CA TRP F 56 17.90 12.82 32.97
C TRP F 56 19.16 13.66 32.92
N ALA F 57 20.06 13.49 33.87
CA ALA F 57 21.30 14.28 33.77
C ALA F 57 22.06 14.14 32.49
N ALA F 58 22.06 12.95 31.88
CA ALA F 58 22.69 12.80 30.61
C ALA F 58 21.89 13.43 29.46
N LEU F 59 20.59 13.29 29.54
CA LEU F 59 19.76 13.80 28.46
C LEU F 59 19.74 15.33 28.46
N LYS F 60 19.62 15.90 29.64
CA LYS F 60 19.34 17.32 29.78
C LYS F 60 20.10 18.19 28.77
N PRO F 61 21.46 18.12 28.70
CA PRO F 61 22.15 19.08 27.84
C PRO F 61 21.88 18.79 26.40
N ASN F 62 21.41 17.57 26.13
CA ASN F 62 21.08 17.25 24.76
C ASN F 62 19.67 17.63 24.40
N ILE F 63 18.75 17.53 25.33
CA ILE F 63 17.38 17.86 24.99
C ILE F 63 17.09 19.34 25.07
N GLU F 64 18.02 20.07 25.69
CA GLU F 64 17.73 21.48 25.85
C GLU F 64 18.08 22.27 24.62
N THR F 65 18.51 21.61 23.56
CA THR F 65 19.04 22.40 22.44
C THR F 65 18.02 22.53 21.37
N ARG F 66 18.28 23.51 20.51
CA ARG F 66 17.47 23.68 19.32
C ARG F 66 17.50 22.46 18.45
N TYR F 67 18.66 21.82 18.35
CA TYR F 67 18.70 20.57 17.59
C TYR F 67 17.67 19.60 18.17
N ALA F 68 17.60 19.39 19.48
CA ALA F 68 16.61 18.48 20.01
C ALA F 68 15.25 18.98 19.73
N GLU F 69 15.05 20.30 19.75
CA GLU F 69 13.75 20.84 19.54
C GLU F 69 13.35 20.53 18.12
N ASP F 70 14.31 20.62 17.21
CA ASP F 70 13.94 20.38 15.80
C ASP F 70 13.56 18.93 15.61
N GLY F 71 14.15 18.05 16.43
CA GLY F 71 13.84 16.64 16.33
C GLY F 71 12.43 16.44 16.82
N ALA F 72 12.10 17.08 17.95
CA ALA F 72 10.69 16.95 18.36
C ALA F 72 9.75 17.55 17.36
N ASP F 73 10.14 18.62 16.70
CA ASP F 73 9.28 19.15 15.72
C ASP F 73 9.12 18.16 14.57
N LEU F 74 10.20 17.49 14.20
CA LEU F 74 10.05 16.53 13.13
C LEU F 74 9.13 15.40 13.54
N ILE F 75 9.20 15.00 14.78
CA ILE F 75 8.29 14.01 15.27
C ILE F 75 6.91 14.56 15.14
N ARG F 76 6.71 15.75 15.67
CA ARG F 76 5.36 16.26 15.75
C ARG F 76 4.78 16.34 14.33
N LEU F 77 5.55 16.91 13.40
CA LEU F 77 5.05 17.09 12.02
C LEU F 77 4.69 15.76 11.41
N ASN F 78 5.35 14.69 11.87
CA ASN F 78 5.20 13.39 11.24
C ASN F 78 4.21 12.49 11.98
N SER F 79 3.43 13.11 12.85
CA SER F 79 2.60 12.32 13.76
C SER F 79 1.14 12.12 13.26
N ILE F 80 0.82 12.63 12.08
CA ILE F 80 -0.57 12.49 11.58
C ILE F 80 -0.74 11.09 11.03
N VAL F 81 -1.83 10.49 11.41
CA VAL F 81 -2.15 9.14 10.94
C VAL F 81 -2.89 9.30 9.66
N PRO F 82 -2.51 8.59 8.61
CA PRO F 82 -3.25 8.69 7.34
C PRO F 82 -4.50 7.84 7.52
N GLY F 83 -5.39 8.28 8.38
CA GLY F 83 -6.57 7.52 8.74
C GLY F 83 -7.79 8.24 8.20
N PRO F 84 -8.95 7.90 8.73
CA PRO F 84 -10.17 8.47 8.22
C PRO F 84 -10.14 9.94 8.61
N VAL F 85 -10.93 10.72 7.91
CA VAL F 85 -11.08 12.10 8.23
C VAL F 85 -12.09 12.17 9.40
N MET F 86 -11.77 13.06 10.36
CA MET F 86 -12.57 13.16 11.57
C MET F 86 -13.43 14.39 11.45
N PRO F 87 -14.57 14.30 12.10
CA PRO F 87 -15.42 15.48 12.22
C PRO F 87 -14.83 16.34 13.31
N ASN F 88 -15.14 17.62 13.20
CA ASN F 88 -14.67 18.56 14.18
C ASN F 88 -15.51 18.40 15.42
N PRO F 89 -14.86 18.27 16.56
CA PRO F 89 -15.68 18.05 17.77
C PRO F 89 -16.29 19.38 18.19
N THR F 90 -15.78 20.49 17.65
CA THR F 90 -16.31 21.81 18.13
C THR F 90 -17.84 21.91 18.18
N PRO F 91 -18.54 21.58 17.11
CA PRO F 91 -19.99 21.71 17.23
C PRO F 91 -20.55 20.77 18.26
N LYS F 92 -19.94 19.59 18.39
CA LYS F 92 -20.46 18.63 19.39
C LYS F 92 -20.30 19.23 20.79
N LEU F 93 -19.19 19.94 21.01
CA LEU F 93 -18.94 20.50 22.37
C LEU F 93 -19.91 21.66 22.52
N LEU F 94 -20.12 22.42 21.48
CA LEU F 94 -21.08 23.50 21.58
C LEU F 94 -22.47 22.91 21.87
N ARG F 95 -22.79 21.78 21.26
CA ARG F 95 -24.09 21.08 21.53
C ARG F 95 -24.13 20.60 22.97
N LEU F 96 -22.99 20.28 23.57
CA LEU F 96 -22.95 20.01 24.99
C LEU F 96 -23.01 21.25 25.84
N GLY F 97 -23.13 22.43 25.21
CA GLY F 97 -23.18 23.72 25.86
C GLY F 97 -21.89 24.22 26.43
N TRP F 98 -20.76 23.68 25.96
CA TRP F 98 -19.49 24.26 26.36
C TRP F 98 -19.39 25.59 25.77
N THR F 99 -18.82 26.53 26.51
CA THR F 99 -18.54 27.81 25.94
C THR F 99 -17.37 27.75 24.99
N GLU F 100 -17.24 28.78 24.19
CA GLU F 100 -16.05 28.83 23.39
C GLU F 100 -14.84 28.92 24.25
N SER F 101 -14.89 29.60 25.41
CA SER F 101 -13.75 29.70 26.24
CA SER F 101 -13.74 29.70 26.27
C SER F 101 -13.37 28.31 26.75
N LYS F 102 -14.39 27.50 27.04
CA LYS F 102 -14.05 26.19 27.58
C LYS F 102 -13.42 25.34 26.45
N ILE F 103 -14.00 25.45 25.28
CA ILE F 103 -13.43 24.68 24.17
C ILE F 103 -12.02 25.14 23.97
N GLU F 104 -11.76 26.44 24.07
CA GLU F 104 -10.40 26.92 23.92
C GLU F 104 -9.47 26.45 25.00
N GLU F 105 -9.97 26.29 26.20
CA GLU F 105 -9.15 25.74 27.28
C GLU F 105 -8.72 24.31 26.91
N LEU F 106 -9.68 23.57 26.41
CA LEU F 106 -9.39 22.20 25.95
C LEU F 106 -8.35 22.29 24.82
N LYS F 107 -8.55 23.18 23.88
CA LYS F 107 -7.62 23.27 22.70
C LYS F 107 -6.25 23.67 23.16
N THR F 108 -6.19 24.49 24.20
CA THR F 108 -4.88 24.87 24.69
C THR F 108 -4.26 23.71 25.38
N ALA F 109 -5.04 22.92 26.07
CA ALA F 109 -4.47 21.78 26.77
C ALA F 109 -3.96 20.78 25.73
N LEU F 110 -4.73 20.56 24.66
CA LEU F 110 -4.26 19.69 23.59
C LEU F 110 -2.94 20.24 23.02
N ASP F 111 -2.89 21.57 22.84
CA ASP F 111 -1.69 22.13 22.26
C ASP F 111 -0.54 21.93 23.14
N LEU F 112 -0.75 22.06 24.43
CA LEU F 112 0.39 21.90 25.32
C LEU F 112 0.90 20.48 25.34
N LEU F 113 -0.05 19.54 25.29
CA LEU F 113 0.32 18.16 25.23
C LEU F 113 0.99 17.84 23.95
N ASN F 114 0.50 18.43 22.85
CA ASN F 114 1.11 18.20 21.55
C ASN F 114 2.44 18.86 21.39
N TYR F 115 2.71 19.88 22.22
CA TYR F 115 4.03 20.41 22.23
C TYR F 115 4.96 19.40 22.94
N GLY F 116 4.54 18.93 24.10
CA GLY F 116 5.49 18.23 24.95
C GLY F 116 5.63 16.77 24.53
N ASN F 117 4.59 16.16 24.00
CA ASN F 117 4.72 14.71 23.80
C ASN F 117 5.87 14.34 22.84
N PRO F 118 6.03 15.06 21.74
CA PRO F 118 7.13 14.69 20.87
C PRO F 118 8.45 14.87 21.55
N LYS F 119 8.57 15.86 22.46
CA LYS F 119 9.81 16.00 23.16
C LYS F 119 9.97 14.82 24.12
N TYR F 120 8.86 14.39 24.70
CA TYR F 120 8.99 13.19 25.47
C TYR F 120 9.32 11.93 24.67
N LEU F 121 8.97 11.92 23.35
CA LEU F 121 9.39 10.74 22.59
C LEU F 121 10.89 10.88 22.43
N ILE F 122 11.40 12.12 22.25
CA ILE F 122 12.85 12.21 22.18
C ILE F 122 13.44 11.72 23.47
N LEU F 123 12.86 12.18 24.58
CA LEU F 123 13.39 11.81 25.89
C LEU F 123 13.41 10.27 26.10
N ILE F 124 12.27 9.66 25.79
CA ILE F 124 12.17 8.28 26.10
C ILE F 124 13.06 7.47 25.12
N THR F 125 13.16 7.91 23.88
CA THR F 125 14.01 7.25 22.96
C THR F 125 15.45 7.30 23.45
N ALA F 126 15.86 8.51 23.89
CA ALA F 126 17.22 8.68 24.30
C ALA F 126 17.37 7.73 25.48
N PHE F 127 16.42 7.72 26.41
CA PHE F 127 16.64 6.88 27.59
C PHE F 127 16.68 5.42 27.19
N ASN F 128 15.73 4.99 26.37
CA ASN F 128 15.74 3.60 26.03
C ASN F 128 16.96 3.15 25.22
N GLU F 129 17.34 3.94 24.23
CA GLU F 129 18.41 3.55 23.37
C GLU F 129 19.68 3.58 24.19
N ALA F 130 19.80 4.59 25.06
CA ALA F 130 21.06 4.61 25.78
C ALA F 130 21.13 3.43 26.77
N TRP F 131 20.00 3.02 27.32
CA TRP F 131 19.97 1.95 28.23
C TRP F 131 20.60 0.70 27.60
N HIS F 132 20.40 0.54 26.28
CA HIS F 132 20.96 -0.59 25.56
C HIS F 132 22.23 -0.32 24.89
N GLU F 133 22.87 0.80 25.21
CA GLU F 133 24.16 1.15 24.63
C GLU F 133 24.08 1.47 23.19
N ARG F 134 22.87 1.75 22.70
CA ARG F 134 22.71 2.17 21.32
C ARG F 134 22.91 3.66 21.21
N ASP F 135 22.95 4.17 19.99
CA ASP F 135 23.53 5.53 19.75
C ASP F 135 22.55 6.57 20.22
N THR F 136 22.94 7.30 21.24
CA THR F 136 22.17 8.47 21.60
C THR F 136 23.06 9.69 21.76
N GLY F 137 24.17 9.70 21.05
CA GLY F 137 24.93 10.95 20.94
C GLY F 137 26.38 10.61 21.15
N GLY F 138 27.20 11.56 20.71
CA GLY F 138 28.61 11.42 21.00
C GLY F 138 29.32 10.66 19.95
N ARG F 139 28.62 10.00 19.05
CA ARG F 139 29.33 9.18 18.12
C ARG F 139 29.50 9.87 16.78
N ALA F 140 28.64 10.86 16.50
CA ALA F 140 28.67 11.64 15.26
C ALA F 140 30.05 12.33 15.14
N PRO F 141 30.66 12.33 13.94
CA PRO F 141 32.00 12.97 13.85
C PRO F 141 31.90 14.48 14.17
N GLN F 142 30.95 15.11 13.49
CA GLN F 142 30.68 16.53 13.65
C GLN F 142 29.73 16.78 14.86
N LYS F 143 30.22 17.55 15.82
CA LYS F 143 29.36 18.14 16.87
C LYS F 143 28.33 19.13 16.33
N LEU F 144 27.32 19.47 17.15
CA LEU F 144 26.29 20.38 16.67
C LEU F 144 26.91 21.73 16.35
N ARG F 145 26.53 22.37 15.23
CA ARG F 145 27.15 23.65 14.85
C ARG F 145 26.07 24.69 14.66
N GLY F 146 26.47 25.96 14.42
CA GLY F 146 25.45 26.95 14.12
C GLY F 146 24.62 27.01 15.40
N ARG F 147 23.33 27.30 15.23
CA ARG F 147 22.50 27.39 16.35
C ARG F 147 21.83 26.04 16.74
N ASP F 148 22.29 24.95 16.14
CA ASP F 148 21.75 23.65 16.59
C ASP F 148 22.05 23.38 18.03
N ALA F 149 23.20 23.91 18.51
CA ALA F 149 23.67 23.61 19.82
C ALA F 149 23.07 24.56 20.83
N GLU F 150 22.37 25.54 20.35
CA GLU F 150 21.89 26.54 21.33
C GLU F 150 20.78 26.03 22.19
N ARG F 151 20.69 26.63 23.35
CA ARG F 151 19.65 26.22 24.33
C ARG F 151 18.43 26.93 23.98
N ILE F 152 17.33 26.16 24.07
CA ILE F 152 16.02 26.78 23.98
C ILE F 152 15.80 27.40 25.36
N PRO F 153 14.74 28.20 25.44
CA PRO F 153 14.45 28.88 26.71
C PRO F 153 14.20 27.87 27.79
N TYR F 154 14.49 28.29 29.01
CA TYR F 154 14.18 27.47 30.17
C TYR F 154 12.90 27.94 30.80
N GLY F 155 12.08 26.98 31.22
CA GLY F 155 10.83 27.29 31.91
C GLY F 155 9.66 27.13 31.01
N LEU F 156 8.48 27.15 31.62
CA LEU F 156 7.29 27.03 30.83
C LEU F 156 7.12 28.30 30.00
N PRO F 157 6.51 28.19 28.84
CA PRO F 157 6.24 29.35 28.05
C PRO F 157 5.32 30.26 28.77
N ASN F 158 5.28 31.54 28.36
CA ASN F 158 4.47 32.45 29.19
C ASN F 158 3.04 32.04 29.09
N SER F 159 2.35 32.20 30.19
CA SER F 159 0.91 31.98 30.33
C SER F 159 0.70 30.47 30.52
N VAL F 160 1.80 29.68 30.55
CA VAL F 160 1.53 28.25 30.76
C VAL F 160 1.79 27.91 32.23
N GLU F 161 0.85 27.23 32.84
CA GLU F 161 1.00 26.75 34.17
CA GLU F 161 1.07 26.75 34.16
C GLU F 161 1.08 25.25 34.13
N LYS F 162 1.54 24.67 35.18
CA LYS F 162 1.62 23.21 35.20
C LYS F 162 0.26 22.64 35.18
N PHE F 163 0.11 21.53 34.51
CA PHE F 163 -1.14 20.84 34.58
C PHE F 163 -1.34 20.23 35.92
N ASN F 164 -2.62 20.05 36.26
CA ASN F 164 -2.90 19.28 37.51
C ASN F 164 -3.56 18.04 37.03
N LEU F 165 -2.91 16.93 37.21
CA LEU F 165 -3.42 15.65 36.69
C LEU F 165 -4.54 15.20 37.61
N LEU F 166 -5.67 14.79 37.07
CA LEU F 166 -6.73 14.39 37.98
C LEU F 166 -6.34 13.14 38.74
N ASP F 167 -6.90 13.02 39.93
CA ASP F 167 -6.70 11.87 40.78
C ASP F 167 -7.69 10.79 40.35
N ILE F 168 -7.21 9.70 39.79
CA ILE F 168 -8.09 8.73 39.18
C ILE F 168 -9.06 8.11 40.22
N GLU F 169 -8.54 7.90 41.41
CA GLU F 169 -9.33 7.28 42.46
C GLU F 169 -10.43 8.20 42.84
N LYS F 170 -10.23 9.49 42.72
CA LYS F 170 -11.27 10.41 43.06
C LYS F 170 -12.26 10.67 41.93
N ALA F 171 -11.92 10.19 40.73
CA ALA F 171 -12.63 10.61 39.52
C ALA F 171 -13.96 9.89 39.46
N SER F 172 -14.87 10.43 38.70
CA SER F 172 -16.15 9.81 38.52
C SER F 172 -16.01 8.56 37.76
N ASP F 173 -17.03 7.76 37.84
CA ASP F 173 -16.99 6.48 37.11
C ASP F 173 -16.85 6.81 35.63
N ARG F 174 -17.49 7.90 35.22
CA ARG F 174 -17.47 8.24 33.79
C ARG F 174 -16.06 8.54 33.35
N THR F 175 -15.36 9.31 34.12
CA THR F 175 -13.95 9.65 33.81
C THR F 175 -13.11 8.42 33.86
N GLN F 176 -13.27 7.64 34.95
CA GLN F 176 -12.47 6.43 35.00
C GLN F 176 -12.75 5.53 33.78
N THR F 177 -13.98 5.52 33.38
CA THR F 177 -14.38 4.58 32.30
C THR F 177 -13.77 5.03 31.02
N VAL F 178 -13.90 6.32 30.71
CA VAL F 178 -13.31 6.75 29.44
C VAL F 178 -11.80 6.66 29.49
N LEU F 179 -11.18 6.93 30.62
CA LEU F 179 -9.70 6.77 30.65
C LEU F 179 -9.37 5.26 30.46
N ARG F 180 -10.14 4.39 31.09
CA ARG F 180 -9.95 2.99 30.89
C ARG F 180 -10.18 2.56 29.43
N ASP F 181 -11.18 3.13 28.80
CA ASP F 181 -11.51 2.71 27.46
C ASP F 181 -10.38 3.18 26.57
N ILE F 182 -9.94 4.44 26.79
CA ILE F 182 -8.87 4.95 25.97
C ILE F 182 -7.61 4.13 26.21
N ARG F 183 -7.29 3.81 27.45
CA ARG F 183 -6.19 2.99 27.72
C ARG F 183 -6.24 1.66 26.94
N ASP F 184 -7.35 0.99 27.05
CA ASP F 184 -7.51 -0.33 26.52
C ASP F 184 -7.61 -0.27 25.01
N ALA F 185 -8.12 0.82 24.48
CA ALA F 185 -8.30 0.85 23.00
C ALA F 185 -6.95 0.73 22.37
N PHE F 186 -5.90 1.16 23.12
CA PHE F 186 -4.60 1.07 22.51
C PHE F 186 -3.68 0.06 23.19
N LEU F 187 -4.29 -0.78 24.00
CA LEU F 187 -3.57 -1.82 24.68
C LEU F 187 -2.52 -1.21 25.53
N HIS F 188 -2.87 -0.06 26.20
CA HIS F 188 -1.89 0.52 27.07
C HIS F 188 -2.04 0.07 28.48
N HIS F 189 -1.13 0.54 29.33
CA HIS F 189 -1.15 0.06 30.73
C HIS F 189 -1.82 1.05 31.63
N GLY F 190 -2.03 2.27 31.18
CA GLY F 190 -2.57 3.26 32.06
C GLY F 190 -2.96 4.44 31.22
N PRO F 191 -3.74 5.35 31.78
CA PRO F 191 -4.08 6.56 31.07
C PRO F 191 -2.88 7.46 31.00
N ALA F 192 -2.59 7.99 29.83
CA ALA F 192 -1.46 8.91 29.71
C ALA F 192 -1.77 10.11 30.59
N SER F 193 -0.72 10.85 30.95
CA SER F 193 -0.97 12.09 31.70
C SER F 193 -1.96 12.88 30.96
N ASP F 194 -1.91 12.84 29.64
CA ASP F 194 -2.77 13.63 28.82
C ASP F 194 -4.23 13.41 29.17
N TYR F 195 -4.60 12.16 29.46
CA TYR F 195 -5.97 11.89 29.80
C TYR F 195 -6.28 12.22 31.25
N ARG F 196 -5.27 12.29 32.12
CA ARG F 196 -5.52 12.77 33.48
C ARG F 196 -5.61 14.27 33.40
N VAL F 197 -5.19 14.88 32.29
CA VAL F 197 -5.51 16.25 32.06
C VAL F 197 -6.87 16.40 31.45
N LEU F 198 -7.09 15.73 30.32
CA LEU F 198 -8.27 15.93 29.56
C LEU F 198 -9.48 15.28 30.19
N GLY F 199 -9.24 14.41 31.15
CA GLY F 199 -10.26 13.55 31.72
C GLY F 199 -11.14 14.37 32.67
N VAL F 200 -10.77 15.62 32.87
CA VAL F 200 -11.78 16.50 33.53
C VAL F 200 -12.96 16.79 32.62
N TRP F 201 -12.80 16.46 31.32
CA TRP F 201 -13.86 16.70 30.35
C TRP F 201 -14.15 15.36 29.77
N PRO F 202 -14.79 14.49 30.53
CA PRO F 202 -14.96 13.15 29.99
C PRO F 202 -15.98 13.15 28.86
N ASP F 203 -16.87 14.13 28.83
CA ASP F 203 -17.76 14.35 27.75
C ASP F 203 -17.02 14.54 26.44
N TYR F 204 -15.96 15.33 26.49
CA TYR F 204 -15.14 15.50 25.30
C TYR F 204 -14.38 14.22 25.08
N LEU F 205 -13.80 13.58 26.10
CA LEU F 205 -12.96 12.42 25.82
C LEU F 205 -13.79 11.33 25.17
N GLU F 206 -15.04 11.19 25.57
CA GLU F 206 -15.87 10.21 24.90
C GLU F 206 -16.05 10.50 23.45
N ILE F 207 -16.21 11.79 23.09
CA ILE F 207 -16.24 12.14 21.68
C ILE F 207 -14.90 11.86 21.07
N ALA F 208 -13.85 12.24 21.71
CA ALA F 208 -12.49 12.04 21.12
C ALA F 208 -12.29 10.54 20.89
N LEU F 209 -12.59 9.72 21.85
CA LEU F 209 -12.42 8.31 21.66
C LEU F 209 -13.26 7.82 20.50
N ARG F 210 -14.53 8.21 20.43
CA ARG F 210 -15.35 7.66 19.35
CA ARG F 210 -15.43 7.78 19.33
C ARG F 210 -14.95 8.26 17.98
N ASP F 211 -14.61 9.53 17.95
CA ASP F 211 -14.40 10.13 16.65
C ASP F 211 -13.01 10.07 16.19
N SER F 212 -12.08 10.01 17.12
CA SER F 212 -10.72 10.27 16.70
C SER F 212 -9.83 9.08 17.02
N LEU F 213 -10.02 8.47 18.18
CA LEU F 213 -9.05 7.48 18.61
C LEU F 213 -9.47 6.05 18.25
N ALA F 214 -10.71 5.68 18.59
CA ALA F 214 -11.09 4.29 18.40
C ALA F 214 -11.03 3.91 16.91
N PRO F 215 -11.35 4.83 16.01
CA PRO F 215 -11.26 4.40 14.63
C PRO F 215 -9.87 4.05 14.14
N VAL F 216 -8.84 4.55 14.79
CA VAL F 216 -7.55 4.22 14.33
C VAL F 216 -6.72 3.40 15.30
N ALA F 217 -7.23 3.15 16.49
CA ALA F 217 -6.43 2.43 17.51
C ALA F 217 -6.07 1.04 16.96
N LEU F 218 -4.79 0.69 17.10
CA LEU F 218 -4.27 -0.67 16.77
C LEU F 218 -4.24 -0.88 15.28
N SER F 219 -4.57 0.13 14.51
CA SER F 219 -4.59 -0.05 13.08
C SER F 219 -3.19 -0.05 12.50
N ALA F 220 -3.10 -0.55 11.26
CA ALA F 220 -1.81 -0.48 10.60
C ALA F 220 -1.37 0.99 10.44
N GLU F 221 -2.32 1.86 10.09
CA GLU F 221 -1.95 3.23 9.84
C GLU F 221 -1.45 3.90 11.14
N TYR F 222 -2.10 3.64 12.23
CA TYR F 222 -1.61 4.23 13.47
C TYR F 222 -0.24 3.65 13.81
N ASP F 223 -0.11 2.36 13.68
CA ASP F 223 1.13 1.77 14.11
C ASP F 223 2.26 2.17 13.22
N GLU F 224 1.99 2.37 11.96
CA GLU F 224 2.98 2.79 11.10
C GLU F 224 3.38 4.25 11.35
N THR F 225 2.41 5.08 11.70
CA THR F 225 2.75 6.45 12.11
C THR F 225 3.67 6.34 13.32
N ALA F 226 3.29 5.48 14.28
CA ALA F 226 4.20 5.38 15.46
C ALA F 226 5.58 4.89 15.09
N ARG F 227 5.62 3.91 14.17
CA ARG F 227 6.90 3.44 13.75
C ARG F 227 7.70 4.60 13.15
N ARG F 228 7.05 5.37 12.29
CA ARG F 228 7.72 6.50 11.65
C ARG F 228 8.27 7.46 12.72
N ILE F 229 7.46 7.85 13.68
CA ILE F 229 7.95 8.87 14.55
C ILE F 229 8.98 8.27 15.51
N ARG F 230 8.82 7.00 15.89
CA ARG F 230 9.87 6.42 16.70
C ARG F 230 11.16 6.42 15.96
N LYS F 231 11.13 6.10 14.68
CA LYS F 231 12.35 6.15 13.89
C LYS F 231 12.91 7.55 13.81
N ILE F 232 12.03 8.54 13.61
CA ILE F 232 12.58 9.87 13.59
C ILE F 232 13.29 10.15 14.88
N ALA F 233 12.65 9.80 15.99
CA ALA F 233 13.27 10.14 17.28
C ALA F 233 14.57 9.41 17.38
N ARG F 234 14.57 8.13 16.97
CA ARG F 234 15.75 7.31 17.22
C ARG F 234 16.88 7.79 16.40
N GLU F 235 16.60 8.20 15.18
CA GLU F 235 17.68 8.72 14.37
CA GLU F 235 17.66 8.73 14.36
C GLU F 235 18.12 10.04 14.94
N HIS F 236 17.17 10.81 15.40
CA HIS F 236 17.54 12.18 15.76
C HIS F 236 18.50 12.21 16.89
N VAL F 237 18.28 11.37 17.86
CA VAL F 237 19.13 11.46 19.05
C VAL F 237 20.56 11.04 18.73
N LYS F 238 20.77 10.34 17.63
CA LYS F 238 22.17 10.06 17.27
C LYS F 238 22.94 11.35 16.99
N GLY F 239 22.26 12.46 16.74
CA GLY F 239 22.98 13.68 16.46
C GLY F 239 23.37 14.41 17.69
N PHE F 240 23.01 13.91 18.88
CA PHE F 240 23.35 14.60 20.10
C PHE F 240 24.85 14.60 20.24
N ASP F 241 25.34 15.61 20.92
CA ASP F 241 26.78 15.68 21.09
C ASP F 241 27.34 14.71 22.11
N LYS F 242 26.51 14.17 23.01
CA LYS F 242 26.99 13.27 23.99
C LYS F 242 25.87 12.33 24.22
N PRO F 243 26.19 11.16 24.74
CA PRO F 243 25.13 10.18 25.06
C PRO F 243 24.03 10.81 25.94
N ALA F 244 22.80 10.39 25.71
CA ALA F 244 21.69 11.04 26.34
C ALA F 244 20.86 10.13 27.27
N GLY F 245 21.56 9.16 27.88
CA GLY F 245 20.92 8.37 28.91
C GLY F 245 22.03 7.60 29.52
N VAL F 246 21.65 6.59 30.23
CA VAL F 246 22.63 5.71 30.88
C VAL F 246 22.38 4.27 30.49
N ALA F 247 23.45 3.52 30.41
CA ALA F 247 23.35 2.11 30.01
C ALA F 247 23.13 1.31 31.22
N TRP F 248 22.23 0.32 31.13
CA TRP F 248 21.93 -0.45 32.29
C TRP F 248 23.17 -1.17 32.74
N ARG F 249 24.05 -1.50 31.82
CA ARG F 249 25.27 -2.22 32.26
C ARG F 249 26.16 -1.31 33.07
N ASP F 250 25.92 -0.02 33.04
CA ASP F 250 26.62 0.89 33.89
C ASP F 250 25.88 1.13 35.16
N MET F 251 24.70 0.53 35.30
CA MET F 251 23.89 0.80 36.45
C MET F 251 23.85 -0.34 37.43
N THR F 252 24.72 -1.30 37.32
CA THR F 252 24.49 -2.51 38.07
C THR F 252 24.92 -2.39 39.52
N GLU F 253 25.54 -1.26 39.88
CA GLU F 253 25.76 -0.94 41.32
C GLU F 253 24.63 -0.17 41.91
N LYS F 254 23.76 0.36 41.06
CA LYS F 254 22.70 1.26 41.54
C LYS F 254 21.38 0.57 41.51
N LEU F 255 21.25 -0.47 40.68
CA LEU F 255 20.01 -1.10 40.46
C LEU F 255 20.26 -2.57 40.53
N SER F 256 19.28 -3.26 41.12
CA SER F 256 19.30 -4.68 41.25
C SER F 256 18.97 -5.30 39.87
N ALA F 257 19.26 -6.59 39.73
CA ALA F 257 18.83 -7.30 38.54
C ALA F 257 17.36 -7.05 38.22
N GLU F 258 16.54 -7.17 39.24
CA GLU F 258 15.12 -7.09 39.10
C GLU F 258 14.70 -5.67 38.65
N GLN F 259 15.37 -4.66 39.20
CA GLN F 259 15.09 -3.31 38.76
C GLN F 259 15.60 -3.12 37.33
N ILE F 260 16.74 -3.69 36.98
CA ILE F 260 17.20 -3.52 35.60
C ILE F 260 16.18 -4.14 34.69
N ALA F 261 15.68 -5.29 35.06
CA ALA F 261 14.66 -5.91 34.20
C ALA F 261 13.45 -5.03 34.13
N GLY F 262 12.95 -4.53 35.24
CA GLY F 262 11.67 -3.80 35.24
C GLY F 262 11.90 -2.53 34.40
N LEU F 263 13.02 -1.82 34.60
CA LEU F 263 13.22 -0.59 33.92
C LEU F 263 13.45 -0.90 32.45
N THR F 264 14.01 -2.06 32.10
CA THR F 264 14.14 -2.33 30.71
C THR F 264 12.78 -2.40 30.04
N GLY F 265 11.91 -3.08 30.74
CA GLY F 265 10.54 -3.27 30.21
C GLY F 265 9.90 -1.91 30.14
N LEU F 266 10.03 -1.18 31.25
CA LEU F 266 9.33 0.11 31.26
C LEU F 266 9.83 1.02 30.16
N LEU F 267 11.13 1.03 29.95
CA LEU F 267 11.71 1.95 28.96
C LEU F 267 11.12 1.56 27.63
N PHE F 268 11.09 0.24 27.35
CA PHE F 268 10.58 -0.15 26.05
C PHE F 268 9.10 0.17 25.93
N MET F 269 8.36 -0.07 26.95
CA MET F 269 6.92 0.17 26.87
C MET F 269 6.64 1.63 26.72
N TYR F 270 7.33 2.46 27.49
CA TYR F 270 7.11 3.86 27.36
C TYR F 270 7.57 4.41 26.05
N ASN F 271 8.63 3.85 25.45
CA ASN F 271 9.02 4.31 24.15
C ASN F 271 7.88 4.10 23.15
N ARG F 272 7.14 3.02 23.36
CA ARG F 272 5.96 2.79 22.51
C ARG F 272 4.86 3.68 22.99
N PHE F 273 4.66 3.78 24.28
CA PHE F 273 3.51 4.47 24.79
C PHE F 273 3.57 5.97 24.39
N ILE F 274 4.74 6.58 24.55
CA ILE F 274 4.83 8.03 24.27
C ILE F 274 4.60 8.27 22.82
N ALA F 275 5.05 7.35 21.98
CA ALA F 275 4.83 7.61 20.55
C ALA F 275 3.34 7.49 20.32
N ASP F 276 2.70 6.51 20.95
CA ASP F 276 1.26 6.39 20.67
C ASP F 276 0.48 7.55 21.19
N ILE F 277 0.86 8.02 22.37
CA ILE F 277 0.14 9.15 22.91
C ILE F 277 0.44 10.42 22.15
N THR F 278 1.65 10.58 21.66
CA THR F 278 1.97 11.75 20.85
C THR F 278 1.03 11.81 19.70
N ILE F 279 0.89 10.65 19.03
CA ILE F 279 -0.03 10.61 17.88
C ILE F 279 -1.48 10.90 18.29
N ALA F 280 -1.88 10.33 19.41
CA ALA F 280 -3.28 10.38 19.79
C ALA F 280 -3.68 11.80 20.03
N ILE F 281 -2.82 12.54 20.71
CA ILE F 281 -3.31 13.87 21.11
C ILE F 281 -3.18 14.80 19.95
N ILE F 282 -2.23 14.55 19.07
CA ILE F 282 -2.14 15.36 17.84
C ILE F 282 -3.37 15.10 17.05
N ARG F 283 -3.78 13.85 17.02
CA ARG F 283 -4.98 13.53 16.24
C ARG F 283 -6.16 14.18 16.86
N LEU F 284 -6.21 14.31 18.20
CA LEU F 284 -7.35 15.04 18.83
C LEU F 284 -7.37 16.47 18.44
N LYS F 285 -6.20 17.10 18.31
CA LYS F 285 -6.21 18.49 17.89
C LYS F 285 -6.48 18.58 16.45
N GLN F 286 -6.02 17.60 15.71
CA GLN F 286 -6.29 17.64 14.26
C GLN F 286 -7.76 17.70 14.00
N ALA F 287 -8.56 16.99 14.84
CA ALA F 287 -10.03 17.04 14.63
C ALA F 287 -10.57 18.41 14.79
N PHE F 288 -9.98 19.19 15.68
CA PHE F 288 -10.46 20.53 15.86
C PHE F 288 -9.98 21.39 14.76
N SER F 289 -8.73 21.17 14.39
CA SER F 289 -8.12 22.08 13.48
CA SER F 289 -8.11 22.08 13.53
C SER F 289 -7.73 21.27 12.22
N GLY F 290 -6.58 20.83 12.11
CA GLY F 290 -6.18 20.15 10.94
C GLY F 290 -4.77 19.86 11.28
N PRO F 291 -4.09 19.22 10.37
CA PRO F 291 -2.80 18.66 10.67
C PRO F 291 -1.77 19.75 10.85
N GLU F 292 -1.86 20.85 10.10
CA GLU F 292 -0.82 21.86 10.24
C GLU F 292 -0.89 22.42 11.64
N ASP F 293 -2.07 22.81 12.07
CA ASP F 293 -2.17 23.34 13.41
C ASP F 293 -1.78 22.34 14.46
N ALA F 294 -2.26 21.12 14.31
CA ALA F 294 -2.05 20.17 15.37
C ALA F 294 -0.61 19.74 15.44
N THR F 295 0.13 19.96 14.37
CA THR F 295 1.52 19.52 14.47
C THR F 295 2.46 20.65 14.61
N ALA F 296 1.93 21.84 14.76
CA ALA F 296 2.89 22.96 14.87
C ALA F 296 3.58 22.99 16.22
N ASN F 297 4.77 23.59 16.14
CA ASN F 297 5.43 24.00 17.36
C ASN F 297 4.94 25.38 17.77
N LYS F 298 4.16 25.44 18.85
CA LYS F 298 3.46 26.71 19.15
C LYS F 298 4.16 27.39 20.25
N TYR F 299 5.29 26.81 20.73
CA TYR F 299 5.87 27.31 21.96
C TYR F 299 7.28 27.66 21.94
N THR F 300 8.08 27.02 21.14
CA THR F 300 9.52 27.17 21.22
C THR F 300 9.98 27.29 19.81
N ASN F 301 10.03 28.54 19.40
CA ASN F 301 10.37 28.87 18.01
C ASN F 301 11.38 29.93 17.94
C1 GOL G . 33.16 -12.20 -30.30
O1 GOL G . 33.96 -12.37 -31.49
C2 GOL G . 31.95 -13.14 -30.38
O2 GOL G . 32.52 -14.47 -30.14
C3 GOL G . 30.89 -12.81 -29.32
O3 GOL G . 29.98 -13.93 -29.17
C1 GOL H . -5.32 -10.31 -21.69
O1 GOL H . -5.86 -11.50 -21.28
C2 GOL H . -5.33 -9.40 -20.51
O2 GOL H . -4.94 -8.09 -20.93
C3 GOL H . -4.35 -9.85 -19.42
O3 GOL H . -4.55 -8.96 -18.32
C1 GOL I . 22.21 31.88 -25.48
O1 GOL I . 23.31 32.73 -26.00
C2 GOL I . 22.00 32.37 -24.03
O2 GOL I . 21.32 33.67 -24.08
C3 GOL I . 21.30 31.31 -23.17
O3 GOL I . 20.76 31.90 -21.94
C1 GOL J . 17.25 14.45 9.41
O1 GOL J . 16.40 15.27 10.18
C2 GOL J . 16.36 13.26 9.03
O2 GOL J . 17.22 12.43 8.30
C3 GOL J . 15.10 13.55 8.17
O3 GOL J . 14.43 12.21 8.16
C1 GOL K . -31.84 -27.68 -14.25
O1 GOL K . -30.83 -28.45 -13.60
C2 GOL K . -33.00 -28.55 -14.70
O2 GOL K . -32.56 -29.73 -15.45
C3 GOL K . -33.93 -27.71 -15.64
O3 GOL K . -35.11 -28.52 -15.87
C1 GOL L . -10.63 -17.09 13.97
O1 GOL L . -9.52 -17.86 14.29
C2 GOL L . -10.09 -15.71 13.66
O2 GOL L . -11.20 -14.78 13.59
C3 GOL L . -9.42 -15.82 12.28
O3 GOL L . -8.79 -14.57 12.01
C1 GOL M . -40.86 16.38 -6.03
O1 GOL M . -39.95 17.44 -6.28
C2 GOL M . -42.29 16.85 -6.36
O2 GOL M . -42.69 18.08 -5.64
C3 GOL M . -43.23 15.71 -5.88
O3 GOL M . -44.49 16.01 -6.48
C1 GOL N . -6.23 14.30 -18.92
O1 GOL N . -5.46 15.41 -18.62
C2 GOL N . -5.68 13.15 -18.07
O2 GOL N . -6.21 11.96 -18.61
C3 GOL N . -5.86 13.27 -16.59
O3 GOL N . -5.11 12.17 -15.97
C1 GOL O . 13.99 -26.18 35.62
O1 GOL O . 14.70 -26.78 36.76
C2 GOL O . 14.71 -26.58 34.33
O2 GOL O . 14.53 -28.03 34.27
C3 GOL O . 14.15 -25.89 33.07
O3 GOL O . 14.80 -26.43 31.91
C1 GOL P . 22.77 -8.50 1.92
O1 GOL P . 22.86 -9.37 0.79
C2 GOL P . 21.65 -7.51 1.60
O2 GOL P . 21.80 -6.50 2.61
C3 GOL P . 20.24 -8.17 1.59
O3 GOL P . 19.26 -7.10 1.33
C1 GOL Q . 6.40 18.62 39.71
O1 GOL Q . 5.41 19.37 39.02
C2 GOL Q . 6.71 19.11 41.13
O2 GOL Q . 6.92 20.55 41.18
C3 GOL Q . 7.97 18.46 41.70
O3 GOL Q . 7.81 18.78 43.13
C1 GOL R . -18.04 6.81 15.04
O1 GOL R . -18.72 7.72 14.18
C2 GOL R . -17.28 5.98 14.03
O2 GOL R . -16.97 4.74 14.65
C3 GOL R . -15.99 6.62 13.43
O3 GOL R . -15.53 5.63 12.44
#